data_6FQB
#
_entry.id   6FQB
#
_cell.length_a   288.430
_cell.length_b   288.430
_cell.length_c   115.100
_cell.angle_alpha   90.00
_cell.angle_beta   90.00
_cell.angle_gamma   120.00
#
_symmetry.space_group_name_H-M   'H 3'
#
loop_
_entity.id
_entity.type
_entity.pdbx_description
1 polymer 'Mur ligase family protein'
2 polymer 'Cobyric acid synthase'
3 non-polymer GLUTAMINE
#
loop_
_entity_poly.entity_id
_entity_poly.type
_entity_poly.pdbx_seq_one_letter_code
_entity_poly.pdbx_strand_id
1 'polypeptide(L)'
;MHHHHHHHHENLYFQGSHMNLKTTLGLLAGRSSHFVLSRLGRGSTLPGKVALQFDKDILQSLAKNYEIVVVTGTNGKTLT
TALTVGILKEVYGQVLTNPSGANMITGIATTFLTAKSSKTGKNIAVLEIDEASLSRICDYIQPSLFVITNIFRDQMDRFG
EIYTTYNMILDAIRKVPTATVLLNGDSPLFYKPTIPNPIEYFGFDLEKGPAQLAHYNTEGILCPDCQGILKYEHNTYANL
GAYICEGCGCKRPDLDYRLTKLVELTNNRSRFVIDGQEYGIQIGGLYNIYNALAAVAIARFLGADSQLIKQGFDKSRAVF
GRQETFHIGDKECTLVLIKNPVGATQAIEMIKLAPYPFSLSVLLNANYADGIDTSWIWDADFEQITDMDIPEINAGGVRH
SEIARRLRVTGYPAEKITETSNLEQVLKTIENQDCKHAYILATYTAMLEFRELLASRQIVRKEMN
;
A,B,C,D
2 'polypeptide(L)'
;MVYTSLSSKDGNYPYQLNIAHLYGNLMNTYGDNGNILMLKYVAEKLGAHVTVDIVSLHDDFDENHYDIAFFGGGQDFEQS
IIADDLPAKKESIDNYIQNDGVVLAICGGFQLLGQYYVEASGKRIEGLGVMGHYTLNQTNNRFIGDIKIHNEDFDETYYG
FENHQGRTFLSDDQKPLGQVVYGNGNNEEKVGEGVHYKNVFGSYFHGPILSRNANLAYRLVTTALKKKYGQDIQLPAYED
ILSQEIAEEYSDVKSKADFS
;
E,F,G,H
#
# COMPACT_ATOMS: atom_id res chain seq x y z
N SER A 61 13.67 -28.96 -22.45
CA SER A 61 12.61 -29.81 -21.96
C SER A 61 11.36 -29.61 -22.79
N LEU A 62 11.56 -29.38 -24.09
CA LEU A 62 10.46 -29.13 -24.99
C LEU A 62 10.82 -29.47 -26.43
N ALA A 63 9.81 -29.67 -27.26
CA ALA A 63 10.04 -29.96 -28.66
C ALA A 63 9.60 -28.78 -29.51
N LYS A 64 10.55 -28.19 -30.23
CA LYS A 64 10.26 -27.05 -31.07
C LYS A 64 10.24 -27.43 -32.52
N ASN A 65 9.88 -28.67 -32.81
CA ASN A 65 9.81 -29.14 -34.22
C ASN A 65 8.50 -28.69 -34.94
N TYR A 66 7.97 -27.50 -34.60
CA TYR A 66 6.59 -27.15 -34.90
C TYR A 66 6.41 -25.68 -35.23
N GLU A 67 5.78 -25.40 -36.39
CA GLU A 67 5.19 -24.09 -36.60
C GLU A 67 3.99 -24.04 -35.66
N ILE A 68 3.92 -23.01 -34.85
CA ILE A 68 3.00 -22.98 -33.70
C ILE A 68 2.22 -21.65 -33.62
N VAL A 69 0.90 -21.80 -33.50
CA VAL A 69 -0.08 -20.71 -33.41
C VAL A 69 -0.66 -20.71 -32.00
N VAL A 70 -0.61 -19.56 -31.30
CA VAL A 70 -1.30 -19.42 -29.98
C VAL A 70 -2.54 -18.53 -30.13
N VAL A 71 -3.60 -18.90 -29.40
CA VAL A 71 -4.91 -18.25 -29.48
C VAL A 71 -5.30 -17.84 -28.06
N THR A 72 -5.39 -16.52 -27.81
CA THR A 72 -5.79 -15.96 -26.51
C THR A 72 -6.98 -15.03 -26.72
N GLY A 73 -7.37 -14.33 -25.65
CA GLY A 73 -8.51 -13.41 -25.66
C GLY A 73 -9.43 -13.79 -24.54
N THR A 74 -10.39 -12.93 -24.24
CA THR A 74 -11.29 -13.20 -23.12
C THR A 74 -12.42 -14.15 -23.51
N ASN A 75 -13.02 -13.95 -24.69
CA ASN A 75 -14.16 -14.76 -25.12
C ASN A 75 -13.88 -15.60 -26.36
N GLY A 76 -14.40 -16.84 -26.33
CA GLY A 76 -14.47 -17.72 -27.49
C GLY A 76 -13.18 -18.35 -27.99
N LYS A 77 -12.25 -18.62 -27.08
CA LYS A 77 -10.98 -19.25 -27.47
C LYS A 77 -11.18 -20.70 -27.88
N THR A 78 -11.80 -21.51 -27.01
CA THR A 78 -11.93 -22.94 -27.28
C THR A 78 -12.54 -23.18 -28.67
N LEU A 79 -13.63 -22.49 -28.99
CA LEU A 79 -14.31 -22.63 -30.29
C LEU A 79 -13.37 -22.30 -31.43
N THR A 80 -12.82 -21.09 -31.38
CA THR A 80 -11.88 -20.64 -32.39
C THR A 80 -10.75 -21.64 -32.58
N THR A 81 -10.20 -22.12 -31.47
CA THR A 81 -9.09 -23.07 -31.53
C THR A 81 -9.57 -24.41 -32.10
N ALA A 82 -10.65 -24.94 -31.55
CA ALA A 82 -11.20 -26.23 -32.01
C ALA A 82 -11.54 -26.22 -33.49
N LEU A 83 -12.07 -25.10 -33.95
CA LEU A 83 -12.43 -24.91 -35.35
C LEU A 83 -11.20 -24.83 -36.24
N THR A 84 -10.24 -24.00 -35.82
CA THR A 84 -8.94 -23.88 -36.50
C THR A 84 -8.22 -25.22 -36.69
N VAL A 85 -8.32 -26.13 -35.71
CA VAL A 85 -7.72 -27.45 -35.82
C VAL A 85 -8.38 -28.26 -36.94
N GLY A 86 -9.70 -28.44 -36.84
CA GLY A 86 -10.47 -29.17 -37.85
C GLY A 86 -10.19 -28.71 -39.27
N ILE A 87 -10.09 -27.39 -39.45
CA ILE A 87 -9.77 -26.81 -40.74
C ILE A 87 -8.37 -27.26 -41.16
N LEU A 88 -7.38 -26.96 -40.34
CA LEU A 88 -5.99 -27.30 -40.67
C LEU A 88 -5.72 -28.80 -40.81
N LYS A 89 -6.53 -29.68 -40.19
CA LYS A 89 -6.37 -31.14 -40.37
C LYS A 89 -6.61 -31.54 -41.83
N GLU A 90 -7.51 -30.84 -42.48
CA GLU A 90 -7.79 -31.02 -43.90
C GLU A 90 -6.65 -30.50 -44.83
N VAL A 91 -5.62 -29.87 -44.27
CA VAL A 91 -4.43 -29.40 -45.01
C VAL A 91 -3.14 -30.13 -44.60
N TYR A 92 -2.90 -30.27 -43.30
CA TYR A 92 -1.67 -30.87 -42.74
C TYR A 92 -1.85 -32.26 -42.09
N GLY A 93 -3.10 -32.72 -41.95
CA GLY A 93 -3.41 -34.06 -41.42
C GLY A 93 -3.35 -34.19 -39.90
N GLN A 94 -2.14 -34.12 -39.36
CA GLN A 94 -1.89 -34.18 -37.93
C GLN A 94 -1.71 -32.74 -37.46
N VAL A 95 -2.63 -32.27 -36.60
CA VAL A 95 -2.56 -30.92 -36.01
C VAL A 95 -2.57 -31.06 -34.50
N LEU A 96 -1.54 -30.53 -33.84
CA LEU A 96 -1.36 -30.72 -32.41
C LEU A 96 -2.04 -29.63 -31.60
N THR A 97 -2.88 -30.03 -30.65
CA THR A 97 -3.63 -29.08 -29.85
C THR A 97 -3.76 -29.58 -28.40
N ASN A 98 -4.46 -28.82 -27.57
CA ASN A 98 -4.63 -29.16 -26.18
C ASN A 98 -6.09 -29.07 -25.86
N PRO A 99 -6.62 -30.07 -25.17
CA PRO A 99 -8.02 -30.20 -24.80
C PRO A 99 -8.45 -29.21 -23.75
N SER A 100 -9.72 -28.83 -23.75
CA SER A 100 -10.27 -27.89 -22.76
C SER A 100 -9.43 -26.65 -22.58
N GLY A 101 -9.22 -26.27 -21.33
CA GLY A 101 -8.38 -25.13 -21.03
C GLY A 101 -6.91 -25.55 -20.79
N ALA A 102 -5.93 -24.61 -20.76
CA ALA A 102 -4.46 -24.91 -20.50
C ALA A 102 -3.56 -23.64 -20.15
N ASN A 103 -2.70 -23.69 -19.10
CA ASN A 103 -1.77 -22.61 -18.65
C ASN A 103 -0.30 -23.12 -19.05
N MET A 104 0.59 -23.51 -18.12
CA MET A 104 2.03 -23.83 -18.41
C MET A 104 2.23 -25.33 -18.49
N ILE A 105 1.18 -26.01 -18.09
CA ILE A 105 1.19 -27.46 -17.97
C ILE A 105 0.61 -27.99 -19.26
N THR A 106 0.99 -27.30 -20.32
CA THR A 106 0.67 -27.79 -21.67
C THR A 106 1.81 -28.67 -22.29
N GLY A 107 2.97 -28.87 -21.65
CA GLY A 107 3.98 -29.77 -22.17
C GLY A 107 3.32 -31.16 -22.33
N ILE A 108 2.56 -31.64 -21.31
CA ILE A 108 1.74 -32.88 -21.42
C ILE A 108 0.99 -32.92 -22.81
N ALA A 109 0.29 -31.82 -23.20
CA ALA A 109 -0.39 -31.82 -24.53
C ALA A 109 0.72 -32.07 -25.62
N THR A 110 1.80 -31.27 -25.63
CA THR A 110 2.88 -31.50 -26.66
C THR A 110 3.63 -32.89 -26.67
N THR A 111 3.53 -33.70 -25.60
CA THR A 111 4.16 -35.05 -25.49
C THR A 111 3.23 -36.13 -24.87
N LYS A 122 8.06 -29.46 -40.86
CA LYS A 122 6.96 -30.22 -41.43
C LYS A 122 5.60 -29.67 -40.94
N ASN A 123 5.23 -30.02 -39.71
CA ASN A 123 3.84 -29.90 -39.26
C ASN A 123 3.54 -28.90 -38.12
N ILE A 124 2.24 -28.72 -37.85
CA ILE A 124 1.70 -27.51 -37.17
C ILE A 124 0.93 -27.79 -35.88
N ALA A 125 1.03 -26.85 -34.94
CA ALA A 125 0.28 -26.89 -33.68
C ALA A 125 -0.48 -25.59 -33.37
N VAL A 126 -1.68 -25.74 -32.80
CA VAL A 126 -2.51 -24.59 -32.42
C VAL A 126 -2.92 -24.73 -30.94
N LEU A 127 -2.47 -23.77 -30.13
CA LEU A 127 -2.61 -23.83 -28.66
C LEU A 127 -3.56 -22.76 -28.16
N GLU A 128 -4.51 -23.17 -27.31
CA GLU A 128 -5.30 -22.25 -26.49
C GLU A 128 -4.46 -21.88 -25.28
N ILE A 129 -4.14 -20.59 -25.13
CA ILE A 129 -3.33 -20.13 -23.99
C ILE A 129 -4.14 -19.11 -23.18
N ASP A 130 -3.93 -19.15 -21.86
CA ASP A 130 -4.53 -18.18 -20.99
C ASP A 130 -3.74 -16.86 -20.99
N GLU A 131 -4.47 -15.74 -21.10
CA GLU A 131 -3.91 -14.38 -20.99
C GLU A 131 -2.72 -14.26 -20.03
N ALA A 132 -2.95 -14.71 -18.81
CA ALA A 132 -1.96 -14.61 -17.71
C ALA A 132 -0.70 -15.39 -18.02
N SER A 133 -0.88 -16.70 -18.21
CA SER A 133 0.22 -17.65 -18.42
C SER A 133 1.12 -17.34 -19.63
N LEU A 134 0.59 -16.67 -20.63
CA LEU A 134 1.32 -16.41 -21.86
C LEU A 134 2.73 -15.96 -21.72
N SER A 135 2.96 -14.94 -20.94
CA SER A 135 4.28 -14.38 -20.75
C SER A 135 5.31 -15.40 -20.36
N ARG A 136 4.98 -16.23 -19.39
CA ARG A 136 5.87 -17.25 -18.92
C ARG A 136 6.34 -18.14 -20.05
N ILE A 137 5.37 -18.83 -20.66
CA ILE A 137 5.60 -19.72 -21.76
C ILE A 137 6.47 -19.11 -22.82
N CYS A 138 6.08 -17.95 -23.29
CA CYS A 138 6.90 -17.34 -24.35
C CYS A 138 8.40 -17.23 -24.06
N ASP A 139 8.82 -17.64 -22.85
CA ASP A 139 10.23 -17.93 -22.60
C ASP A 139 10.64 -19.22 -23.30
N TYR A 140 9.79 -20.25 -23.14
CA TYR A 140 10.06 -21.56 -23.73
C TYR A 140 9.80 -21.62 -25.24
N ILE A 141 8.52 -21.57 -25.66
CA ILE A 141 8.17 -21.66 -27.09
C ILE A 141 8.32 -20.33 -27.84
N GLN A 142 8.38 -20.43 -29.16
CA GLN A 142 8.71 -19.32 -30.04
C GLN A 142 7.65 -19.29 -31.18
N PRO A 143 6.42 -18.81 -30.88
CA PRO A 143 5.33 -18.99 -31.85
C PRO A 143 5.47 -18.16 -33.13
N SER A 144 4.82 -18.62 -34.21
CA SER A 144 4.79 -17.90 -35.51
C SER A 144 3.60 -16.94 -35.61
N LEU A 145 2.50 -17.29 -34.94
CA LEU A 145 1.28 -16.49 -34.96
C LEU A 145 0.63 -16.37 -33.57
N PHE A 146 0.39 -15.12 -33.16
CA PHE A 146 -0.45 -14.81 -32.00
C PHE A 146 -1.80 -14.33 -32.54
N VAL A 147 -2.88 -14.85 -31.97
CA VAL A 147 -4.22 -14.52 -32.40
C VAL A 147 -4.98 -14.08 -31.16
N ILE A 148 -5.53 -12.86 -31.20
CA ILE A 148 -6.41 -12.36 -30.14
C ILE A 148 -7.82 -12.23 -30.69
N THR A 149 -8.71 -13.09 -30.24
CA THR A 149 -10.13 -13.09 -30.69
C THR A 149 -10.85 -11.77 -30.36
N ASN A 150 -10.66 -11.32 -29.11
CA ASN A 150 -11.17 -10.04 -28.57
C ASN A 150 -10.89 -10.00 -27.07
N ILE A 151 -11.01 -8.81 -26.47
CA ILE A 151 -10.84 -8.64 -25.02
C ILE A 151 -11.97 -7.77 -24.46
N PHE A 152 -12.87 -8.38 -23.69
CA PHE A 152 -13.91 -7.69 -22.94
C PHE A 152 -13.72 -7.93 -21.45
N ARG A 153 -14.28 -7.04 -20.63
CA ARG A 153 -14.20 -7.16 -19.15
C ARG A 153 -15.37 -7.96 -18.58
N ASP A 154 -15.17 -8.48 -17.36
CA ASP A 154 -16.20 -9.24 -16.60
C ASP A 154 -16.30 -8.68 -15.16
N GLN A 155 -17.21 -9.27 -14.37
CA GLN A 155 -17.32 -9.00 -12.89
C GLN A 155 -16.71 -10.15 -12.09
N GLY A 160 -10.95 -0.42 -14.66
CA GLY A 160 -9.64 -0.70 -15.24
C GLY A 160 -9.17 -2.14 -15.09
N GLU A 161 -9.66 -3.02 -15.97
CA GLU A 161 -9.17 -4.40 -16.09
C GLU A 161 -8.96 -4.94 -17.53
N ILE A 162 -9.45 -4.22 -18.55
CA ILE A 162 -9.22 -4.58 -19.97
C ILE A 162 -7.78 -4.27 -20.34
N TYR A 163 -7.38 -3.02 -20.16
CA TYR A 163 -6.10 -2.49 -20.67
C TYR A 163 -4.89 -3.18 -20.03
N THR A 164 -5.05 -3.71 -18.81
CA THR A 164 -3.96 -4.45 -18.15
C THR A 164 -3.76 -5.85 -18.74
N THR A 165 -4.84 -6.60 -18.98
CA THR A 165 -4.73 -7.92 -19.64
C THR A 165 -4.37 -7.83 -21.13
N TYR A 166 -4.65 -6.70 -21.78
CA TYR A 166 -4.16 -6.46 -23.14
C TYR A 166 -2.66 -6.25 -23.09
N ASN A 167 -2.19 -5.37 -22.21
CA ASN A 167 -0.75 -5.10 -22.06
C ASN A 167 0.03 -6.29 -21.48
N MET A 168 -0.66 -7.20 -20.78
CA MET A 168 -0.06 -8.46 -20.35
C MET A 168 0.27 -9.38 -21.54
N ILE A 169 -0.71 -9.56 -22.45
CA ILE A 169 -0.51 -10.32 -23.69
C ILE A 169 0.47 -9.61 -24.62
N LEU A 170 0.43 -8.29 -24.62
CA LEU A 170 1.30 -7.51 -25.49
C LEU A 170 2.74 -7.61 -25.00
N ASP A 171 2.95 -7.74 -23.69
CA ASP A 171 4.31 -7.90 -23.15
C ASP A 171 4.91 -9.27 -23.48
N ALA A 172 4.11 -10.33 -23.42
CA ALA A 172 4.52 -11.65 -23.92
C ALA A 172 4.96 -11.61 -25.39
N ILE A 173 4.18 -10.92 -26.22
CA ILE A 173 4.44 -10.84 -27.65
C ILE A 173 5.75 -10.08 -28.00
N ARG A 174 6.21 -9.19 -27.10
CA ARG A 174 7.50 -8.50 -27.31
C ARG A 174 8.64 -9.48 -27.31
N LYS A 175 8.53 -10.51 -26.46
CA LYS A 175 9.55 -11.55 -26.34
C LYS A 175 9.82 -12.34 -27.62
N VAL A 176 8.87 -12.33 -28.56
CA VAL A 176 9.00 -13.10 -29.79
C VAL A 176 8.78 -12.15 -30.97
N PRO A 177 9.77 -11.31 -31.28
CA PRO A 177 9.58 -10.28 -32.31
C PRO A 177 9.43 -10.79 -33.76
N THR A 178 9.79 -12.05 -33.98
CA THR A 178 9.59 -12.73 -35.28
C THR A 178 8.13 -13.07 -35.61
N ALA A 179 7.27 -13.17 -34.60
CA ALA A 179 5.87 -13.58 -34.80
C ALA A 179 5.04 -12.51 -35.51
N THR A 180 3.99 -12.96 -36.19
CA THR A 180 2.94 -12.09 -36.72
C THR A 180 1.80 -12.14 -35.69
N VAL A 181 1.07 -11.02 -35.55
CA VAL A 181 -0.06 -10.93 -34.62
C VAL A 181 -1.32 -10.71 -35.46
N LEU A 182 -2.31 -11.59 -35.26
CA LEU A 182 -3.58 -11.52 -35.95
C LEU A 182 -4.64 -11.06 -34.96
N LEU A 183 -5.21 -9.88 -35.22
CA LEU A 183 -6.13 -9.25 -34.30
C LEU A 183 -7.51 -9.00 -34.93
N ASN A 184 -8.53 -8.91 -34.08
CA ASN A 184 -9.87 -8.51 -34.51
C ASN A 184 -9.87 -7.03 -34.84
N GLY A 185 -9.58 -6.70 -36.10
CA GLY A 185 -9.55 -5.31 -36.55
C GLY A 185 -10.71 -4.42 -36.11
N ASP A 186 -11.90 -5.05 -36.08
CA ASP A 186 -13.15 -4.39 -35.69
C ASP A 186 -13.18 -3.83 -34.26
N SER A 187 -12.34 -4.31 -33.36
CA SER A 187 -12.18 -3.71 -32.01
C SER A 187 -11.20 -2.52 -32.01
N PRO A 188 -11.62 -1.38 -31.44
CA PRO A 188 -10.72 -0.23 -31.23
C PRO A 188 -9.51 -0.52 -30.36
N LEU A 189 -9.63 -1.46 -29.45
CA LEU A 189 -8.55 -1.79 -28.53
C LEU A 189 -7.27 -2.18 -29.28
N PHE A 190 -7.47 -2.86 -30.43
CA PHE A 190 -6.39 -3.21 -31.35
C PHE A 190 -6.34 -2.14 -32.43
N TYR A 191 -5.39 -1.24 -32.28
CA TYR A 191 -5.26 -0.13 -33.16
C TYR A 191 -3.87 0.35 -32.89
N LYS A 192 -3.02 0.28 -33.90
CA LYS A 192 -1.62 0.59 -33.73
C LYS A 192 -1.00 0.07 -32.40
N PRO A 193 -1.00 -1.26 -32.19
CA PRO A 193 -0.38 -1.82 -30.99
C PRO A 193 1.06 -1.36 -30.85
N THR A 194 1.47 -1.01 -29.63
CA THR A 194 2.88 -0.65 -29.34
C THR A 194 3.75 -1.91 -29.26
N ILE A 195 3.92 -2.55 -30.42
CA ILE A 195 4.85 -3.67 -30.58
C ILE A 195 5.43 -3.56 -31.99
N PRO A 196 6.68 -4.04 -32.16
CA PRO A 196 7.30 -3.97 -33.48
C PRO A 196 6.73 -4.98 -34.48
N ASN A 197 6.10 -6.06 -33.99
CA ASN A 197 5.67 -7.20 -34.80
C ASN A 197 4.76 -6.74 -35.95
N PRO A 198 4.78 -7.46 -37.09
CA PRO A 198 3.87 -7.08 -38.16
C PRO A 198 2.45 -7.48 -37.76
N ILE A 199 1.50 -6.57 -37.95
CA ILE A 199 0.10 -6.80 -37.51
C ILE A 199 -0.78 -7.15 -38.71
N GLU A 200 -1.68 -8.12 -38.52
CA GLU A 200 -2.69 -8.45 -39.52
C GLU A 200 -4.05 -8.50 -38.84
N TYR A 201 -5.06 -8.01 -39.55
CA TYR A 201 -6.37 -7.77 -38.98
C TYR A 201 -7.45 -8.55 -39.73
N PHE A 202 -8.40 -9.14 -39.01
CA PHE A 202 -9.66 -9.67 -39.61
C PHE A 202 -10.86 -8.85 -39.18
N GLY A 203 -11.90 -8.81 -40.01
CA GLY A 203 -13.07 -8.00 -39.70
C GLY A 203 -14.26 -8.21 -40.60
N PHE A 204 -15.39 -7.64 -40.19
CA PHE A 204 -16.58 -7.57 -41.01
C PHE A 204 -16.41 -6.32 -41.86
N ASP A 205 -16.06 -6.53 -43.13
CA ASP A 205 -15.95 -5.41 -44.09
C ASP A 205 -17.26 -5.27 -44.82
N LEU A 206 -18.24 -4.69 -44.14
CA LEU A 206 -19.59 -4.58 -44.68
C LEU A 206 -19.80 -3.17 -45.17
N GLU A 207 -20.97 -2.94 -45.78
CA GLU A 207 -21.31 -1.64 -46.37
C GLU A 207 -21.37 -0.55 -45.32
N LYS A 208 -20.59 0.50 -45.53
CA LYS A 208 -20.51 1.64 -44.63
C LYS A 208 -21.66 2.60 -44.88
N GLY A 209 -22.43 2.89 -43.83
CA GLY A 209 -23.43 3.93 -43.86
C GLY A 209 -22.84 5.21 -43.29
N PRO A 210 -23.71 6.20 -43.01
CA PRO A 210 -23.25 7.40 -42.31
C PRO A 210 -23.01 7.07 -40.83
N ALA A 211 -22.01 7.73 -40.24
CA ALA A 211 -21.56 7.46 -38.87
C ALA A 211 -22.67 7.65 -37.86
N GLN A 212 -22.84 6.65 -36.99
CA GLN A 212 -23.84 6.67 -35.92
C GLN A 212 -23.12 6.26 -34.65
N LEU A 213 -23.55 6.85 -33.52
CA LEU A 213 -23.11 6.40 -32.21
C LEU A 213 -23.60 4.99 -31.91
N ALA A 214 -22.91 4.31 -31.00
CA ALA A 214 -23.40 3.05 -30.47
C ALA A 214 -24.40 3.33 -29.35
N HIS A 215 -25.18 2.31 -29.01
CA HIS A 215 -26.13 2.40 -27.90
C HIS A 215 -25.35 2.85 -26.64
N TYR A 216 -25.95 3.71 -25.83
CA TYR A 216 -25.23 4.39 -24.72
C TYR A 216 -24.59 3.44 -23.65
N ASN A 217 -25.18 2.26 -23.45
CA ASN A 217 -24.57 1.25 -22.57
C ASN A 217 -23.38 0.50 -23.17
N THR A 218 -23.00 0.79 -24.40
CA THR A 218 -21.82 0.18 -24.99
C THR A 218 -20.54 0.71 -24.35
N GLU A 219 -19.71 -0.21 -23.88
CA GLU A 219 -18.47 0.11 -23.21
C GLU A 219 -17.32 0.20 -24.20
N GLY A 220 -16.32 0.99 -23.83
CA GLY A 220 -15.10 1.15 -24.61
C GLY A 220 -15.22 1.88 -25.94
N ILE A 221 -15.73 3.12 -25.89
CA ILE A 221 -16.02 3.87 -27.10
C ILE A 221 -15.22 5.16 -27.27
N LEU A 222 -14.07 5.24 -26.62
CA LEU A 222 -13.21 6.42 -26.73
C LEU A 222 -12.13 6.17 -27.82
N CYS A 223 -11.85 7.14 -28.72
CA CYS A 223 -10.81 6.89 -29.75
C CYS A 223 -9.51 6.70 -28.98
N PRO A 224 -8.73 5.69 -29.39
CA PRO A 224 -7.46 5.47 -28.72
C PRO A 224 -6.39 6.56 -28.93
N ASP A 225 -6.59 7.52 -29.86
CA ASP A 225 -5.75 8.74 -29.97
C ASP A 225 -6.39 9.99 -29.30
N CYS A 226 -7.46 10.52 -29.92
CA CYS A 226 -8.19 11.75 -29.52
C CYS A 226 -8.80 11.71 -28.09
N GLN A 227 -9.01 10.53 -27.50
CA GLN A 227 -9.79 10.41 -26.23
C GLN A 227 -11.26 10.82 -26.32
N GLY A 228 -11.76 11.13 -27.53
CA GLY A 228 -13.13 11.59 -27.72
C GLY A 228 -13.97 10.38 -28.06
N ILE A 229 -15.23 10.63 -28.41
CA ILE A 229 -16.21 9.58 -28.60
C ILE A 229 -16.24 9.06 -30.04
N LEU A 230 -16.16 7.74 -30.18
CA LEU A 230 -16.15 7.07 -31.48
C LEU A 230 -17.55 6.93 -32.03
N LYS A 231 -17.64 6.92 -33.36
CA LYS A 231 -18.88 6.54 -34.05
C LYS A 231 -18.62 5.36 -34.98
N TYR A 232 -19.71 4.81 -35.52
CA TYR A 232 -19.63 3.63 -36.35
C TYR A 232 -20.25 3.80 -37.74
N GLU A 233 -19.41 3.67 -38.76
CA GLU A 233 -19.87 3.61 -40.16
C GLU A 233 -20.74 2.35 -40.34
N HIS A 234 -20.44 1.29 -39.60
CA HIS A 234 -21.39 0.19 -39.35
C HIS A 234 -20.90 -0.56 -38.10
N ASN A 235 -21.83 -1.09 -37.33
CA ASN A 235 -21.50 -1.74 -36.04
C ASN A 235 -22.12 -3.12 -36.03
N THR A 236 -21.28 -4.14 -35.78
CA THR A 236 -21.72 -5.51 -35.66
C THR A 236 -22.43 -5.65 -34.32
N TYR A 237 -21.64 -5.78 -33.27
CA TYR A 237 -22.16 -5.86 -31.92
C TYR A 237 -21.16 -5.26 -30.96
N ALA A 238 -21.61 -4.94 -29.76
CA ALA A 238 -20.79 -4.30 -28.74
C ALA A 238 -20.15 -3.09 -29.31
N ASN A 239 -18.84 -2.96 -29.16
CA ASN A 239 -18.16 -1.81 -29.68
C ASN A 239 -17.37 -2.13 -30.93
N LEU A 240 -17.77 -3.20 -31.60
CA LEU A 240 -17.12 -3.65 -32.81
C LEU A 240 -17.75 -3.23 -34.11
N GLY A 241 -16.91 -2.83 -35.05
CA GLY A 241 -17.33 -2.43 -36.38
C GLY A 241 -16.38 -1.44 -37.01
N ALA A 242 -16.86 -0.73 -38.02
CA ALA A 242 -16.08 0.26 -38.72
C ALA A 242 -16.08 1.55 -37.91
N TYR A 243 -15.21 1.60 -36.92
CA TYR A 243 -15.15 2.75 -36.03
C TYR A 243 -14.49 3.98 -36.68
N ILE A 244 -14.80 5.17 -36.15
CA ILE A 244 -14.26 6.44 -36.66
C ILE A 244 -14.40 7.59 -35.63
N CYS A 245 -13.27 8.23 -35.25
CA CYS A 245 -13.34 9.47 -34.46
C CYS A 245 -13.32 10.65 -35.42
N GLU A 246 -14.34 11.48 -35.27
CA GLU A 246 -14.54 12.64 -36.11
C GLU A 246 -13.72 13.86 -35.66
N GLY A 247 -12.76 13.67 -34.75
CA GLY A 247 -11.78 14.71 -34.37
C GLY A 247 -10.37 14.24 -34.70
N CYS A 248 -9.88 13.20 -34.02
CA CYS A 248 -8.55 12.56 -34.30
C CYS A 248 -8.46 12.17 -35.81
N GLY A 249 -9.55 11.69 -36.40
CA GLY A 249 -9.51 11.03 -37.70
C GLY A 249 -9.32 9.51 -37.63
N CYS A 250 -8.78 9.00 -36.51
CA CYS A 250 -8.61 7.56 -36.23
C CYS A 250 -9.82 6.74 -36.61
N LYS A 251 -9.59 5.66 -37.38
CA LYS A 251 -10.64 4.75 -37.84
C LYS A 251 -10.09 3.33 -38.01
N ARG A 252 -11.01 2.37 -38.11
CA ARG A 252 -10.64 0.96 -38.28
C ARG A 252 -9.69 0.81 -39.43
N PRO A 253 -8.52 0.18 -39.20
CA PRO A 253 -7.51 0.01 -40.24
C PRO A 253 -7.95 -0.96 -41.34
N ASP A 254 -7.18 -1.01 -42.42
CA ASP A 254 -7.48 -1.89 -43.54
C ASP A 254 -7.45 -3.34 -43.04
N LEU A 255 -8.44 -4.11 -43.44
CA LEU A 255 -8.55 -5.49 -43.00
C LEU A 255 -7.85 -6.45 -43.98
N ASP A 256 -7.09 -7.39 -43.42
CA ASP A 256 -6.37 -8.39 -44.21
C ASP A 256 -7.21 -9.62 -44.54
N TYR A 257 -8.11 -10.01 -43.64
CA TYR A 257 -9.04 -11.11 -43.89
C TYR A 257 -10.48 -10.62 -43.69
N ARG A 258 -11.21 -10.47 -44.78
CA ARG A 258 -12.45 -9.68 -44.79
C ARG A 258 -13.68 -10.56 -44.90
N LEU A 259 -14.62 -10.42 -43.97
CA LEU A 259 -15.97 -10.99 -44.13
C LEU A 259 -16.70 -9.93 -44.93
N THR A 260 -16.99 -10.25 -46.20
CA THR A 260 -17.48 -9.24 -47.16
C THR A 260 -19.00 -9.16 -47.22
N LYS A 261 -19.70 -10.23 -46.88
CA LYS A 261 -21.15 -10.23 -47.00
C LYS A 261 -21.82 -11.14 -45.97
N LEU A 262 -22.80 -10.58 -45.27
CA LEU A 262 -23.61 -11.36 -44.34
C LEU A 262 -24.82 -11.83 -45.13
N VAL A 263 -24.81 -13.11 -45.46
CA VAL A 263 -25.71 -13.62 -46.49
C VAL A 263 -27.07 -13.88 -45.90
N GLU A 264 -27.11 -14.77 -44.92
CA GLU A 264 -28.33 -15.06 -44.16
C GLU A 264 -28.00 -14.90 -42.68
N LEU A 265 -28.99 -14.59 -41.88
CA LEU A 265 -28.84 -14.59 -40.42
C LEU A 265 -30.22 -14.60 -39.79
N THR A 266 -30.62 -15.74 -39.24
CA THR A 266 -31.94 -15.92 -38.61
C THR A 266 -31.72 -16.21 -37.13
N ASN A 267 -32.79 -16.59 -36.44
CA ASN A 267 -32.66 -17.14 -35.08
C ASN A 267 -31.93 -18.50 -34.98
N ASN A 268 -31.77 -19.22 -36.10
CA ASN A 268 -31.20 -20.58 -36.11
C ASN A 268 -29.89 -20.77 -36.86
N ARG A 269 -29.61 -19.91 -37.85
CA ARG A 269 -28.42 -20.07 -38.68
C ARG A 269 -27.88 -18.72 -39.07
N SER A 270 -26.66 -18.74 -39.59
CA SER A 270 -26.06 -17.59 -40.24
C SER A 270 -25.20 -18.14 -41.35
N ARG A 271 -25.22 -17.48 -42.49
CA ARG A 271 -24.35 -17.80 -43.62
C ARG A 271 -23.69 -16.53 -44.07
N PHE A 272 -22.40 -16.61 -44.39
CA PHE A 272 -21.60 -15.41 -44.58
C PHE A 272 -20.41 -15.69 -45.51
N VAL A 273 -19.89 -14.64 -46.14
CA VAL A 273 -18.80 -14.78 -47.10
C VAL A 273 -17.49 -14.17 -46.56
N ILE A 274 -16.43 -14.97 -46.60
CA ILE A 274 -15.11 -14.53 -46.18
C ILE A 274 -14.10 -14.83 -47.28
N ASP A 275 -13.55 -13.76 -47.87
CA ASP A 275 -12.47 -13.87 -48.85
C ASP A 275 -12.82 -14.94 -49.87
N GLY A 276 -13.98 -14.75 -50.50
CA GLY A 276 -14.38 -15.53 -51.64
C GLY A 276 -15.31 -16.68 -51.36
N GLN A 277 -15.28 -17.21 -50.15
CA GLN A 277 -15.98 -18.47 -49.83
C GLN A 277 -17.14 -18.21 -48.91
N GLU A 278 -18.22 -18.97 -49.08
CA GLU A 278 -19.33 -18.96 -48.13
C GLU A 278 -19.13 -20.04 -47.10
N TYR A 279 -19.16 -19.67 -45.83
CA TYR A 279 -19.26 -20.61 -44.74
C TYR A 279 -20.58 -20.31 -44.05
N GLY A 280 -21.14 -21.32 -43.37
CA GLY A 280 -22.36 -21.15 -42.56
C GLY A 280 -22.33 -21.99 -41.27
N ILE A 281 -22.98 -21.49 -40.22
CA ILE A 281 -23.04 -22.20 -38.93
C ILE A 281 -24.49 -22.41 -38.57
N GLN A 282 -24.80 -23.57 -38.01
CA GLN A 282 -26.18 -23.95 -37.76
C GLN A 282 -26.66 -23.58 -36.34
N ILE A 283 -26.22 -22.43 -35.83
CA ILE A 283 -26.56 -21.99 -34.46
C ILE A 283 -27.23 -20.62 -34.44
N GLY A 284 -26.69 -19.63 -35.14
CA GLY A 284 -27.26 -18.29 -35.05
C GLY A 284 -26.84 -17.52 -33.80
N GLY A 285 -27.23 -16.25 -33.75
CA GLY A 285 -26.53 -15.30 -32.90
C GLY A 285 -25.22 -14.88 -33.58
N LEU A 286 -25.06 -13.56 -33.75
CA LEU A 286 -24.01 -12.98 -34.59
C LEU A 286 -22.61 -12.99 -33.98
N TYR A 287 -22.52 -13.01 -32.65
CA TYR A 287 -21.21 -13.09 -31.97
C TYR A 287 -20.38 -14.31 -32.44
N ASN A 288 -21.02 -15.44 -32.72
CA ASN A 288 -20.29 -16.65 -33.15
C ASN A 288 -19.57 -16.53 -34.50
N ILE A 289 -20.10 -15.71 -35.38
CA ILE A 289 -19.49 -15.51 -36.68
C ILE A 289 -18.04 -15.03 -36.50
N TYR A 290 -17.81 -14.12 -35.57
CA TYR A 290 -16.45 -13.67 -35.25
C TYR A 290 -15.51 -14.82 -34.89
N ASN A 291 -16.03 -15.90 -34.30
CA ASN A 291 -15.19 -17.07 -34.03
C ASN A 291 -14.81 -17.79 -35.31
N ALA A 292 -15.78 -18.02 -36.18
CA ALA A 292 -15.53 -18.62 -37.51
C ALA A 292 -14.55 -17.81 -38.35
N LEU A 293 -14.72 -16.49 -38.33
CA LEU A 293 -13.86 -15.56 -39.06
C LEU A 293 -12.42 -15.70 -38.65
N ALA A 294 -12.19 -15.66 -37.34
CA ALA A 294 -10.85 -15.87 -36.80
C ALA A 294 -10.24 -17.19 -37.27
N ALA A 295 -11.03 -18.26 -37.26
CA ALA A 295 -10.55 -19.58 -37.65
C ALA A 295 -10.15 -19.59 -39.12
N VAL A 296 -11.05 -19.09 -39.96
CA VAL A 296 -10.80 -18.99 -41.38
C VAL A 296 -9.60 -18.08 -41.66
N ALA A 297 -9.49 -16.99 -40.93
CA ALA A 297 -8.38 -16.04 -41.13
C ALA A 297 -7.03 -16.65 -40.83
N ILE A 298 -6.97 -17.54 -39.83
CA ILE A 298 -5.74 -18.28 -39.48
C ILE A 298 -5.35 -19.22 -40.61
N ALA A 299 -6.30 -20.01 -41.09
CA ALA A 299 -6.05 -20.92 -42.19
C ALA A 299 -5.54 -20.16 -43.41
N ARG A 300 -6.14 -19.02 -43.68
CA ARG A 300 -5.69 -18.18 -44.79
C ARG A 300 -4.26 -17.65 -44.58
N PHE A 301 -3.91 -17.26 -43.38
CA PHE A 301 -2.53 -16.86 -43.06
C PHE A 301 -1.50 -17.98 -43.33
N LEU A 302 -1.95 -19.22 -43.18
CA LEU A 302 -1.11 -20.39 -43.44
C LEU A 302 -1.27 -20.93 -44.87
N GLY A 303 -1.87 -20.14 -45.76
CA GLY A 303 -1.99 -20.48 -47.18
C GLY A 303 -2.91 -21.62 -47.54
N ALA A 304 -3.93 -21.87 -46.72
CA ALA A 304 -4.91 -22.92 -46.99
C ALA A 304 -5.82 -22.50 -48.12
N ASP A 305 -6.19 -23.42 -49.00
CA ASP A 305 -7.17 -23.16 -50.09
C ASP A 305 -8.56 -22.89 -49.48
N SER A 306 -9.24 -21.81 -49.88
CA SER A 306 -10.61 -21.54 -49.36
C SER A 306 -11.57 -22.73 -49.54
N GLN A 307 -11.25 -23.63 -50.46
CA GLN A 307 -12.05 -24.82 -50.71
C GLN A 307 -11.82 -25.87 -49.66
N LEU A 308 -10.58 -26.03 -49.22
CA LEU A 308 -10.24 -26.97 -48.12
C LEU A 308 -10.66 -26.43 -46.76
N ILE A 309 -10.62 -25.11 -46.61
CA ILE A 309 -11.10 -24.46 -45.38
C ILE A 309 -12.53 -24.91 -45.17
N LYS A 310 -13.37 -24.79 -46.20
CA LYS A 310 -14.78 -25.17 -46.08
C LYS A 310 -14.95 -26.65 -45.79
N GLN A 311 -14.19 -27.48 -46.48
CA GLN A 311 -14.28 -28.95 -46.36
C GLN A 311 -14.13 -29.36 -44.89
N GLY A 312 -13.15 -28.79 -44.22
CA GLY A 312 -12.88 -29.10 -42.84
C GLY A 312 -13.66 -28.26 -41.88
N PHE A 313 -14.13 -27.12 -42.36
CA PHE A 313 -14.92 -26.26 -41.52
C PHE A 313 -16.16 -27.06 -41.22
N ASP A 314 -16.81 -27.53 -42.26
CA ASP A 314 -18.00 -28.30 -42.11
C ASP A 314 -17.88 -29.50 -41.20
N LYS A 315 -16.80 -30.24 -41.29
CA LYS A 315 -16.68 -31.41 -40.45
C LYS A 315 -16.63 -31.05 -39.00
N SER A 316 -15.99 -29.93 -38.69
CA SER A 316 -15.81 -29.51 -37.30
C SER A 316 -16.78 -28.40 -36.77
N ARG A 317 -17.80 -28.04 -37.54
CA ARG A 317 -18.87 -27.12 -37.10
C ARG A 317 -19.77 -27.61 -35.97
N ALA A 318 -19.69 -28.88 -35.62
CA ALA A 318 -20.31 -29.41 -34.39
C ALA A 318 -19.99 -28.58 -33.17
N VAL A 319 -18.78 -28.00 -33.11
CA VAL A 319 -18.32 -27.29 -31.92
C VAL A 319 -19.15 -26.05 -31.53
N PHE A 320 -19.97 -25.53 -32.45
CA PHE A 320 -20.98 -24.53 -32.10
C PHE A 320 -22.20 -25.18 -31.45
N GLY A 321 -22.51 -26.43 -31.81
CA GLY A 321 -23.61 -27.18 -31.20
C GLY A 321 -24.97 -26.82 -31.78
N ARG A 322 -25.95 -27.68 -31.60
CA ARG A 322 -27.31 -27.48 -32.14
C ARG A 322 -28.09 -26.53 -31.19
N GLN A 323 -29.41 -26.45 -31.30
CA GLN A 323 -30.18 -25.38 -30.70
C GLN A 323 -30.85 -25.67 -29.38
N GLU A 324 -30.88 -26.93 -28.98
CA GLU A 324 -31.54 -27.33 -27.70
C GLU A 324 -32.99 -26.89 -27.63
N THR A 325 -33.79 -27.52 -28.48
CA THR A 325 -35.23 -27.35 -28.51
C THR A 325 -35.84 -28.60 -27.86
N PHE A 326 -37.01 -28.41 -27.27
CA PHE A 326 -37.73 -29.42 -26.52
C PHE A 326 -39.19 -29.40 -26.99
N HIS A 327 -39.74 -30.56 -27.34
CA HIS A 327 -41.18 -30.69 -27.56
C HIS A 327 -41.86 -30.84 -26.19
N ILE A 328 -42.65 -29.86 -25.79
CA ILE A 328 -43.45 -29.97 -24.58
C ILE A 328 -44.89 -30.27 -25.00
N GLY A 329 -45.18 -31.57 -25.14
CA GLY A 329 -46.42 -32.08 -25.70
C GLY A 329 -46.65 -31.48 -27.07
N ASP A 330 -47.48 -30.45 -27.12
CA ASP A 330 -47.87 -29.77 -28.35
C ASP A 330 -46.97 -28.58 -28.68
N LYS A 331 -46.21 -28.07 -27.71
CA LYS A 331 -45.33 -26.90 -27.92
C LYS A 331 -43.90 -27.29 -28.28
N GLU A 332 -43.22 -26.32 -28.93
CA GLU A 332 -41.81 -26.39 -29.26
C GLU A 332 -41.10 -25.28 -28.51
N CYS A 333 -40.43 -25.61 -27.42
CA CYS A 333 -39.73 -24.60 -26.62
C CYS A 333 -38.21 -24.74 -26.72
N THR A 334 -37.56 -23.61 -27.02
CA THR A 334 -36.11 -23.52 -27.16
C THR A 334 -35.49 -22.80 -25.95
N LEU A 335 -34.41 -23.37 -25.44
CA LEU A 335 -33.76 -22.95 -24.21
C LEU A 335 -32.40 -22.27 -24.49
N VAL A 336 -32.22 -21.05 -23.97
CA VAL A 336 -31.11 -20.17 -24.34
C VAL A 336 -30.43 -19.53 -23.13
N LEU A 337 -29.11 -19.57 -23.11
CA LEU A 337 -28.33 -19.12 -21.97
C LEU A 337 -28.12 -17.60 -22.01
N ILE A 338 -28.21 -16.94 -20.86
CA ILE A 338 -27.77 -15.55 -20.70
C ILE A 338 -26.78 -15.40 -19.52
N LYS A 339 -25.63 -14.79 -19.78
CA LYS A 339 -24.61 -14.58 -18.73
C LYS A 339 -24.47 -13.13 -18.33
N ASN A 340 -24.49 -12.24 -19.31
CA ASN A 340 -24.12 -10.84 -19.07
C ASN A 340 -24.86 -9.96 -20.03
N PRO A 341 -24.84 -8.64 -19.80
CA PRO A 341 -25.56 -7.73 -20.69
C PRO A 341 -25.32 -7.96 -22.20
N VAL A 342 -24.05 -8.01 -22.60
CA VAL A 342 -23.70 -8.16 -24.01
C VAL A 342 -24.20 -9.49 -24.53
N GLY A 343 -24.01 -10.56 -23.76
CA GLY A 343 -24.57 -11.87 -24.09
C GLY A 343 -26.09 -11.90 -24.16
N ALA A 344 -26.74 -11.23 -23.23
CA ALA A 344 -28.20 -11.22 -23.16
C ALA A 344 -28.74 -10.49 -24.36
N THR A 345 -28.24 -9.26 -24.57
CA THR A 345 -28.63 -8.46 -25.74
C THR A 345 -28.47 -9.27 -27.03
N GLN A 346 -27.35 -9.98 -27.13
CA GLN A 346 -27.08 -10.83 -28.28
C GLN A 346 -28.18 -11.89 -28.50
N ALA A 347 -28.61 -12.53 -27.42
CA ALA A 347 -29.74 -13.47 -27.44
C ALA A 347 -31.05 -12.79 -27.80
N ILE A 348 -31.28 -11.61 -27.25
CA ILE A 348 -32.47 -10.85 -27.57
C ILE A 348 -32.49 -10.55 -29.07
N GLU A 349 -31.40 -10.03 -29.61
CA GLU A 349 -31.36 -9.68 -31.04
C GLU A 349 -31.47 -10.92 -31.92
N MET A 350 -31.09 -12.10 -31.40
CA MET A 350 -31.31 -13.39 -32.07
C MET A 350 -32.80 -13.73 -32.16
N ILE A 351 -33.49 -13.82 -31.02
CA ILE A 351 -34.92 -14.19 -31.00
C ILE A 351 -35.83 -13.16 -31.66
N LYS A 352 -35.36 -11.91 -31.76
CA LYS A 352 -36.03 -10.88 -32.54
C LYS A 352 -36.27 -11.31 -33.99
N LEU A 353 -35.38 -12.16 -34.52
CA LEU A 353 -35.42 -12.58 -35.90
C LEU A 353 -36.29 -13.81 -36.16
N ALA A 354 -36.82 -14.45 -35.12
CA ALA A 354 -37.70 -15.58 -35.35
C ALA A 354 -38.90 -15.16 -36.22
N PRO A 355 -39.32 -16.01 -37.16
CA PRO A 355 -40.39 -15.65 -38.08
C PRO A 355 -41.81 -15.92 -37.55
N TYR A 356 -41.94 -16.32 -36.28
CA TYR A 356 -43.22 -16.70 -35.68
C TYR A 356 -43.44 -15.95 -34.37
N PRO A 357 -44.67 -15.99 -33.84
CA PRO A 357 -44.87 -15.55 -32.45
C PRO A 357 -44.38 -16.59 -31.44
N PHE A 358 -43.93 -16.12 -30.27
CA PHE A 358 -43.50 -17.01 -29.20
C PHE A 358 -43.76 -16.42 -27.81
N SER A 359 -43.80 -17.30 -26.82
CA SER A 359 -43.85 -16.92 -25.42
C SER A 359 -42.42 -16.81 -24.90
N LEU A 360 -42.10 -15.68 -24.29
CA LEU A 360 -40.79 -15.42 -23.69
C LEU A 360 -40.83 -15.68 -22.19
N SER A 361 -40.04 -16.63 -21.71
CA SER A 361 -39.86 -16.83 -20.28
C SER A 361 -38.40 -16.48 -19.94
N VAL A 362 -38.21 -15.71 -18.86
CA VAL A 362 -36.89 -15.29 -18.42
C VAL A 362 -36.68 -15.79 -17.00
N LEU A 363 -35.68 -16.65 -16.81
CA LEU A 363 -35.40 -17.27 -15.52
C LEU A 363 -34.13 -16.68 -14.95
N LEU A 364 -34.27 -15.89 -13.89
CA LEU A 364 -33.13 -15.21 -13.25
C LEU A 364 -32.81 -15.82 -11.90
N ASN A 365 -31.62 -16.41 -11.76
CA ASN A 365 -31.04 -16.81 -10.48
C ASN A 365 -29.82 -15.95 -10.23
N ALA A 366 -29.39 -15.93 -8.97
CA ALA A 366 -28.24 -15.14 -8.53
C ALA A 366 -27.39 -16.01 -7.63
N ASN A 367 -26.13 -16.18 -8.00
CA ASN A 367 -25.18 -17.04 -7.28
C ASN A 367 -23.80 -16.88 -7.92
N TYR A 368 -22.83 -17.74 -7.58
CA TYR A 368 -21.49 -17.63 -8.15
C TYR A 368 -21.51 -17.70 -9.67
N ALA A 369 -22.13 -18.76 -10.17
CA ALA A 369 -22.14 -19.06 -11.60
C ALA A 369 -22.91 -18.03 -12.39
N ASP A 370 -24.05 -17.57 -11.87
CA ASP A 370 -24.94 -16.67 -12.60
C ASP A 370 -24.69 -15.17 -12.41
N GLY A 371 -23.65 -14.81 -11.65
CA GLY A 371 -23.40 -13.41 -11.29
C GLY A 371 -24.15 -13.03 -10.01
N ILE A 372 -23.38 -12.71 -8.98
CA ILE A 372 -23.91 -12.47 -7.64
C ILE A 372 -24.84 -11.26 -7.49
N ASP A 373 -24.80 -10.34 -8.46
CA ASP A 373 -25.60 -9.13 -8.47
C ASP A 373 -26.50 -9.13 -9.68
N THR A 374 -27.82 -9.10 -9.48
CA THR A 374 -28.77 -9.08 -10.61
C THR A 374 -28.82 -7.75 -11.38
N SER A 375 -28.16 -6.70 -10.90
CA SER A 375 -28.18 -5.39 -11.56
C SER A 375 -27.80 -5.43 -13.03
N TRP A 376 -26.97 -6.39 -13.43
CA TRP A 376 -26.61 -6.57 -14.83
C TRP A 376 -27.75 -6.65 -15.84
N ILE A 377 -28.92 -7.18 -15.44
CA ILE A 377 -30.07 -7.21 -16.36
C ILE A 377 -30.54 -5.84 -16.78
N TRP A 378 -30.30 -4.83 -15.96
CA TRP A 378 -30.64 -3.44 -16.31
C TRP A 378 -29.83 -2.83 -17.45
N ASP A 379 -28.67 -3.41 -17.77
CA ASP A 379 -27.88 -3.01 -18.93
C ASP A 379 -28.19 -3.86 -20.17
N ALA A 380 -28.75 -5.05 -20.00
CA ALA A 380 -29.24 -5.86 -21.14
C ALA A 380 -30.39 -5.16 -21.80
N ASP A 381 -30.42 -5.13 -23.14
CA ASP A 381 -31.41 -4.36 -23.91
C ASP A 381 -32.70 -5.16 -24.12
N PHE A 382 -33.40 -5.40 -23.01
CA PHE A 382 -34.71 -6.06 -23.01
C PHE A 382 -35.78 -5.20 -23.65
N GLU A 383 -35.58 -3.88 -23.67
CA GLU A 383 -36.54 -2.92 -24.29
C GLU A 383 -36.95 -3.31 -25.72
N GLN A 384 -36.14 -4.13 -26.40
CA GLN A 384 -36.47 -4.63 -27.74
C GLN A 384 -37.61 -5.63 -27.83
N ILE A 385 -38.06 -6.19 -26.71
CA ILE A 385 -39.18 -7.14 -26.73
C ILE A 385 -40.49 -6.50 -27.14
N THR A 386 -40.65 -5.19 -26.91
CA THR A 386 -41.89 -4.50 -27.26
C THR A 386 -42.15 -4.50 -28.77
N ASP A 387 -41.08 -4.53 -29.55
CA ASP A 387 -41.17 -4.63 -31.01
C ASP A 387 -41.30 -6.07 -31.54
N MET A 388 -41.32 -7.06 -30.64
CA MET A 388 -41.46 -8.46 -31.05
C MET A 388 -42.91 -8.89 -30.98
N ASP A 389 -43.16 -10.08 -31.53
CA ASP A 389 -44.48 -10.70 -31.54
C ASP A 389 -44.51 -11.71 -30.36
N ILE A 390 -44.69 -11.17 -29.15
CA ILE A 390 -44.74 -11.95 -27.92
C ILE A 390 -46.09 -11.74 -27.21
N PRO A 391 -46.93 -12.80 -27.15
CA PRO A 391 -48.18 -12.73 -26.35
C PRO A 391 -48.02 -12.89 -24.84
N GLU A 392 -47.40 -13.98 -24.40
CA GLU A 392 -47.21 -14.25 -22.98
C GLU A 392 -45.77 -13.95 -22.60
N ILE A 393 -45.56 -13.49 -21.37
CA ILE A 393 -44.26 -13.54 -20.73
C ILE A 393 -44.38 -14.21 -19.36
N ASN A 394 -43.36 -14.98 -18.99
CA ASN A 394 -43.22 -15.53 -17.64
C ASN A 394 -41.97 -14.97 -17.02
N ALA A 395 -42.06 -14.58 -15.75
CA ALA A 395 -40.92 -14.07 -15.03
C ALA A 395 -40.59 -15.02 -13.90
N GLY A 396 -39.68 -15.96 -14.15
CA GLY A 396 -39.36 -17.03 -13.19
C GLY A 396 -37.97 -16.96 -12.61
N GLY A 397 -37.59 -18.05 -11.92
CA GLY A 397 -36.27 -18.17 -11.25
C GLY A 397 -36.30 -17.60 -9.85
N VAL A 398 -35.26 -17.89 -9.07
CA VAL A 398 -35.14 -17.43 -7.66
C VAL A 398 -35.45 -15.93 -7.54
N ARG A 399 -34.85 -15.11 -8.41
CA ARG A 399 -35.07 -13.66 -8.40
C ARG A 399 -36.19 -13.25 -9.37
N HIS A 400 -37.21 -14.09 -9.49
CA HIS A 400 -38.47 -13.77 -10.19
C HIS A 400 -39.00 -12.36 -9.95
N SER A 401 -38.85 -11.84 -8.75
CA SER A 401 -39.42 -10.53 -8.44
C SER A 401 -38.70 -9.38 -9.16
N GLU A 402 -37.37 -9.45 -9.23
CA GLU A 402 -36.57 -8.40 -9.86
C GLU A 402 -36.74 -8.42 -11.40
N ILE A 403 -36.64 -9.60 -12.02
CA ILE A 403 -36.82 -9.75 -13.47
C ILE A 403 -38.22 -9.33 -13.97
N ALA A 404 -39.27 -9.64 -13.23
CA ALA A 404 -40.61 -9.14 -13.58
C ALA A 404 -40.65 -7.60 -13.64
N ARG A 405 -39.97 -6.95 -12.70
CA ARG A 405 -39.90 -5.47 -12.70
C ARG A 405 -39.16 -4.98 -13.92
N ARG A 406 -38.04 -5.63 -14.24
CA ARG A 406 -37.26 -5.29 -15.42
C ARG A 406 -38.14 -5.38 -16.65
N LEU A 407 -38.84 -6.50 -16.77
CA LEU A 407 -39.67 -6.76 -17.95
C LEU A 407 -40.78 -5.73 -18.08
N ARG A 408 -41.43 -5.38 -16.96
CA ARG A 408 -42.42 -4.29 -16.97
C ARG A 408 -41.90 -2.98 -17.53
N VAL A 409 -40.70 -2.61 -17.11
CA VAL A 409 -40.15 -1.28 -17.41
C VAL A 409 -39.81 -1.09 -18.90
N THR A 410 -39.85 -2.18 -19.67
CA THR A 410 -39.83 -2.10 -21.13
C THR A 410 -41.03 -1.36 -21.74
N GLY A 411 -42.15 -1.36 -21.02
CA GLY A 411 -43.42 -0.90 -21.57
C GLY A 411 -44.24 -2.06 -22.12
N TYR A 412 -43.80 -3.28 -21.87
CA TYR A 412 -44.57 -4.46 -22.27
C TYR A 412 -45.78 -4.49 -21.36
N PRO A 413 -46.96 -4.88 -21.92
CA PRO A 413 -48.22 -4.94 -21.15
C PRO A 413 -48.06 -5.65 -19.82
N ALA A 414 -48.17 -4.89 -18.72
CA ALA A 414 -47.90 -5.41 -17.37
C ALA A 414 -48.79 -6.61 -17.05
N GLU A 415 -50.08 -6.50 -17.43
CA GLU A 415 -51.09 -7.56 -17.32
C GLU A 415 -50.67 -8.96 -17.86
N LYS A 416 -49.81 -8.98 -18.89
CA LYS A 416 -49.38 -10.20 -19.59
C LYS A 416 -48.06 -10.80 -19.09
N ILE A 417 -47.42 -10.14 -18.11
CA ILE A 417 -46.24 -10.68 -17.43
C ILE A 417 -46.69 -11.42 -16.18
N THR A 418 -46.30 -12.68 -16.08
CA THR A 418 -46.82 -13.59 -15.08
C THR A 418 -45.67 -14.00 -14.17
N GLU A 419 -45.49 -13.26 -13.08
CA GLU A 419 -44.45 -13.58 -12.09
C GLU A 419 -44.71 -14.96 -11.53
N THR A 420 -43.67 -15.77 -11.38
CA THR A 420 -43.83 -17.19 -11.09
C THR A 420 -42.76 -17.75 -10.15
N SER A 421 -43.18 -17.88 -8.89
CA SER A 421 -42.43 -18.48 -7.77
C SER A 421 -41.59 -19.72 -8.13
N ASN A 422 -42.23 -20.67 -8.80
CA ASN A 422 -41.72 -22.03 -8.91
C ASN A 422 -41.47 -22.41 -10.37
N LEU A 423 -40.35 -23.09 -10.66
CA LEU A 423 -40.05 -23.51 -12.04
C LEU A 423 -41.06 -24.52 -12.61
N GLU A 424 -41.52 -25.45 -11.76
CA GLU A 424 -42.61 -26.39 -12.12
C GLU A 424 -43.84 -25.65 -12.67
N GLN A 425 -44.19 -24.50 -12.08
CA GLN A 425 -45.33 -23.70 -12.53
C GLN A 425 -45.09 -23.07 -13.90
N VAL A 426 -43.83 -22.71 -14.18
CA VAL A 426 -43.43 -22.14 -15.49
C VAL A 426 -43.55 -23.20 -16.57
N LEU A 427 -42.98 -24.37 -16.31
CA LEU A 427 -43.11 -25.52 -17.22
C LEU A 427 -44.56 -25.81 -17.58
N LYS A 428 -45.43 -25.70 -16.58
CA LYS A 428 -46.85 -25.96 -16.75
C LYS A 428 -47.56 -24.84 -17.53
N THR A 429 -47.35 -23.57 -17.17
CA THR A 429 -48.00 -22.45 -17.91
C THR A 429 -47.59 -22.43 -19.41
N ILE A 430 -46.39 -22.92 -19.73
CA ILE A 430 -45.94 -23.12 -21.12
C ILE A 430 -46.67 -24.31 -21.71
N GLU A 431 -46.64 -25.45 -21.01
CA GLU A 431 -47.39 -26.64 -21.42
C GLU A 431 -48.81 -26.23 -21.87
N ASN A 432 -49.52 -25.49 -21.02
CA ASN A 432 -50.92 -25.08 -21.25
C ASN A 432 -51.10 -23.70 -21.90
N GLN A 433 -50.10 -23.16 -22.60
CA GLN A 433 -50.26 -21.88 -23.32
C GLN A 433 -50.95 -22.15 -24.64
N ASP A 434 -51.60 -21.16 -25.23
CA ASP A 434 -52.24 -21.36 -26.55
C ASP A 434 -51.26 -21.19 -27.73
N CYS A 435 -50.26 -20.33 -27.56
CA CYS A 435 -49.22 -20.11 -28.57
C CYS A 435 -48.31 -21.34 -28.75
N LYS A 436 -47.69 -21.47 -29.90
CA LYS A 436 -47.10 -22.77 -30.33
C LYS A 436 -45.60 -22.91 -30.07
N HIS A 437 -44.85 -21.83 -30.22
CA HIS A 437 -43.42 -21.78 -29.86
C HIS A 437 -43.17 -21.01 -28.55
N ALA A 438 -42.14 -21.42 -27.79
CA ALA A 438 -41.77 -20.75 -26.52
C ALA A 438 -40.25 -20.60 -26.36
N TYR A 439 -39.74 -19.37 -26.26
CA TYR A 439 -38.33 -19.14 -25.92
C TYR A 439 -38.18 -19.01 -24.38
N ILE A 440 -37.14 -19.64 -23.85
CA ILE A 440 -36.79 -19.52 -22.44
C ILE A 440 -35.33 -19.06 -22.36
N LEU A 441 -35.14 -17.81 -21.91
CA LEU A 441 -33.81 -17.30 -21.59
C LEU A 441 -33.56 -17.51 -20.09
N ALA A 442 -32.41 -18.05 -19.74
CA ALA A 442 -32.13 -18.42 -18.36
C ALA A 442 -30.67 -18.22 -18.03
N THR A 443 -30.36 -17.91 -16.78
CA THR A 443 -28.97 -17.90 -16.30
C THR A 443 -28.46 -19.32 -16.12
N TYR A 444 -27.14 -19.50 -16.00
CA TYR A 444 -26.55 -20.86 -16.05
C TYR A 444 -27.25 -21.90 -15.17
N THR A 445 -27.38 -21.61 -13.87
CA THR A 445 -28.01 -22.52 -12.92
C THR A 445 -29.51 -22.67 -13.16
N ALA A 446 -30.19 -21.57 -13.48
CA ALA A 446 -31.63 -21.61 -13.78
C ALA A 446 -31.91 -22.58 -14.93
N MET A 447 -30.98 -22.64 -15.87
CA MET A 447 -31.05 -23.56 -17.00
C MET A 447 -30.80 -25.01 -16.61
N LEU A 448 -29.78 -25.28 -15.79
CA LEU A 448 -29.53 -26.64 -15.23
C LEU A 448 -30.73 -27.20 -14.47
N GLU A 449 -31.33 -26.37 -13.60
CA GLU A 449 -32.54 -26.70 -12.84
C GLU A 449 -33.68 -27.04 -13.79
N PHE A 450 -33.91 -26.16 -14.77
CA PHE A 450 -34.97 -26.37 -15.76
C PHE A 450 -34.68 -27.57 -16.67
N ARG A 451 -33.40 -27.82 -16.96
CA ARG A 451 -32.99 -29.02 -17.71
C ARG A 451 -33.34 -30.30 -16.98
N GLU A 452 -33.68 -30.23 -15.68
CA GLU A 452 -34.49 -31.28 -15.05
C GLU A 452 -35.98 -31.16 -15.48
N LEU A 453 -36.26 -31.62 -16.82
CA LEU A 453 -37.47 -32.12 -17.41
C LEU A 453 -37.25 -33.64 -17.30
N LEU A 454 -37.33 -34.14 -16.07
CA LEU A 454 -37.17 -35.57 -15.84
C LEU A 454 -38.46 -36.26 -16.21
N ALA A 455 -39.21 -35.64 -17.13
CA ALA A 455 -40.47 -36.21 -17.54
C ALA A 455 -40.27 -36.74 -18.93
N SER A 456 -39.84 -35.88 -19.82
CA SER A 456 -39.59 -36.29 -21.16
C SER A 456 -38.80 -35.18 -21.81
N ARG A 457 -37.72 -35.58 -22.45
CA ARG A 457 -36.85 -34.65 -23.14
C ARG A 457 -36.63 -35.05 -24.58
N MET B 1 -22.14 16.82 -29.18
CA MET B 1 -23.48 17.02 -29.69
C MET B 1 -24.46 16.26 -28.83
N VAL B 2 -25.48 16.95 -28.35
CA VAL B 2 -26.45 16.32 -27.49
C VAL B 2 -27.42 15.55 -28.35
N TYR B 3 -27.84 14.40 -27.87
CA TYR B 3 -28.79 13.61 -28.61
C TYR B 3 -29.78 12.95 -27.72
N THR B 4 -30.93 12.64 -28.28
CA THR B 4 -32.03 12.08 -27.52
C THR B 4 -31.89 10.57 -27.48
N SER B 5 -31.49 10.06 -26.31
CA SER B 5 -31.23 8.62 -26.13
C SER B 5 -32.54 7.83 -26.05
N LEU B 6 -33.57 8.43 -25.47
CA LEU B 6 -34.83 7.77 -25.24
C LEU B 6 -35.94 8.78 -25.29
N SER B 7 -37.14 8.32 -25.65
CA SER B 7 -38.34 9.12 -25.56
C SER B 7 -39.59 8.25 -25.44
N SER B 8 -40.62 8.85 -24.85
CA SER B 8 -41.88 8.17 -24.70
C SER B 8 -42.52 8.13 -26.07
N LYS B 9 -43.29 7.08 -26.33
CA LYS B 9 -44.16 7.03 -27.51
C LYS B 9 -45.15 8.20 -27.47
N ASP B 10 -45.81 8.49 -28.60
CA ASP B 10 -46.79 9.57 -28.61
C ASP B 10 -48.08 9.10 -27.93
N GLY B 11 -48.73 10.00 -27.18
CA GLY B 11 -49.86 9.66 -26.32
C GLY B 11 -50.43 10.88 -25.61
N ASN B 12 -51.38 10.65 -24.70
CA ASN B 12 -52.06 11.74 -23.98
C ASN B 12 -51.40 11.96 -22.64
N TYR B 13 -50.39 12.81 -22.63
CA TYR B 13 -49.61 13.10 -21.43
C TYR B 13 -49.87 14.55 -21.06
N PRO B 14 -50.50 14.80 -19.88
CA PRO B 14 -50.62 16.18 -19.35
C PRO B 14 -49.29 16.95 -19.31
N TYR B 15 -48.26 16.32 -18.75
CA TYR B 15 -46.97 16.93 -18.45
C TYR B 15 -45.85 16.53 -19.43
N GLN B 16 -44.68 17.13 -19.25
CA GLN B 16 -43.52 16.95 -20.12
C GLN B 16 -42.27 17.08 -19.26
N LEU B 17 -41.52 15.98 -19.10
CA LEU B 17 -40.21 16.02 -18.43
C LEU B 17 -39.06 15.85 -19.41
N ASN B 18 -38.00 16.64 -19.21
CA ASN B 18 -36.78 16.54 -20.00
C ASN B 18 -35.67 16.08 -19.08
N ILE B 19 -35.13 14.89 -19.33
CA ILE B 19 -34.09 14.32 -18.46
C ILE B 19 -32.71 14.45 -19.11
N ALA B 20 -31.76 15.03 -18.39
CA ALA B 20 -30.36 15.07 -18.83
C ALA B 20 -29.62 13.90 -18.26
N HIS B 21 -29.29 12.93 -19.11
CA HIS B 21 -28.44 11.82 -18.73
C HIS B 21 -26.98 12.26 -18.89
N LEU B 22 -26.45 12.95 -17.88
CA LEU B 22 -25.04 13.38 -17.89
C LEU B 22 -24.06 12.22 -18.13
N TYR B 23 -23.29 12.35 -19.18
CA TYR B 23 -22.31 11.36 -19.55
C TYR B 23 -22.89 9.97 -19.62
N GLY B 24 -24.09 9.76 -20.13
CA GLY B 24 -24.64 8.43 -20.23
C GLY B 24 -23.71 7.55 -21.12
N ASN B 25 -23.22 8.08 -22.25
CA ASN B 25 -22.24 7.36 -23.11
C ASN B 25 -21.13 6.60 -22.24
N LEU B 26 -20.45 7.34 -21.33
CA LEU B 26 -19.24 6.87 -20.60
C LEU B 26 -19.56 6.32 -19.18
N MET B 27 -20.47 6.97 -18.48
CA MET B 27 -20.77 6.48 -17.12
C MET B 27 -21.93 5.53 -17.21
N ASN B 28 -21.67 4.31 -17.61
CA ASN B 28 -22.75 3.35 -17.91
C ASN B 28 -22.69 2.00 -17.18
N THR B 29 -21.88 1.91 -16.15
CA THR B 29 -21.52 0.62 -15.57
C THR B 29 -22.35 0.18 -14.37
N TYR B 30 -22.28 -1.12 -14.11
CA TYR B 30 -22.80 -1.79 -12.90
C TYR B 30 -24.32 -1.71 -12.73
N GLY B 31 -24.99 -1.62 -13.89
CA GLY B 31 -26.44 -1.57 -13.96
C GLY B 31 -27.07 -0.21 -13.70
N ASP B 32 -26.26 0.78 -13.36
CA ASP B 32 -26.79 2.00 -12.78
C ASP B 32 -27.53 2.89 -13.78
N ASN B 33 -27.25 2.71 -15.07
CA ASN B 33 -28.11 3.32 -16.11
C ASN B 33 -29.53 2.75 -16.19
N GLY B 34 -29.86 1.74 -15.39
CA GLY B 34 -31.23 1.33 -15.19
C GLY B 34 -32.07 2.36 -14.47
N ASN B 35 -31.40 3.25 -13.73
CA ASN B 35 -32.07 4.38 -13.11
C ASN B 35 -32.73 5.30 -14.12
N ILE B 36 -32.14 5.44 -15.30
CA ILE B 36 -32.78 6.23 -16.37
C ILE B 36 -34.05 5.55 -16.82
N LEU B 37 -34.04 4.25 -16.87
CA LEU B 37 -35.22 3.53 -17.30
C LEU B 37 -36.31 3.52 -16.26
N MET B 38 -35.98 3.79 -15.02
CA MET B 38 -36.96 3.80 -13.96
C MET B 38 -37.60 5.15 -13.87
N LEU B 39 -36.86 6.20 -14.18
CA LEU B 39 -37.45 7.50 -14.12
C LEU B 39 -38.43 7.55 -15.26
N LYS B 40 -37.97 7.23 -16.43
CA LYS B 40 -38.84 7.23 -17.60
C LYS B 40 -40.17 6.55 -17.34
N TYR B 41 -40.10 5.35 -16.74
CA TYR B 41 -41.28 4.50 -16.47
C TYR B 41 -42.21 5.13 -15.46
N VAL B 42 -41.63 5.68 -14.39
CA VAL B 42 -42.41 6.26 -13.32
C VAL B 42 -43.04 7.56 -13.82
N ALA B 43 -42.25 8.38 -14.49
CA ALA B 43 -42.74 9.63 -15.09
C ALA B 43 -43.90 9.43 -16.05
N GLU B 44 -43.86 8.35 -16.84
CA GLU B 44 -44.97 8.04 -17.73
C GLU B 44 -46.23 7.69 -16.97
N LYS B 45 -46.09 6.97 -15.86
CA LYS B 45 -47.22 6.64 -14.99
C LYS B 45 -47.84 7.84 -14.25
N LEU B 46 -47.09 8.92 -14.08
CA LEU B 46 -47.60 10.20 -13.55
C LEU B 46 -47.93 11.21 -14.68
N GLY B 47 -48.08 10.71 -15.90
CA GLY B 47 -48.55 11.52 -17.02
C GLY B 47 -47.53 12.49 -17.56
N ALA B 48 -46.26 12.09 -17.59
CA ALA B 48 -45.21 12.88 -18.22
C ALA B 48 -44.72 12.18 -19.49
N HIS B 49 -44.50 12.97 -20.53
CA HIS B 49 -43.86 12.51 -21.75
C HIS B 49 -42.39 12.78 -21.50
N VAL B 50 -41.62 11.70 -21.38
CA VAL B 50 -40.18 11.80 -21.09
C VAL B 50 -39.35 11.88 -22.37
N THR B 51 -38.26 12.65 -22.28
CA THR B 51 -37.34 12.88 -23.36
C THR B 51 -35.97 12.94 -22.70
N VAL B 52 -35.21 11.84 -22.86
CA VAL B 52 -33.91 11.68 -22.23
C VAL B 52 -32.82 12.08 -23.23
N ASP B 53 -31.97 13.03 -22.86
CA ASP B 53 -30.93 13.54 -23.71
C ASP B 53 -29.61 13.19 -23.08
N ILE B 54 -28.72 12.61 -23.88
CA ILE B 54 -27.35 12.38 -23.46
C ILE B 54 -26.52 13.64 -23.65
N VAL B 55 -26.19 14.28 -22.53
CA VAL B 55 -25.37 15.45 -22.51
C VAL B 55 -24.03 14.94 -22.07
N SER B 56 -23.10 14.81 -22.99
CA SER B 56 -21.83 14.22 -22.65
C SER B 56 -20.58 15.04 -22.93
N LEU B 57 -19.55 14.36 -23.41
CA LEU B 57 -18.30 15.02 -23.68
C LEU B 57 -18.42 16.16 -24.61
N HIS B 58 -17.73 17.24 -24.27
CA HIS B 58 -17.73 18.47 -25.08
C HIS B 58 -19.09 19.14 -25.26
N ASP B 59 -20.15 18.61 -24.70
CA ASP B 59 -21.46 19.23 -24.88
C ASP B 59 -21.70 20.31 -23.87
N ASP B 60 -22.83 20.99 -23.99
CA ASP B 60 -23.21 22.00 -23.04
C ASP B 60 -24.45 21.56 -22.31
N PHE B 61 -24.48 21.90 -21.04
CA PHE B 61 -25.63 21.60 -20.23
C PHE B 61 -26.52 22.84 -20.25
N ASP B 62 -27.73 22.68 -20.78
CA ASP B 62 -28.74 23.75 -20.76
C ASP B 62 -29.52 23.65 -19.46
N GLU B 63 -28.99 24.31 -18.44
CA GLU B 63 -29.63 24.52 -17.12
C GLU B 63 -31.14 24.90 -17.15
N ASN B 64 -31.60 25.55 -18.22
CA ASN B 64 -33.01 25.94 -18.32
C ASN B 64 -33.91 24.93 -19.01
N HIS B 65 -33.33 23.96 -19.71
CA HIS B 65 -34.08 22.99 -20.49
C HIS B 65 -34.51 21.74 -19.71
N TYR B 66 -33.67 21.32 -18.77
CA TYR B 66 -33.84 19.99 -18.13
C TYR B 66 -34.55 20.08 -16.77
N ASP B 67 -35.30 19.03 -16.44
CA ASP B 67 -36.07 18.93 -15.19
C ASP B 67 -35.50 17.94 -14.14
N ILE B 68 -34.95 16.84 -14.64
CA ILE B 68 -34.15 15.90 -13.87
C ILE B 68 -32.80 15.75 -14.57
N ALA B 69 -31.75 15.57 -13.79
CA ALA B 69 -30.42 15.30 -14.31
C ALA B 69 -29.84 14.08 -13.58
N PHE B 70 -29.51 13.04 -14.32
CA PHE B 70 -28.93 11.83 -13.75
C PHE B 70 -27.46 11.67 -14.12
N PHE B 71 -26.65 11.27 -13.15
CA PHE B 71 -25.20 11.25 -13.29
C PHE B 71 -24.73 9.92 -12.69
N GLY B 72 -24.50 8.93 -13.55
CA GLY B 72 -24.20 7.57 -13.08
C GLY B 72 -22.75 7.34 -12.65
N GLY B 73 -22.43 6.09 -12.37
CA GLY B 73 -21.05 5.67 -12.07
C GLY B 73 -20.38 5.12 -13.32
N GLY B 74 -19.05 5.21 -13.38
CA GLY B 74 -18.26 4.61 -14.46
C GLY B 74 -16.93 3.98 -14.06
N GLN B 75 -16.20 3.49 -15.06
CA GLN B 75 -14.84 3.01 -14.87
C GLN B 75 -13.88 4.13 -14.50
N ASP B 76 -12.80 3.79 -13.82
CA ASP B 76 -11.83 4.79 -13.36
C ASP B 76 -11.31 5.68 -14.49
N PHE B 77 -10.90 5.06 -15.59
CA PHE B 77 -10.29 5.78 -16.70
C PHE B 77 -11.30 6.79 -17.27
N GLU B 78 -12.45 6.28 -17.70
CA GLU B 78 -13.56 7.07 -18.23
C GLU B 78 -13.87 8.25 -17.32
N GLN B 79 -13.93 7.99 -16.01
CA GLN B 79 -14.25 9.00 -15.01
C GLN B 79 -13.20 10.14 -14.94
N SER B 80 -11.93 9.83 -15.11
CA SER B 80 -10.88 10.88 -15.14
C SER B 80 -10.87 11.65 -16.46
N ILE B 81 -11.34 11.04 -17.54
CA ILE B 81 -11.51 11.76 -18.82
C ILE B 81 -12.61 12.80 -18.64
N ILE B 82 -13.74 12.34 -18.07
CA ILE B 82 -14.90 13.18 -17.77
C ILE B 82 -14.43 14.35 -16.88
N ALA B 83 -13.63 14.05 -15.88
CA ALA B 83 -13.15 15.07 -14.93
C ALA B 83 -12.53 16.27 -15.63
N ASP B 84 -11.78 16.03 -16.71
CA ASP B 84 -11.19 17.12 -17.51
C ASP B 84 -12.22 17.95 -18.27
N ASP B 85 -13.32 17.33 -18.68
CA ASP B 85 -14.38 18.01 -19.43
C ASP B 85 -15.21 18.95 -18.56
N LEU B 86 -15.36 18.60 -17.29
CA LEU B 86 -16.33 19.21 -16.39
C LEU B 86 -16.28 20.73 -16.18
N PRO B 87 -15.07 21.35 -16.16
CA PRO B 87 -15.09 22.80 -15.89
C PRO B 87 -15.92 23.63 -16.87
N ALA B 88 -16.07 23.16 -18.11
CA ALA B 88 -17.01 23.73 -19.08
C ALA B 88 -18.47 23.71 -18.63
N LYS B 89 -18.86 22.70 -17.86
CA LYS B 89 -20.24 22.58 -17.37
C LYS B 89 -20.46 23.12 -15.93
N LYS B 90 -19.44 23.70 -15.30
CA LYS B 90 -19.53 24.04 -13.86
C LYS B 90 -20.56 25.11 -13.60
N GLU B 91 -20.45 26.24 -14.29
CA GLU B 91 -21.39 27.35 -14.10
C GLU B 91 -22.82 26.90 -14.40
N SER B 92 -23.02 26.17 -15.48
CA SER B 92 -24.36 25.69 -15.85
C SER B 92 -24.98 24.80 -14.75
N ILE B 93 -24.23 23.78 -14.31
CA ILE B 93 -24.71 22.78 -13.36
C ILE B 93 -24.95 23.44 -12.01
N ASP B 94 -24.07 24.35 -11.61
CA ASP B 94 -24.26 25.12 -10.36
C ASP B 94 -25.57 25.89 -10.36
N ASN B 95 -25.80 26.65 -11.43
CA ASN B 95 -27.06 27.36 -11.57
C ASN B 95 -28.23 26.37 -11.48
N TYR B 96 -28.17 25.26 -12.21
CA TYR B 96 -29.22 24.22 -12.17
C TYR B 96 -29.50 23.75 -10.75
N ILE B 97 -28.42 23.46 -10.01
CA ILE B 97 -28.51 22.90 -8.64
C ILE B 97 -29.12 23.88 -7.66
N GLN B 98 -28.66 25.13 -7.75
CA GLN B 98 -29.02 26.23 -6.85
C GLN B 98 -30.43 26.77 -7.06
N ASN B 99 -30.91 26.68 -8.31
CA ASN B 99 -32.32 26.93 -8.63
C ASN B 99 -33.22 25.71 -8.33
N ASP B 100 -32.75 24.82 -7.44
CA ASP B 100 -33.51 23.69 -6.91
C ASP B 100 -33.81 22.63 -7.98
N GLY B 101 -32.93 22.51 -8.97
CA GLY B 101 -33.11 21.50 -10.02
C GLY B 101 -32.91 20.13 -9.41
N VAL B 102 -33.68 19.17 -9.87
CA VAL B 102 -33.59 17.79 -9.36
C VAL B 102 -32.38 17.08 -9.99
N VAL B 103 -31.59 16.42 -9.15
CA VAL B 103 -30.45 15.61 -9.57
C VAL B 103 -30.45 14.26 -8.87
N LEU B 104 -30.13 13.19 -9.59
CA LEU B 104 -29.78 11.92 -8.96
C LEU B 104 -28.37 11.57 -9.39
N ALA B 105 -27.42 11.62 -8.46
CA ALA B 105 -26.01 11.24 -8.73
C ALA B 105 -25.65 9.93 -8.02
N ILE B 106 -24.87 9.09 -8.69
CA ILE B 106 -24.55 7.76 -8.16
C ILE B 106 -23.06 7.46 -8.30
N CYS B 107 -22.47 6.90 -7.26
CA CYS B 107 -21.08 6.49 -7.28
C CYS B 107 -20.21 7.61 -7.88
N GLY B 108 -19.51 7.36 -8.98
CA GLY B 108 -18.63 8.37 -9.58
C GLY B 108 -19.29 9.72 -9.84
N GLY B 109 -20.57 9.67 -10.25
CA GLY B 109 -21.38 10.87 -10.45
C GLY B 109 -21.40 11.69 -9.19
N PHE B 110 -21.92 11.08 -8.13
CA PHE B 110 -21.94 11.67 -6.79
C PHE B 110 -20.59 12.29 -6.40
N GLN B 111 -19.51 11.53 -6.58
CA GLN B 111 -18.16 11.97 -6.19
C GLN B 111 -17.75 13.22 -6.91
N LEU B 112 -18.11 13.26 -8.19
CA LEU B 112 -17.69 14.29 -9.13
C LEU B 112 -18.44 15.59 -8.98
N LEU B 113 -19.69 15.56 -8.48
CA LEU B 113 -20.37 16.78 -8.09
C LEU B 113 -19.53 17.59 -7.04
N GLY B 114 -18.81 16.87 -6.17
CA GLY B 114 -18.02 17.49 -5.11
C GLY B 114 -16.70 18.15 -5.50
N GLN B 115 -15.90 18.50 -4.49
CA GLN B 115 -14.65 19.24 -4.67
C GLN B 115 -13.60 18.40 -5.35
N TYR B 116 -13.42 17.19 -4.83
CA TYR B 116 -12.54 16.21 -5.46
C TYR B 116 -12.83 14.79 -4.99
N TYR B 117 -12.08 13.88 -5.61
CA TYR B 117 -12.06 12.49 -5.20
C TYR B 117 -10.67 12.02 -5.45
N VAL B 118 -10.20 11.10 -4.61
CA VAL B 118 -8.86 10.57 -4.72
C VAL B 118 -8.91 9.11 -5.13
N GLU B 119 -8.33 8.78 -6.28
CA GLU B 119 -8.28 7.39 -6.77
C GLU B 119 -7.57 6.50 -5.78
N ALA B 120 -7.85 5.20 -5.83
CA ALA B 120 -7.20 4.20 -4.95
C ALA B 120 -5.66 4.31 -4.89
N SER B 121 -5.04 4.52 -6.06
CA SER B 121 -3.60 4.81 -6.14
C SER B 121 -3.14 6.03 -5.33
N GLY B 122 -4.02 7.01 -5.17
CA GLY B 122 -3.71 8.27 -4.50
C GLY B 122 -3.77 9.52 -5.36
N LYS B 123 -4.05 9.37 -6.66
CA LYS B 123 -4.16 10.53 -7.56
C LYS B 123 -5.38 11.39 -7.17
N ARG B 124 -5.14 12.66 -6.96
CA ARG B 124 -6.22 13.61 -6.75
C ARG B 124 -6.86 13.97 -8.08
N ILE B 125 -8.18 13.94 -8.15
CA ILE B 125 -8.92 14.34 -9.35
C ILE B 125 -9.96 15.37 -8.95
N GLU B 126 -9.91 16.54 -9.56
CA GLU B 126 -10.82 17.63 -9.23
C GLU B 126 -12.16 17.36 -9.83
N GLY B 127 -13.20 17.68 -9.07
CA GLY B 127 -14.58 17.53 -9.52
C GLY B 127 -15.13 18.90 -9.86
N LEU B 128 -16.40 18.94 -10.23
CA LEU B 128 -17.08 20.21 -10.53
C LEU B 128 -16.87 21.23 -9.44
N GLY B 129 -17.06 20.81 -8.19
CA GLY B 129 -17.03 21.72 -7.07
C GLY B 129 -18.27 22.56 -6.97
N VAL B 130 -19.34 22.06 -7.54
CA VAL B 130 -20.59 22.74 -7.34
C VAL B 130 -21.14 22.37 -5.97
N MET B 131 -20.51 21.42 -5.29
CA MET B 131 -20.94 21.00 -3.98
C MET B 131 -19.78 20.98 -3.00
N GLY B 132 -20.06 20.86 -1.72
CA GLY B 132 -19.01 20.95 -0.73
C GLY B 132 -18.25 19.76 -0.27
N HIS B 133 -18.75 18.59 -0.57
CA HIS B 133 -18.10 17.35 -0.16
C HIS B 133 -16.83 16.98 -0.91
N TYR B 134 -16.02 16.14 -0.26
CA TYR B 134 -14.86 15.51 -0.88
C TYR B 134 -14.91 14.01 -0.65
N THR B 135 -14.11 13.29 -1.43
CA THR B 135 -14.06 11.85 -1.36
C THR B 135 -12.61 11.45 -1.24
N LEU B 136 -12.29 10.64 -0.23
CA LEU B 136 -10.91 10.32 0.11
C LEU B 136 -10.55 8.90 -0.30
N ASN B 137 -9.24 8.71 -0.28
CA ASN B 137 -8.49 7.55 -0.72
C ASN B 137 -8.66 6.38 0.23
N GLN B 138 -8.78 5.16 -0.31
CA GLN B 138 -8.68 3.93 0.51
C GLN B 138 -7.85 2.91 -0.28
N THR B 139 -6.56 2.83 0.04
CA THR B 139 -5.65 1.90 -0.64
C THR B 139 -5.96 0.49 -0.22
N ASN B 140 -6.16 -0.39 -1.19
CA ASN B 140 -6.26 -1.84 -0.91
C ASN B 140 -7.40 -2.24 0.08
N ASN B 141 -8.59 -1.68 -0.10
CA ASN B 141 -9.76 -1.99 0.75
C ASN B 141 -11.03 -1.27 0.25
N ARG B 142 -12.17 -1.93 0.38
CA ARG B 142 -13.46 -1.43 -0.13
C ARG B 142 -14.55 -1.57 0.91
N PHE B 143 -15.53 -0.68 0.86
CA PHE B 143 -16.77 -0.83 1.61
C PHE B 143 -17.72 -1.65 0.75
N ILE B 144 -17.64 -2.97 0.86
CA ILE B 144 -18.54 -3.84 0.09
C ILE B 144 -19.58 -4.37 1.07
N GLY B 145 -20.84 -4.38 0.66
CA GLY B 145 -21.87 -5.08 1.42
C GLY B 145 -23.28 -4.55 1.26
N ASP B 146 -24.21 -5.23 1.92
CA ASP B 146 -25.61 -4.82 2.00
C ASP B 146 -25.71 -3.55 2.86
N ILE B 147 -26.76 -2.76 2.63
CA ILE B 147 -26.93 -1.46 3.32
C ILE B 147 -28.37 -0.97 3.34
N LYS B 148 -28.74 -0.32 4.43
CA LYS B 148 -30.09 0.21 4.62
C LYS B 148 -29.96 1.54 5.32
N ILE B 149 -30.70 2.53 4.82
CA ILE B 149 -30.66 3.86 5.39
C ILE B 149 -32.05 4.37 5.61
N HIS B 150 -32.13 5.44 6.40
CA HIS B 150 -33.38 6.09 6.72
C HIS B 150 -33.21 7.62 6.67
N ASN B 151 -34.03 8.27 5.86
CA ASN B 151 -34.06 9.74 5.75
C ASN B 151 -35.14 10.25 6.70
N GLU B 152 -34.72 10.90 7.79
CA GLU B 152 -35.68 11.35 8.81
C GLU B 152 -36.62 12.45 8.34
N ASP B 153 -36.21 13.24 7.34
CA ASP B 153 -37.05 14.31 6.80
C ASP B 153 -38.23 13.82 5.97
N PHE B 154 -38.15 12.62 5.39
CA PHE B 154 -39.26 12.06 4.61
C PHE B 154 -39.90 10.86 5.29
N ASP B 155 -39.35 10.47 6.44
CA ASP B 155 -39.61 9.18 7.07
C ASP B 155 -39.72 8.11 5.99
N GLU B 156 -38.59 7.95 5.28
CA GLU B 156 -38.44 6.97 4.19
C GLU B 156 -37.16 6.14 4.39
N THR B 157 -37.29 4.85 4.06
CA THR B 157 -36.21 3.91 4.16
C THR B 157 -35.77 3.48 2.73
N TYR B 158 -34.48 3.63 2.44
CA TYR B 158 -33.90 3.17 1.17
C TYR B 158 -32.90 2.06 1.42
N TYR B 159 -32.99 1.01 0.61
CA TYR B 159 -32.11 -0.16 0.64
C TYR B 159 -31.22 -0.24 -0.62
N GLY B 160 -30.04 -0.85 -0.47
CA GLY B 160 -29.19 -1.14 -1.61
C GLY B 160 -27.99 -2.02 -1.29
N PHE B 161 -27.14 -2.16 -2.30
CA PHE B 161 -25.83 -2.79 -2.18
C PHE B 161 -24.74 -1.77 -2.51
N GLU B 162 -23.70 -1.70 -1.70
CA GLU B 162 -22.63 -0.71 -1.85
C GLU B 162 -21.36 -1.41 -2.19
N ASN B 163 -20.50 -0.75 -2.95
CA ASN B 163 -19.20 -1.32 -3.27
C ASN B 163 -18.29 -0.21 -3.72
N HIS B 164 -17.60 0.43 -2.80
CA HIS B 164 -16.77 1.55 -3.21
C HIS B 164 -15.43 1.70 -2.43
N GLN B 165 -14.39 2.30 -3.03
CA GLN B 165 -13.06 2.48 -2.38
C GLN B 165 -13.15 3.84 -1.65
N GLY B 166 -13.53 4.89 -2.36
CA GLY B 166 -13.62 6.22 -1.80
C GLY B 166 -14.42 6.40 -0.55
N ARG B 167 -13.98 7.35 0.27
CA ARG B 167 -14.67 7.67 1.52
C ARG B 167 -15.16 9.10 1.43
N THR B 168 -16.45 9.29 1.18
CA THR B 168 -17.01 10.64 1.04
C THR B 168 -17.24 11.30 2.40
N PHE B 169 -16.89 12.59 2.48
CA PHE B 169 -17.07 13.42 3.68
C PHE B 169 -17.91 14.64 3.32
N LEU B 170 -19.13 14.70 3.83
CA LEU B 170 -20.02 15.83 3.54
C LEU B 170 -19.54 17.12 4.22
N SER B 171 -20.04 18.25 3.73
CA SER B 171 -19.73 19.57 4.31
C SER B 171 -20.83 19.96 5.31
N ASP B 172 -20.56 21.04 6.06
CA ASP B 172 -21.48 21.51 7.12
C ASP B 172 -22.87 21.82 6.63
N ASP B 173 -22.96 22.31 5.39
CA ASP B 173 -24.23 22.70 4.77
C ASP B 173 -24.98 21.55 4.06
N GLN B 174 -24.48 20.32 4.19
CA GLN B 174 -25.12 19.16 3.55
C GLN B 174 -25.70 18.20 4.58
N LYS B 175 -26.83 17.60 4.27
CA LYS B 175 -27.30 16.43 5.00
C LYS B 175 -27.03 15.20 4.13
N PRO B 176 -26.88 14.02 4.74
CA PRO B 176 -26.79 12.77 3.98
C PRO B 176 -28.12 12.37 3.39
N LEU B 177 -28.12 11.41 2.47
CA LEU B 177 -29.36 10.92 1.88
C LEU B 177 -30.18 10.20 2.97
N GLY B 178 -29.48 9.57 3.90
CA GLY B 178 -30.09 8.96 5.09
C GLY B 178 -29.06 8.66 6.15
N GLN B 179 -29.51 8.29 7.34
CA GLN B 179 -28.60 7.76 8.36
C GLN B 179 -28.50 6.27 8.12
N VAL B 180 -27.32 5.72 8.41
CA VAL B 180 -27.08 4.30 8.19
C VAL B 180 -27.84 3.51 9.27
N VAL B 181 -28.42 2.40 8.89
CA VAL B 181 -29.06 1.48 9.82
C VAL B 181 -28.16 0.23 9.95
N TYR B 182 -27.76 -0.34 8.83
CA TYR B 182 -26.61 -1.23 8.75
C TYR B 182 -25.86 -0.92 7.47
N GLY B 183 -24.59 -1.32 7.40
CA GLY B 183 -23.69 -1.06 6.24
C GLY B 183 -22.70 0.03 6.60
N ASN B 184 -21.83 0.41 5.65
CA ASN B 184 -20.85 1.48 5.89
C ASN B 184 -21.37 2.86 5.47
N GLY B 185 -21.87 2.92 4.26
CA GLY B 185 -22.24 4.17 3.63
C GLY B 185 -21.07 5.03 3.23
N ASN B 186 -21.13 6.33 3.52
CA ASN B 186 -20.21 7.31 2.93
C ASN B 186 -18.76 7.10 3.29
N ASN B 187 -18.50 6.72 4.54
CA ASN B 187 -17.12 6.64 5.02
C ASN B 187 -16.92 5.70 6.21
N GLU B 188 -15.68 5.67 6.70
CA GLU B 188 -15.33 4.82 7.83
C GLU B 188 -16.21 5.01 9.08
N GLU B 189 -16.79 6.21 9.29
CA GLU B 189 -17.59 6.45 10.49
C GLU B 189 -18.98 5.78 10.55
N LYS B 190 -19.47 5.22 9.45
CA LYS B 190 -20.72 4.46 9.45
C LYS B 190 -21.93 5.22 10.02
N VAL B 191 -21.96 6.55 9.83
CA VAL B 191 -23.05 7.41 10.30
C VAL B 191 -24.03 7.70 9.18
N GLY B 192 -23.54 8.38 8.14
CA GLY B 192 -24.37 8.91 7.07
C GLY B 192 -24.06 8.27 5.73
N GLU B 193 -25.03 8.24 4.83
CA GLU B 193 -24.84 7.76 3.47
C GLU B 193 -25.41 8.71 2.43
N GLY B 194 -24.68 8.88 1.35
CA GLY B 194 -25.09 9.74 0.26
C GLY B 194 -25.14 11.20 0.64
N VAL B 195 -26.03 11.94 -0.04
CA VAL B 195 -26.24 13.35 0.23
C VAL B 195 -27.65 13.77 -0.18
N HIS B 196 -28.08 14.88 0.39
CA HIS B 196 -29.35 15.50 0.10
C HIS B 196 -29.15 16.99 0.29
N TYR B 197 -28.91 17.71 -0.78
CA TYR B 197 -28.67 19.13 -0.73
C TYR B 197 -29.97 19.91 -0.87
N LYS B 198 -30.51 19.98 -2.06
CA LYS B 198 -31.76 20.64 -2.29
C LYS B 198 -32.09 20.05 -3.60
N ASN B 199 -32.93 19.05 -3.57
CA ASN B 199 -33.23 18.27 -4.76
C ASN B 199 -32.01 17.56 -5.44
N VAL B 200 -30.86 17.52 -4.77
CA VAL B 200 -29.77 16.67 -5.19
C VAL B 200 -29.88 15.42 -4.33
N PHE B 201 -29.70 14.28 -4.96
CA PHE B 201 -29.80 13.02 -4.29
C PHE B 201 -28.58 12.23 -4.73
N GLY B 202 -27.59 12.20 -3.84
CA GLY B 202 -26.37 11.40 -4.03
C GLY B 202 -26.45 10.10 -3.28
N SER B 203 -25.73 9.09 -3.76
CA SER B 203 -25.65 7.82 -3.09
C SER B 203 -24.60 6.98 -3.76
N TYR B 204 -24.12 5.97 -3.04
CA TYR B 204 -23.24 4.92 -3.59
C TYR B 204 -23.99 3.60 -3.85
N PHE B 205 -25.32 3.64 -3.75
CA PHE B 205 -26.17 2.46 -3.84
C PHE B 205 -26.22 1.92 -5.26
N HIS B 206 -25.85 0.64 -5.39
CA HIS B 206 -26.16 -0.12 -6.59
C HIS B 206 -27.52 -0.79 -6.42
N GLY B 207 -28.01 -1.44 -7.49
CA GLY B 207 -29.32 -2.08 -7.44
C GLY B 207 -29.97 -2.39 -8.76
N PRO B 208 -30.26 -1.37 -9.60
CA PRO B 208 -29.99 0.04 -9.35
C PRO B 208 -30.92 0.66 -8.30
N ILE B 209 -30.50 1.79 -7.71
CA ILE B 209 -31.20 2.38 -6.55
C ILE B 209 -32.71 2.61 -6.73
N LEU B 210 -33.14 2.99 -7.94
CA LEU B 210 -34.56 3.26 -8.23
C LEU B 210 -35.43 2.00 -8.47
N SER B 211 -34.82 0.90 -8.87
CA SER B 211 -35.52 -0.39 -9.01
C SER B 211 -35.86 -0.92 -7.64
N ARG B 212 -34.85 -0.93 -6.78
CA ARG B 212 -34.93 -1.45 -5.42
C ARG B 212 -35.79 -0.52 -4.55
N ASN B 213 -35.79 0.77 -4.84
CA ASN B 213 -36.53 1.76 -4.04
C ASN B 213 -37.47 2.62 -4.88
N ALA B 214 -38.62 2.05 -5.25
CA ALA B 214 -39.65 2.79 -6.00
C ALA B 214 -40.09 4.09 -5.31
N ASN B 215 -40.06 4.12 -3.98
CA ASN B 215 -40.38 5.34 -3.25
C ASN B 215 -39.46 6.52 -3.54
N LEU B 216 -38.18 6.28 -3.79
CA LEU B 216 -37.25 7.35 -4.21
C LEU B 216 -37.50 7.74 -5.67
N ALA B 217 -37.82 6.77 -6.52
CA ALA B 217 -38.17 7.05 -7.91
C ALA B 217 -39.33 8.01 -7.99
N TYR B 218 -40.37 7.71 -7.22
CA TYR B 218 -41.57 8.55 -7.11
C TYR B 218 -41.24 9.93 -6.59
N ARG B 219 -40.40 10.04 -5.58
CA ARG B 219 -40.06 11.35 -5.00
C ARG B 219 -39.33 12.24 -6.00
N LEU B 220 -38.36 11.68 -6.71
CA LEU B 220 -37.55 12.45 -7.67
C LEU B 220 -38.41 13.02 -8.80
N VAL B 221 -39.21 12.16 -9.40
CA VAL B 221 -40.02 12.53 -10.54
C VAL B 221 -41.16 13.48 -10.16
N THR B 222 -41.76 13.32 -8.98
CA THR B 222 -42.82 14.24 -8.51
C THR B 222 -42.25 15.56 -8.06
N THR B 223 -41.15 15.52 -7.31
CA THR B 223 -40.42 16.75 -6.95
C THR B 223 -40.12 17.57 -8.21
N ALA B 224 -39.73 16.90 -9.30
CA ALA B 224 -39.46 17.58 -10.57
C ALA B 224 -40.71 18.19 -11.21
N LEU B 225 -41.77 17.39 -11.30
CA LEU B 225 -43.08 17.81 -11.84
C LEU B 225 -43.71 18.97 -11.06
N LYS B 226 -43.76 18.84 -9.74
CA LYS B 226 -44.29 19.91 -8.90
C LYS B 226 -43.46 21.20 -9.01
N LYS B 227 -42.16 21.10 -9.23
CA LYS B 227 -41.37 22.31 -9.40
C LYS B 227 -41.72 23.02 -10.70
N LYS B 228 -41.96 22.25 -11.75
CA LYS B 228 -42.21 22.78 -13.10
C LYS B 228 -43.66 23.27 -13.23
N TYR B 229 -44.59 22.45 -12.76
CA TYR B 229 -46.02 22.69 -12.92
C TYR B 229 -46.74 23.19 -11.67
N GLY B 230 -45.98 23.58 -10.65
CA GLY B 230 -46.55 24.14 -9.41
C GLY B 230 -46.98 23.10 -8.39
N GLN B 231 -46.71 23.38 -7.12
CA GLN B 231 -46.89 22.44 -5.98
C GLN B 231 -48.34 21.96 -5.81
N ASP B 232 -49.30 22.76 -6.33
CA ASP B 232 -50.71 22.44 -6.18
C ASP B 232 -51.20 21.27 -6.99
N ILE B 233 -50.52 20.97 -8.10
CA ILE B 233 -50.93 19.85 -9.00
C ILE B 233 -51.22 18.55 -8.26
N GLN B 234 -52.07 17.73 -8.86
CA GLN B 234 -52.51 16.50 -8.24
C GLN B 234 -52.08 15.30 -9.05
N LEU B 235 -51.18 14.51 -8.48
CA LEU B 235 -50.53 13.41 -9.17
C LEU B 235 -51.08 12.10 -8.62
N PRO B 236 -51.12 11.03 -9.45
CA PRO B 236 -51.60 9.74 -8.95
C PRO B 236 -50.83 9.28 -7.71
N ALA B 237 -51.52 8.62 -6.78
CA ALA B 237 -50.92 8.32 -5.49
C ALA B 237 -49.80 7.28 -5.65
N TYR B 238 -48.79 7.39 -4.79
CA TYR B 238 -47.69 6.43 -4.77
C TYR B 238 -48.18 4.96 -4.80
N GLU B 239 -49.12 4.60 -3.92
CA GLU B 239 -49.60 3.21 -3.84
C GLU B 239 -50.46 2.80 -5.03
N ASP B 240 -51.11 3.76 -5.69
CA ASP B 240 -51.99 3.47 -6.82
C ASP B 240 -51.24 3.08 -8.09
N ILE B 241 -50.19 3.84 -8.44
CA ILE B 241 -49.47 3.62 -9.72
C ILE B 241 -48.32 2.60 -9.66
N LEU B 242 -47.64 2.53 -8.52
CA LEU B 242 -46.47 1.66 -8.34
C LEU B 242 -46.75 0.47 -7.42
N SER B 243 -47.98 -0.01 -7.43
CA SER B 243 -48.41 -1.07 -6.50
C SER B 243 -47.60 -2.35 -6.67
N GLN B 244 -47.26 -2.67 -7.93
CA GLN B 244 -46.52 -3.90 -8.23
C GLN B 244 -45.06 -3.86 -7.78
N GLU B 245 -44.51 -2.67 -7.53
CA GLU B 245 -43.09 -2.51 -7.21
C GLU B 245 -42.86 -2.22 -5.72
N ILE B 246 -43.81 -2.59 -4.85
CA ILE B 246 -43.75 -2.26 -3.42
C ILE B 246 -43.72 -3.51 -2.49
N ALA B 247 -42.58 -3.67 -1.79
CA ALA B 247 -42.44 -4.68 -0.72
C ALA B 247 -43.24 -4.22 0.51
N SER C 61 19.35 -17.53 -5.83
CA SER C 61 18.56 -16.36 -5.48
C SER C 61 19.47 -15.24 -4.97
N LEU C 62 19.01 -14.00 -5.10
CA LEU C 62 19.79 -12.85 -4.67
C LEU C 62 19.14 -12.05 -3.57
N ALA C 63 19.89 -11.08 -3.06
CA ALA C 63 19.46 -10.20 -1.99
C ALA C 63 18.78 -8.93 -2.49
N LYS C 64 17.50 -8.83 -2.23
CA LYS C 64 16.71 -7.71 -2.67
C LYS C 64 16.47 -6.73 -1.54
N ASN C 65 17.37 -6.70 -0.59
CA ASN C 65 17.23 -5.81 0.53
C ASN C 65 18.09 -4.60 0.32
N TYR C 66 17.93 -3.93 -0.81
CA TYR C 66 18.73 -2.77 -1.10
C TYR C 66 18.00 -1.83 -2.02
N GLU C 67 18.01 -0.55 -1.71
CA GLU C 67 17.45 0.38 -2.66
C GLU C 67 18.52 0.32 -3.72
N ILE C 68 18.12 0.12 -4.96
CA ILE C 68 19.14 -0.15 -5.96
C ILE C 68 18.93 0.70 -7.22
N VAL C 69 20.01 1.37 -7.62
CA VAL C 69 20.07 2.26 -8.79
C VAL C 69 20.96 1.62 -9.85
N VAL C 70 20.45 1.45 -11.08
CA VAL C 70 21.29 0.96 -12.21
C VAL C 70 21.59 2.10 -13.19
N VAL C 71 22.81 2.10 -13.72
CA VAL C 71 23.32 3.18 -14.58
C VAL C 71 23.82 2.53 -15.87
N THR C 72 23.15 2.82 -17.00
CA THR C 72 23.52 2.29 -18.32
C THR C 72 23.71 3.46 -19.28
N GLY C 73 23.90 3.15 -20.57
CA GLY C 73 24.14 4.16 -21.61
C GLY C 73 25.42 3.81 -22.33
N THR C 74 25.67 4.45 -23.46
CA THR C 74 26.84 4.11 -24.26
C THR C 74 28.11 4.78 -23.74
N ASN C 75 28.02 6.06 -23.36
CA ASN C 75 29.20 6.82 -22.90
C ASN C 75 29.10 7.25 -21.44
N GLY C 76 30.23 7.15 -20.73
CA GLY C 76 30.43 7.75 -19.42
C GLY C 76 29.73 7.11 -18.23
N LYS C 77 29.54 5.81 -18.27
CA LYS C 77 28.90 5.12 -17.14
C LYS C 77 29.80 5.07 -15.92
N THR C 78 31.02 4.57 -16.07
CA THR C 78 31.92 4.39 -14.93
C THR C 78 32.04 5.69 -14.11
N LEU C 79 32.28 6.81 -14.80
CA LEU C 79 32.41 8.12 -14.12
C LEU C 79 31.16 8.47 -13.36
N THR C 80 30.04 8.47 -14.07
CA THR C 80 28.76 8.78 -13.46
C THR C 80 28.50 7.89 -12.25
N THR C 81 28.79 6.61 -12.38
CA THR C 81 28.58 5.66 -11.30
C THR C 81 29.54 5.93 -10.15
N ALA C 82 30.82 6.04 -10.46
CA ALA C 82 31.86 6.29 -9.45
C ALA C 82 31.60 7.57 -8.67
N LEU C 83 31.13 8.59 -9.38
CA LEU C 83 30.81 9.88 -8.78
C LEU C 83 29.58 9.77 -7.88
N THR C 84 28.52 9.15 -8.40
CA THR C 84 27.30 8.87 -7.63
C THR C 84 27.56 8.14 -6.32
N VAL C 85 28.51 7.20 -6.30
CA VAL C 85 28.88 6.49 -5.06
C VAL C 85 29.47 7.44 -4.03
N GLY C 86 30.55 8.14 -4.41
CA GLY C 86 31.21 9.11 -3.55
C GLY C 86 30.26 10.12 -2.92
N ILE C 87 29.30 10.59 -3.73
CA ILE C 87 28.27 11.50 -3.24
C ILE C 87 27.42 10.79 -2.19
N LEU C 88 26.81 9.68 -2.56
CA LEU C 88 25.94 8.94 -1.66
C LEU C 88 26.63 8.39 -0.40
N LYS C 89 27.95 8.19 -0.41
CA LYS C 89 28.66 7.78 0.81
C LYS C 89 28.58 8.84 1.90
N GLU C 90 28.58 10.10 1.47
CA GLU C 90 28.40 11.23 2.37
C GLU C 90 26.95 11.37 2.93
N VAL C 91 26.02 10.52 2.48
CA VAL C 91 24.63 10.48 2.99
C VAL C 91 24.30 9.15 3.70
N TYR C 92 24.67 8.02 3.11
CA TYR C 92 24.35 6.68 3.62
C TYR C 92 25.55 5.89 4.20
N GLY C 93 26.77 6.40 4.02
CA GLY C 93 27.99 5.79 4.56
C GLY C 93 28.54 4.61 3.75
N GLN C 94 27.81 3.50 3.81
CA GLN C 94 28.14 2.28 3.08
C GLN C 94 27.29 2.28 1.80
N VAL C 95 27.94 2.33 0.65
CA VAL C 95 27.29 2.30 -0.67
C VAL C 95 27.87 1.13 -1.48
N LEU C 96 27.01 0.23 -1.92
CA LEU C 96 27.46 -0.97 -2.60
C LEU C 96 27.56 -0.77 -4.12
N THR C 97 28.72 -1.06 -4.68
CA THR C 97 28.95 -0.87 -6.11
C THR C 97 29.83 -1.98 -6.69
N ASN C 98 30.16 -1.83 -7.96
CA ASN C 98 30.98 -2.77 -8.69
C ASN C 98 31.85 -1.98 -9.64
N PRO C 99 33.15 -1.95 -9.38
CA PRO C 99 33.99 -1.17 -10.29
C PRO C 99 34.28 -1.93 -11.57
N GLY C 101 34.15 -2.29 -14.23
CA GLY C 101 33.23 -2.75 -15.26
C GLY C 101 32.61 -4.09 -14.91
N ALA C 102 31.31 -4.26 -15.18
CA ALA C 102 30.66 -5.52 -14.84
C ALA C 102 29.47 -5.90 -15.74
N ASN C 103 29.27 -7.20 -15.87
CA ASN C 103 28.21 -7.76 -16.69
C ASN C 103 27.22 -8.50 -15.82
N MET C 104 27.02 -9.79 -16.11
CA MET C 104 26.05 -10.60 -15.36
C MET C 104 26.64 -11.24 -14.12
N ILE C 105 27.92 -11.03 -13.91
CA ILE C 105 28.60 -11.61 -12.76
C ILE C 105 28.53 -10.79 -11.50
N THR C 106 27.82 -9.66 -11.55
CA THR C 106 27.65 -8.74 -10.43
C THR C 106 27.31 -9.52 -9.18
N GLY C 107 26.54 -10.58 -9.34
CA GLY C 107 26.34 -11.43 -8.15
C GLY C 107 27.50 -11.29 -7.15
N ILE C 108 28.74 -11.24 -7.67
CA ILE C 108 29.93 -10.88 -6.86
C ILE C 108 29.72 -9.49 -6.19
N LYS C 122 19.08 4.20 5.27
CA LYS C 122 18.81 2.91 4.66
C LYS C 122 20.09 2.36 4.03
N ASN C 123 19.97 1.31 3.23
CA ASN C 123 21.11 0.61 2.68
C ASN C 123 20.97 0.61 1.18
N ILE C 124 21.83 1.34 0.46
CA ILE C 124 21.69 1.62 -0.98
C ILE C 124 22.86 1.10 -1.84
N ALA C 125 22.53 0.69 -3.06
CA ALA C 125 23.52 0.20 -4.04
C ALA C 125 23.37 0.88 -5.42
N VAL C 126 24.50 1.12 -6.07
CA VAL C 126 24.53 1.76 -7.39
C VAL C 126 25.38 0.89 -8.33
N LEU C 127 24.74 0.33 -9.37
CA LEU C 127 25.36 -0.64 -10.26
C LEU C 127 25.56 -0.08 -11.67
N GLU C 128 26.77 -0.24 -12.20
CA GLU C 128 27.03 -0.06 -13.63
C GLU C 128 26.59 -1.31 -14.34
N ILE C 129 25.64 -1.20 -15.25
CA ILE C 129 25.16 -2.36 -16.00
C ILE C 129 25.38 -2.14 -17.50
N ASP C 130 25.70 -3.21 -18.20
CA ASP C 130 25.81 -3.16 -19.65
C ASP C 130 24.43 -3.22 -20.33
N GLU C 131 24.22 -2.34 -21.30
CA GLU C 131 23.00 -2.32 -22.15
C GLU C 131 22.41 -3.69 -22.42
N ALA C 132 23.26 -4.59 -22.93
CA ALA C 132 22.86 -5.94 -23.33
C ALA C 132 22.36 -6.76 -22.14
N SER C 133 23.23 -6.93 -21.16
CA SER C 133 22.97 -7.76 -19.98
C SER C 133 21.75 -7.34 -19.15
N LEU C 134 21.34 -6.07 -19.24
CA LEU C 134 20.28 -5.51 -18.39
C LEU C 134 18.96 -6.29 -18.36
N SER C 135 18.51 -6.75 -19.54
CA SER C 135 17.28 -7.53 -19.66
C SER C 135 17.28 -8.75 -18.73
N ARG C 136 18.41 -9.47 -18.74
CA ARG C 136 18.61 -10.67 -17.93
C ARG C 136 18.60 -10.35 -16.42
N ILE C 137 19.45 -9.40 -16.00
CA ILE C 137 19.55 -8.99 -14.59
C ILE C 137 18.19 -8.59 -14.01
N CYS C 138 17.35 -7.92 -14.80
CA CYS C 138 16.04 -7.45 -14.33
C CYS C 138 14.98 -8.54 -14.10
N ASP C 139 15.33 -9.80 -14.38
CA ASP C 139 14.57 -10.94 -13.85
C ASP C 139 14.84 -11.08 -12.36
N TYR C 140 16.11 -11.02 -12.00
CA TYR C 140 16.55 -11.21 -10.61
C TYR C 140 16.28 -9.99 -9.72
N ILE C 141 17.01 -8.89 -9.93
CA ILE C 141 16.81 -7.67 -9.11
C ILE C 141 15.64 -6.80 -9.59
N GLN C 142 15.21 -5.91 -8.72
CA GLN C 142 14.00 -5.10 -8.89
C GLN C 142 14.41 -3.63 -8.57
N PRO C 143 15.11 -2.95 -9.51
CA PRO C 143 15.67 -1.63 -9.18
C PRO C 143 14.63 -0.52 -8.96
N SER C 144 15.03 0.50 -8.19
CA SER C 144 14.18 1.69 -7.90
C SER C 144 14.39 2.81 -8.93
N LEU C 145 15.61 2.90 -9.46
CA LEU C 145 15.97 3.91 -10.45
C LEU C 145 16.84 3.33 -11.59
N PHE C 146 16.38 3.58 -12.83
CA PHE C 146 17.16 3.36 -14.04
C PHE C 146 17.65 4.72 -14.51
N VAL C 147 18.94 4.80 -14.84
CA VAL C 147 19.54 6.05 -15.29
C VAL C 147 20.22 5.76 -16.61
N ILE C 148 19.85 6.49 -17.65
CA ILE C 148 20.51 6.41 -18.96
C ILE C 148 21.25 7.74 -19.21
N THR C 149 22.57 7.69 -19.16
CA THR C 149 23.43 8.87 -19.37
C THR C 149 23.24 9.50 -20.76
N ASN C 150 23.24 8.63 -21.77
CA ASN C 150 23.00 8.97 -23.20
C ASN C 150 23.26 7.72 -24.04
N ILE C 151 22.81 7.75 -25.29
CA ILE C 151 23.06 6.65 -26.24
C ILE C 151 23.50 7.22 -27.58
N PHE C 152 24.79 7.02 -27.92
CA PHE C 152 25.34 7.35 -29.25
C PHE C 152 25.83 6.06 -29.91
N ARG C 153 25.96 6.09 -31.24
CA ARG C 153 26.34 4.89 -32.01
C ARG C 153 27.86 4.75 -32.20
N ASP C 154 28.27 3.51 -32.54
CA ASP C 154 29.67 3.08 -32.71
C ASP C 154 29.94 2.53 -34.13
N GLN C 155 30.86 1.56 -34.34
CA GLN C 155 31.13 0.94 -35.66
C GLN C 155 31.49 1.98 -36.75
N GLY C 160 18.98 0.99 -37.38
CA GLY C 160 19.20 -0.32 -36.80
C GLY C 160 20.51 -0.40 -36.04
N GLU C 161 20.84 0.67 -35.33
CA GLU C 161 22.07 0.72 -34.56
C GLU C 161 21.83 1.31 -33.18
N ILE C 162 21.13 2.44 -33.14
CA ILE C 162 20.83 3.11 -31.88
C ILE C 162 19.53 2.69 -31.22
N TYR C 163 18.46 2.62 -31.98
CA TYR C 163 17.18 2.28 -31.41
C TYR C 163 17.07 0.84 -30.93
N THR C 164 17.85 -0.05 -31.50
CA THR C 164 17.80 -1.43 -31.09
C THR C 164 18.21 -1.48 -29.64
N THR C 165 19.33 -0.85 -29.33
CA THR C 165 19.80 -0.83 -27.97
C THR C 165 18.80 -0.11 -27.12
N TYR C 166 18.48 1.10 -27.51
CA TYR C 166 17.57 1.84 -26.68
C TYR C 166 16.44 0.93 -26.31
N ASN C 167 15.82 0.35 -27.31
CA ASN C 167 14.68 -0.56 -27.10
C ASN C 167 15.06 -1.83 -26.35
N MET C 168 16.34 -2.21 -26.35
CA MET C 168 16.85 -3.29 -25.50
C MET C 168 16.79 -2.92 -24.01
N ILE C 169 17.28 -1.71 -23.67
CA ILE C 169 17.20 -1.16 -22.29
C ILE C 169 15.73 -0.89 -21.91
N LEU C 170 14.94 -0.44 -22.88
CA LEU C 170 13.55 -0.11 -22.62
C LEU C 170 12.75 -1.38 -22.37
N ASP C 171 13.13 -2.50 -22.99
CA ASP C 171 12.43 -3.77 -22.73
C ASP C 171 12.75 -4.34 -21.35
N ALA C 172 13.99 -4.22 -20.89
CA ALA C 172 14.36 -4.54 -19.51
C ALA C 172 13.52 -3.73 -18.49
N ILE C 173 13.38 -2.45 -18.75
CA ILE C 173 12.65 -1.54 -17.85
C ILE C 173 11.13 -1.86 -17.75
N ARG C 174 10.57 -2.50 -18.77
CA ARG C 174 9.15 -2.92 -18.70
C ARG C 174 8.94 -3.94 -17.61
N LYS C 175 9.94 -4.80 -17.42
CA LYS C 175 9.89 -5.84 -16.39
C LYS C 175 9.76 -5.32 -14.96
N VAL C 176 10.12 -4.07 -14.72
CA VAL C 176 10.10 -3.49 -13.40
C VAL C 176 9.29 -2.20 -13.44
N PRO C 177 7.95 -2.32 -13.52
CA PRO C 177 7.10 -1.12 -13.70
C PRO C 177 7.06 -0.15 -12.49
N THR C 178 7.51 -0.61 -11.33
CA THR C 178 7.65 0.21 -10.12
C THR C 178 8.79 1.23 -10.17
N ALA C 179 9.81 1.00 -11.00
CA ALA C 179 10.97 1.89 -11.08
C ALA C 179 10.66 3.25 -11.69
N THR C 180 11.46 4.26 -11.31
CA THR C 180 11.49 5.55 -11.97
C THR C 180 12.68 5.49 -12.94
N VAL C 181 12.56 6.18 -14.09
CA VAL C 181 13.62 6.23 -15.09
C VAL C 181 14.09 7.67 -15.19
N LEU C 182 15.41 7.86 -15.03
CA LEU C 182 16.05 9.17 -15.09
C LEU C 182 16.84 9.24 -16.38
N LEU C 183 16.43 10.16 -17.26
CA LEU C 183 17.01 10.26 -18.60
C LEU C 183 17.63 11.62 -18.85
N ASN C 184 18.58 11.67 -19.78
CA ASN C 184 19.16 12.94 -20.25
C ASN C 184 18.14 13.65 -21.12
N GLY C 185 17.31 14.49 -20.49
CA GLY C 185 16.26 15.24 -21.20
C GLY C 185 16.70 15.92 -22.49
N ASP C 186 17.95 16.43 -22.48
CA ASP C 186 18.55 17.12 -23.61
C ASP C 186 18.71 16.30 -24.89
N SER C 187 18.72 14.97 -24.80
CA SER C 187 18.68 14.10 -26.00
C SER C 187 17.25 13.87 -26.52
N PRO C 188 17.03 14.08 -27.84
CA PRO C 188 15.74 13.74 -28.47
C PRO C 188 15.34 12.28 -28.38
N LEU C 189 16.32 11.39 -28.31
CA LEU C 189 16.05 9.96 -28.26
C LEU C 189 15.13 9.59 -27.08
N PHE C 190 15.32 10.32 -25.97
CA PHE C 190 14.46 10.22 -24.79
C PHE C 190 13.40 11.31 -24.89
N TYR C 191 12.22 10.89 -25.28
CA TYR C 191 11.14 11.79 -25.50
C TYR C 191 9.95 10.90 -25.53
N LYS C 192 9.06 11.08 -24.58
CA LYS C 192 7.91 10.20 -24.44
C LYS C 192 8.23 8.70 -24.67
N PRO C 193 9.13 8.12 -23.84
CA PRO C 193 9.42 6.68 -23.95
C PRO C 193 8.15 5.86 -23.87
N THR C 194 8.03 4.83 -24.73
CA THR C 194 6.92 3.87 -24.68
C THR C 194 7.12 2.89 -23.52
N ILE C 195 7.02 3.41 -22.30
CA ILE C 195 6.97 2.61 -21.09
C ILE C 195 6.03 3.29 -20.11
N PRO C 196 5.38 2.52 -19.23
CA PRO C 196 4.45 3.11 -18.28
C PRO C 196 5.15 3.87 -17.14
N ASN C 197 6.43 3.55 -16.89
CA ASN C 197 7.18 4.05 -15.72
C ASN C 197 7.15 5.57 -15.66
N PRO C 198 7.20 6.15 -14.46
CA PRO C 198 7.25 7.62 -14.38
C PRO C 198 8.64 8.07 -14.83
N ILE C 199 8.70 9.08 -15.69
CA ILE C 199 9.98 9.53 -16.26
C ILE C 199 10.44 10.83 -15.59
N GLU C 200 11.74 10.93 -15.32
CA GLU C 200 12.33 12.17 -14.82
C GLU C 200 13.56 12.50 -15.65
N TYR C 201 13.74 13.78 -15.91
CA TYR C 201 14.72 14.25 -16.89
C TYR C 201 15.70 15.21 -16.24
N PHE C 202 16.99 15.08 -16.58
CA PHE C 202 18.02 16.11 -16.26
C PHE C 202 18.51 16.80 -17.52
N GLY C 203 18.96 18.05 -17.38
CA GLY C 203 19.38 18.82 -18.55
C GLY C 203 20.06 20.14 -18.25
N PHE C 204 20.64 20.72 -19.31
CA PHE C 204 21.17 22.06 -19.25
C PHE C 204 20.00 22.98 -19.56
N ASP C 205 19.45 23.61 -18.53
CA ASP C 205 18.35 24.58 -18.70
C ASP C 205 18.96 25.97 -18.80
N LEU C 206 19.51 26.27 -19.97
CA LEU C 206 20.19 27.54 -20.21
C LEU C 206 19.27 28.44 -21.01
N GLU C 207 19.74 29.69 -21.20
CA GLU C 207 18.99 30.73 -21.89
C GLU C 207 18.70 30.34 -23.33
N LYS C 208 17.41 30.36 -23.68
CA LYS C 208 16.94 30.01 -25.03
C LYS C 208 17.07 31.20 -25.95
N GLY C 209 17.80 31.02 -27.05
CA GLY C 209 17.88 31.99 -28.13
C GLY C 209 16.89 31.62 -29.21
N PRO C 210 17.00 32.25 -30.39
CA PRO C 210 16.13 31.88 -31.51
C PRO C 210 16.64 30.57 -32.12
N ALA C 211 15.72 29.73 -32.59
CA ALA C 211 16.03 28.37 -33.04
C ALA C 211 17.01 28.36 -34.20
N GLN C 212 18.07 27.56 -34.07
CA GLN C 212 19.09 27.39 -35.09
C GLN C 212 19.33 25.91 -35.31
N LEU C 213 19.62 25.53 -36.55
CA LEU C 213 20.06 24.18 -36.87
C LEU C 213 21.40 23.88 -36.23
N ALA C 214 21.67 22.58 -36.04
CA ALA C 214 22.99 22.13 -35.62
C ALA C 214 23.91 22.02 -36.84
N HIS C 215 25.21 21.92 -36.57
CA HIS C 215 26.20 21.70 -37.62
C HIS C 215 25.78 20.48 -38.44
N TYR C 216 25.95 20.53 -39.75
CA TYR C 216 25.41 19.49 -40.66
C TYR C 216 25.88 18.03 -40.42
N ASN C 217 27.08 17.86 -39.88
CA ASN C 217 27.57 16.53 -39.47
C ASN C 217 26.98 16.00 -38.16
N THR C 218 26.11 16.76 -37.51
CA THR C 218 25.44 16.27 -36.31
C THR C 218 24.42 15.18 -36.66
N GLU C 219 24.56 14.03 -36.00
CA GLU C 219 23.70 12.89 -36.22
C GLU C 219 22.51 12.92 -35.30
N GLY C 220 21.42 12.31 -35.74
CA GLY C 220 20.20 12.13 -34.94
C GLY C 220 19.38 13.38 -34.69
N ILE C 221 18.99 14.05 -35.78
CA ILE C 221 18.31 15.35 -35.69
C ILE C 221 16.89 15.36 -36.25
N LEU C 222 16.24 14.19 -36.34
CA LEU C 222 14.87 14.13 -36.79
C LEU C 222 13.89 14.17 -35.60
N CYS C 223 12.79 14.94 -35.66
CA CYS C 223 11.85 14.99 -34.51
C CYS C 223 11.30 13.58 -34.38
N PRO C 224 11.23 13.07 -33.14
CA PRO C 224 10.67 11.74 -32.95
C PRO C 224 9.17 11.58 -33.25
N ASP C 225 8.41 12.68 -33.45
CA ASP C 225 7.01 12.65 -33.97
C ASP C 225 6.93 12.97 -35.48
N CYS C 226 7.17 14.24 -35.85
CA CYS C 226 7.05 14.79 -37.24
C CYS C 226 7.99 14.12 -38.29
N GLN C 227 9.05 13.43 -37.87
CA GLN C 227 10.11 12.93 -38.81
C GLN C 227 10.89 14.03 -39.55
N GLY C 228 10.66 15.30 -39.22
CA GLY C 228 11.29 16.42 -39.88
C GLY C 228 12.52 16.81 -39.12
N ILE C 229 13.13 17.93 -39.51
CA ILE C 229 14.41 18.35 -38.96
C ILE C 229 14.27 19.22 -37.72
N LEU C 230 15.00 18.86 -36.67
CA LEU C 230 14.97 19.57 -35.39
C LEU C 230 15.86 20.79 -35.43
N LYS C 231 15.51 21.80 -34.65
CA LYS C 231 16.39 22.95 -34.39
C LYS C 231 16.63 23.09 -32.89
N TYR C 232 17.54 23.98 -32.55
CA TYR C 232 17.93 24.17 -31.17
C TYR C 232 17.80 25.60 -30.66
N GLU C 233 16.94 25.78 -29.66
CA GLU C 233 16.85 27.05 -28.91
C GLU C 233 18.19 27.32 -28.21
N HIS C 234 18.87 26.26 -27.79
CA HIS C 234 20.32 26.31 -27.47
C HIS C 234 20.86 24.89 -27.53
N ASN C 235 22.13 24.74 -27.93
CA ASN C 235 22.72 23.42 -28.14
C ASN C 235 24.03 23.34 -27.34
N THR C 236 24.12 22.31 -26.48
CA THR C 236 25.33 22.05 -25.72
C THR C 236 26.37 21.47 -26.67
N TYR C 237 26.21 20.21 -26.98
CA TYR C 237 27.07 19.52 -27.93
C TYR C 237 26.29 18.42 -28.60
N ALA C 238 26.76 17.98 -29.75
CA ALA C 238 26.11 16.97 -30.56
C ALA C 238 24.67 17.34 -30.81
N ASN C 239 23.76 16.41 -30.60
CA ASN C 239 22.36 16.74 -30.80
C ASN C 239 21.68 17.12 -29.52
N LEU C 240 22.47 17.38 -28.48
CA LEU C 240 21.92 17.72 -27.17
C LEU C 240 21.62 19.22 -26.97
N GLY C 241 20.46 19.49 -26.39
CA GLY C 241 20.06 20.84 -26.01
C GLY C 241 18.57 21.02 -26.00
N ALA C 242 18.15 22.27 -26.07
CA ALA C 242 16.73 22.60 -26.08
C ALA C 242 16.21 22.44 -27.50
N TYR C 243 15.88 21.20 -27.84
CA TYR C 243 15.43 20.89 -29.19
C TYR C 243 13.98 21.35 -29.45
N ILE C 244 13.64 21.53 -30.73
CA ILE C 244 12.30 21.97 -31.15
C ILE C 244 12.03 21.67 -32.65
N CYS C 245 10.97 20.91 -32.95
CA CYS C 245 10.49 20.78 -34.35
C CYS C 245 9.43 21.83 -34.58
N GLU C 246 9.68 22.64 -35.60
CA GLU C 246 8.81 23.74 -35.98
C GLU C 246 7.62 23.30 -36.83
N GLY C 247 7.36 21.99 -36.95
CA GLY C 247 6.16 21.44 -37.58
C GLY C 247 5.33 20.65 -36.57
N CYS C 248 5.88 19.52 -36.08
CA CYS C 248 5.24 18.69 -35.03
C CYS C 248 4.91 19.55 -33.78
N GLY C 249 5.78 20.51 -33.44
CA GLY C 249 5.73 21.22 -32.16
C GLY C 249 6.55 20.56 -31.05
N CYS C 250 6.86 19.26 -31.19
CA CYS C 250 7.73 18.50 -30.29
C CYS C 250 8.98 19.28 -29.89
N LYS C 251 9.23 19.33 -28.58
CA LYS C 251 10.38 20.04 -28.01
C LYS C 251 10.83 19.39 -26.69
N ARG C 252 12.04 19.71 -26.25
CA ARG C 252 12.60 19.13 -25.01
C ARG C 252 11.62 19.33 -23.89
N PRO C 253 11.25 18.23 -23.19
CA PRO C 253 10.30 18.30 -22.08
C PRO C 253 10.83 19.04 -20.86
N ASP C 254 9.95 19.32 -19.92
CA ASP C 254 10.33 20.07 -18.73
C ASP C 254 11.35 19.25 -17.95
N LEU C 255 12.41 19.92 -17.51
CA LEU C 255 13.50 19.24 -16.82
C LEU C 255 13.29 19.20 -15.30
N ASP C 256 13.51 18.03 -14.70
CA ASP C 256 13.35 17.83 -13.26
C ASP C 256 14.59 18.19 -12.47
N TYR C 257 15.77 17.96 -13.03
CA TYR C 257 17.03 18.35 -12.41
C TYR C 257 17.82 19.25 -13.38
N ARG C 258 17.88 20.53 -13.08
CA ARG C 258 18.26 21.56 -14.04
C ARG C 258 19.66 22.11 -13.74
N LEU C 259 20.55 22.08 -14.74
CA LEU C 259 21.80 22.84 -14.68
C LEU C 259 21.39 24.21 -15.19
N THR C 260 21.36 25.19 -14.30
CA THR C 260 20.76 26.50 -14.60
C THR C 260 21.76 27.52 -15.14
N LYS C 261 23.04 27.37 -14.82
CA LYS C 261 24.02 28.34 -15.24
C LYS C 261 25.41 27.73 -15.42
N LEU C 262 25.99 27.99 -16.59
CA LEU C 262 27.35 27.53 -16.86
C LEU C 262 28.25 28.69 -16.47
N VAL C 263 28.94 28.54 -15.35
CA VAL C 263 29.52 29.70 -14.68
C VAL C 263 30.86 30.02 -15.30
N GLU C 264 31.76 29.06 -15.26
CA GLU C 264 33.07 29.17 -15.90
C GLU C 264 33.23 27.93 -16.78
N LEU C 265 34.03 28.07 -17.83
CA LEU C 265 34.39 26.94 -18.66
C LEU C 265 35.61 27.33 -19.49
N THR C 266 36.77 26.82 -19.13
CA THR C 266 38.03 27.11 -19.83
C THR C 266 38.56 25.81 -20.43
N ASN C 267 39.78 25.84 -20.95
CA ASN C 267 40.47 24.61 -21.32
C ASN C 267 40.83 23.64 -20.15
N ASN C 268 40.78 24.13 -18.91
CA ASN C 268 41.21 23.34 -17.73
C ASN C 268 40.14 23.02 -16.71
N ARG C 269 39.10 23.85 -16.62
CA ARG C 269 38.07 23.66 -15.60
C ARG C 269 36.71 24.06 -16.14
N SER C 270 35.70 23.67 -15.39
CA SER C 270 34.33 24.12 -15.63
C SER C 270 33.68 24.24 -14.27
N ARG C 271 32.90 25.29 -14.07
CA ARG C 271 32.11 25.47 -12.87
C ARG C 271 30.70 25.78 -13.31
N PHE C 272 29.73 25.20 -12.62
CA PHE C 272 28.35 25.21 -13.10
C PHE C 272 27.38 25.05 -11.94
N VAL C 273 26.15 25.53 -12.14
CA VAL C 273 25.15 25.51 -11.09
C VAL C 273 24.01 24.52 -11.41
N ILE C 274 23.74 23.63 -10.45
CA ILE C 274 22.69 22.65 -10.59
C ILE C 274 21.77 22.72 -9.36
N ASP C 275 20.52 23.15 -9.59
CA ASP C 275 19.50 23.18 -8.56
C ASP C 275 20.05 23.78 -7.29
N GLY C 276 20.56 25.00 -7.43
CA GLY C 276 20.95 25.83 -6.31
C GLY C 276 22.40 25.81 -5.94
N GLN C 277 23.12 24.74 -6.29
CA GLN C 277 24.50 24.55 -5.80
C GLN C 277 25.47 24.68 -6.95
N GLU C 278 26.65 25.22 -6.65
CA GLU C 278 27.74 25.23 -7.62
C GLU C 278 28.63 24.02 -7.40
N TYR C 279 28.84 23.25 -8.45
CA TYR C 279 29.87 22.22 -8.47
C TYR C 279 30.84 22.64 -9.56
N GLY C 280 32.08 22.15 -9.45
CA GLY C 280 33.13 22.39 -10.46
C GLY C 280 34.04 21.18 -10.62
N ILE C 281 34.55 20.98 -11.84
CA ILE C 281 35.45 19.86 -12.15
C ILE C 281 36.73 20.42 -12.71
N GLN C 282 37.85 19.83 -12.28
CA GLN C 282 39.16 20.37 -12.66
C GLN C 282 39.75 19.72 -13.92
N ILE C 283 38.90 19.48 -14.91
CA ILE C 283 39.31 18.85 -16.18
C ILE C 283 38.95 19.69 -17.40
N GLY C 284 37.73 20.19 -17.50
CA GLY C 284 37.33 20.91 -18.70
C GLY C 284 36.97 20.02 -19.86
N GLY C 285 36.49 20.63 -20.94
CA GLY C 285 35.70 19.90 -21.93
C GLY C 285 34.28 19.67 -21.41
N LEU C 286 33.31 20.11 -22.21
CA LEU C 286 31.91 20.26 -21.76
C LEU C 286 31.12 18.96 -21.66
N TYR C 287 31.51 17.95 -22.42
CA TYR C 287 30.86 16.63 -22.33
C TYR C 287 30.87 16.08 -20.88
N ASN C 288 31.93 16.30 -20.12
CA ASN C 288 32.01 15.77 -18.74
C ASN C 288 30.98 16.33 -17.77
N ILE C 289 30.55 17.57 -18.00
CA ILE C 289 29.57 18.19 -17.12
C ILE C 289 28.31 17.32 -17.09
N TYR C 290 27.87 16.81 -18.25
CA TYR C 290 26.74 15.89 -18.29
C TYR C 290 26.89 14.69 -17.36
N ASN C 291 28.13 14.22 -17.13
CA ASN C 291 28.34 13.15 -16.18
C ASN C 291 28.11 13.58 -14.75
N ALA C 292 28.65 14.74 -14.38
CA ALA C 292 28.42 15.35 -13.05
C ALA C 292 26.92 15.61 -12.79
N LEU C 293 26.25 16.13 -13.81
CA LEU C 293 24.82 16.44 -13.74
C LEU C 293 24.02 15.20 -13.40
N ALA C 294 24.26 14.13 -14.14
CA ALA C 294 23.62 12.85 -13.85
C ALA C 294 23.84 12.39 -12.43
N ALA C 295 25.07 12.52 -11.94
CA ALA C 295 25.41 12.09 -10.58
C ALA C 295 24.63 12.90 -9.55
N VAL C 296 24.70 14.21 -9.70
CA VAL C 296 23.98 15.12 -8.82
C VAL C 296 22.47 14.88 -8.91
N ALA C 297 21.96 14.63 -10.11
CA ALA C 297 20.52 14.41 -10.28
C ALA C 297 20.03 13.16 -9.58
N ILE C 298 20.87 12.13 -9.52
CA ILE C 298 20.55 10.88 -8.78
C ILE C 298 20.47 11.15 -7.29
N ALA C 299 21.49 11.82 -6.75
CA ALA C 299 21.50 12.17 -5.34
C ALA C 299 20.26 12.98 -4.98
N ARG C 300 19.90 13.93 -5.84
CA ARG C 300 18.69 14.71 -5.62
C ARG C 300 17.41 13.87 -5.65
N PHE C 301 17.32 12.90 -6.56
CA PHE C 301 16.18 11.97 -6.56
C PHE C 301 16.06 11.17 -5.26
N LEU C 302 17.19 10.92 -4.59
CA LEU C 302 17.24 10.22 -3.32
C LEU C 302 17.20 11.17 -2.11
N GLY C 303 16.84 12.44 -2.34
CA GLY C 303 16.64 13.42 -1.28
C GLY C 303 17.88 13.89 -0.55
N ALA C 304 19.04 13.84 -1.20
CA ALA C 304 20.28 14.27 -0.59
C ALA C 304 20.30 15.80 -0.54
N ASP C 305 20.86 16.36 0.53
CA ASP C 305 21.00 17.83 0.66
C ASP C 305 22.05 18.33 -0.34
N SER C 306 21.74 19.38 -1.11
CA SER C 306 22.72 19.91 -2.09
C SER C 306 24.08 20.25 -1.45
N GLN C 307 24.09 20.45 -0.14
CA GLN C 307 25.32 20.74 0.60
C GLN C 307 26.15 19.50 0.80
N LEU C 308 25.52 18.37 1.08
CA LEU C 308 26.22 17.08 1.21
C LEU C 308 26.66 16.52 -0.15
N ILE C 309 25.86 16.81 -1.18
CA ILE C 309 26.22 16.42 -2.54
C ILE C 309 27.59 17.01 -2.83
N LYS C 310 27.76 18.31 -2.59
CA LYS C 310 29.03 18.97 -2.86
C LYS C 310 30.17 18.41 -2.03
N GLN C 311 29.90 18.17 -0.76
CA GLN C 311 30.92 17.68 0.19
C GLN C 311 31.57 16.40 -0.35
N GLY C 312 30.72 15.48 -0.83
CA GLY C 312 31.13 14.18 -1.35
C GLY C 312 31.52 14.18 -2.82
N PHE C 313 30.92 15.08 -3.59
CA PHE C 313 31.36 15.37 -4.96
C PHE C 313 32.84 15.72 -4.96
N ASP C 314 33.20 16.73 -4.17
CA ASP C 314 34.60 17.20 -4.06
C ASP C 314 35.60 16.08 -3.70
N LYS C 315 35.22 15.20 -2.79
CA LYS C 315 36.08 14.11 -2.36
C LYS C 315 36.32 13.11 -3.50
N SER C 316 35.31 12.90 -4.33
CA SER C 316 35.39 11.92 -5.43
C SER C 316 35.56 12.50 -6.87
N ARG C 317 35.81 13.80 -7.01
CA ARG C 317 36.06 14.38 -8.37
C ARG C 317 37.44 14.03 -8.98
N ALA C 318 38.29 13.34 -8.23
CA ALA C 318 39.48 12.67 -8.80
C ALA C 318 39.16 11.82 -10.01
N VAL C 319 37.97 11.22 -10.05
CA VAL C 319 37.61 10.28 -11.13
C VAL C 319 37.56 10.90 -12.54
N PHE C 320 37.49 12.23 -12.64
CA PHE C 320 37.72 12.91 -13.93
C PHE C 320 39.21 12.98 -14.26
N GLY C 321 40.06 13.06 -13.24
CA GLY C 321 41.51 13.04 -13.43
C GLY C 321 42.10 14.38 -13.82
N ARG C 322 43.41 14.47 -13.70
CA ARG C 322 44.18 15.67 -13.96
C ARG C 322 44.31 15.92 -15.49
N GLN C 323 45.16 16.87 -15.87
CA GLN C 323 45.26 17.28 -17.27
C GLN C 323 46.36 16.65 -18.08
N GLU C 324 47.29 15.95 -17.43
CA GLU C 324 48.43 15.32 -18.12
C GLU C 324 49.23 16.30 -18.96
N THR C 325 49.90 17.20 -18.26
CA THR C 325 50.81 18.16 -18.84
C THR C 325 52.23 17.68 -18.53
N PHE C 326 53.15 18.02 -19.43
CA PHE C 326 54.54 17.60 -19.39
C PHE C 326 55.41 18.83 -19.62
N HIS C 327 56.40 19.04 -18.74
CA HIS C 327 57.42 20.07 -18.98
C HIS C 327 58.46 19.48 -19.91
N ILE C 328 58.60 20.03 -21.11
CA ILE C 328 59.73 19.66 -21.99
C ILE C 328 60.76 20.80 -21.92
N GLY C 329 61.65 20.68 -20.93
CA GLY C 329 62.56 21.74 -20.53
C GLY C 329 61.78 23.01 -20.24
N ASP C 330 61.80 23.92 -21.22
CA ASP C 330 61.16 25.22 -21.08
C ASP C 330 59.76 25.24 -21.71
N LYS C 331 59.33 24.21 -22.42
CA LYS C 331 57.93 24.12 -22.89
C LYS C 331 57.01 23.36 -21.93
N GLU C 332 55.72 23.73 -21.97
CA GLU C 332 54.65 23.07 -21.25
C GLU C 332 53.72 22.44 -22.29
N CYS C 333 53.81 21.13 -22.47
CA CYS C 333 52.97 20.46 -23.47
C CYS C 333 51.93 19.55 -22.81
N THR C 334 50.67 19.73 -23.23
CA THR C 334 49.53 18.98 -22.73
C THR C 334 49.05 17.96 -23.77
N LEU C 335 48.78 16.75 -23.29
CA LEU C 335 48.46 15.60 -24.14
C LEU C 335 46.99 15.19 -24.00
N VAL C 336 46.28 15.09 -25.13
CA VAL C 336 44.82 14.99 -25.16
C VAL C 336 44.34 13.89 -26.13
N LEU C 337 43.44 13.06 -25.67
CA LEU C 337 42.98 11.90 -26.44
C LEU C 337 41.89 12.28 -27.42
N ILE C 338 41.92 11.72 -28.63
CA ILE C 338 40.81 11.80 -29.59
C ILE C 338 40.41 10.40 -30.09
N LYS C 339 39.11 10.06 -29.97
CA LYS C 339 38.60 8.75 -30.39
C LYS C 339 37.75 8.83 -31.64
N ASN C 340 36.88 9.83 -31.70
CA ASN C 340 35.83 9.86 -32.71
C ASN C 340 35.50 11.29 -33.03
N PRO C 341 34.74 11.54 -34.11
CA PRO C 341 34.40 12.91 -34.47
C PRO C 341 33.88 13.78 -33.31
N VAL C 342 32.86 13.28 -32.60
CA VAL C 342 32.25 14.06 -31.52
C VAL C 342 33.26 14.30 -30.41
N GLY C 343 34.02 13.28 -30.04
CA GLY C 343 35.12 13.44 -29.08
C GLY C 343 36.22 14.40 -29.53
N ALA C 344 36.59 14.33 -30.81
CA ALA C 344 37.63 15.18 -31.36
C ALA C 344 37.18 16.62 -31.34
N THR C 345 36.01 16.86 -31.93
CA THR C 345 35.41 18.19 -31.91
C THR C 345 35.36 18.76 -30.50
N GLN C 346 34.97 17.92 -29.55
CA GLN C 346 34.93 18.31 -28.14
C GLN C 346 36.29 18.79 -27.62
N ALA C 347 37.35 18.07 -27.97
CA ALA C 347 38.73 18.48 -27.65
C ALA C 347 39.13 19.77 -28.37
N ILE C 348 38.73 19.90 -29.62
CA ILE C 348 39.02 21.11 -30.36
C ILE C 348 38.34 22.29 -29.68
N GLU C 349 37.05 22.18 -29.36
CA GLU C 349 36.33 23.29 -28.72
C GLU C 349 36.88 23.59 -27.32
N MET C 350 37.50 22.60 -26.68
CA MET C 350 38.24 22.80 -25.41
C MET C 350 39.47 23.69 -25.61
N ILE C 351 40.41 23.26 -26.47
CA ILE C 351 41.66 24.01 -26.72
C ILE C 351 41.44 25.38 -27.35
N LYS C 352 40.31 25.56 -28.02
CA LYS C 352 39.88 26.86 -28.51
C LYS C 352 39.83 27.92 -27.39
N LEU C 353 39.54 27.48 -26.17
CA LEU C 353 39.37 28.35 -25.02
C LEU C 353 40.65 28.67 -24.28
N ALA C 354 41.77 28.07 -24.63
CA ALA C 354 43.03 28.39 -23.97
C ALA C 354 43.31 29.89 -24.15
N PRO C 355 43.82 30.55 -23.09
CA PRO C 355 44.07 31.99 -23.17
C PRO C 355 45.43 32.38 -23.79
N TYR C 356 46.19 31.41 -24.30
CA TYR C 356 47.53 31.65 -24.82
C TYR C 356 47.68 31.08 -26.23
N PRO C 357 48.76 31.45 -26.95
CA PRO C 357 49.10 30.72 -28.17
C PRO C 357 49.73 29.36 -27.87
N PHE C 358 49.52 28.40 -28.78
CA PHE C 358 50.12 27.06 -28.66
C PHE C 358 50.42 26.42 -30.00
N SER C 359 51.32 25.44 -29.97
CA SER C 359 51.58 24.59 -31.13
C SER C 359 50.67 23.37 -31.04
N LEU C 360 49.95 23.09 -32.13
CA LEU C 360 49.06 21.95 -32.23
C LEU C 360 49.74 20.80 -32.97
N SER C 361 49.90 19.67 -32.30
CA SER C 361 50.36 18.45 -32.96
C SER C 361 49.23 17.43 -32.95
N VAL C 362 48.97 16.79 -34.09
CA VAL C 362 47.90 15.79 -34.22
C VAL C 362 48.53 14.48 -34.65
N LEU C 363 48.42 13.46 -33.81
CA LEU C 363 49.02 12.16 -34.05
C LEU C 363 47.94 11.16 -34.38
N LEU C 364 47.90 10.72 -35.64
CA LEU C 364 46.89 9.79 -36.13
C LEU C 364 47.50 8.41 -36.41
N ASN C 365 47.05 7.40 -35.65
CA ASN C 365 47.33 5.98 -35.94
C ASN C 365 46.00 5.34 -36.31
N ALA C 366 46.11 4.17 -36.95
CA ALA C 366 44.95 3.41 -37.39
C ALA C 366 45.17 1.95 -37.00
N ASN C 367 44.24 1.42 -36.22
CA ASN C 367 44.32 0.03 -35.73
C ASN C 367 43.02 -0.30 -34.99
N TYR C 368 42.97 -1.42 -34.26
CA TYR C 368 41.76 -1.79 -33.53
C TYR C 368 41.32 -0.71 -32.56
N ALA C 369 42.25 -0.31 -31.70
CA ALA C 369 41.97 0.63 -30.63
C ALA C 369 41.63 2.02 -31.15
N ASP C 370 42.34 2.48 -32.18
CA ASP C 370 42.18 3.84 -32.69
C ASP C 370 41.16 4.04 -33.80
N GLY C 371 40.43 2.98 -34.17
CA GLY C 371 39.51 3.01 -35.32
C GLY C 371 40.21 2.66 -36.62
N ILE C 372 39.79 1.55 -37.20
CA ILE C 372 40.47 0.95 -38.36
C ILE C 372 40.43 1.78 -39.64
N ASP C 373 39.52 2.74 -39.73
CA ASP C 373 39.44 3.62 -40.91
C ASP C 373 39.64 5.06 -40.45
N THR C 374 40.62 5.74 -41.00
CA THR C 374 40.89 7.15 -40.67
C THR C 374 39.85 8.16 -41.18
N SER C 375 38.90 7.73 -42.02
CA SER C 375 37.88 8.61 -42.57
C SER C 375 37.14 9.46 -41.51
N TRP C 376 37.00 8.94 -40.31
CA TRP C 376 36.38 9.67 -39.21
C TRP C 376 36.93 11.09 -38.92
N ILE C 377 38.21 11.34 -39.18
CA ILE C 377 38.76 12.69 -38.98
C ILE C 377 38.10 13.73 -39.87
N TRP C 378 37.58 13.30 -41.02
CA TRP C 378 36.87 14.20 -41.92
C TRP C 378 35.52 14.72 -41.39
N ASP C 379 34.96 14.06 -40.38
CA ASP C 379 33.76 14.58 -39.70
C ASP C 379 34.09 15.40 -38.46
N ALA C 380 35.27 15.22 -37.88
CA ALA C 380 35.75 16.08 -36.79
C ALA C 380 35.93 17.51 -37.28
N ASP C 381 35.49 18.49 -36.49
CA ASP C 381 35.46 19.90 -36.92
C ASP C 381 36.81 20.58 -36.65
N PHE C 382 37.82 20.13 -37.39
CA PHE C 382 39.16 20.72 -37.34
C PHE C 382 39.19 22.11 -37.94
N GLU C 383 38.23 22.44 -38.81
CA GLU C 383 38.13 23.77 -39.44
C GLU C 383 38.18 24.94 -38.44
N GLN C 384 37.88 24.67 -37.16
CA GLN C 384 37.98 25.68 -36.10
C GLN C 384 39.38 26.13 -35.71
N ILE C 385 40.42 25.40 -36.13
CA ILE C 385 41.80 25.80 -35.80
C ILE C 385 42.21 27.12 -36.45
N THR C 386 41.60 27.46 -37.58
CA THR C 386 41.94 28.70 -38.29
C THR C 386 41.62 29.96 -37.47
N ASP C 387 40.61 29.86 -36.62
CA ASP C 387 40.25 30.94 -35.70
C ASP C 387 41.05 30.94 -34.37
N MET C 388 41.96 29.98 -34.21
CA MET C 388 42.79 29.90 -33.00
C MET C 388 44.12 30.60 -33.20
N ASP C 389 44.84 30.76 -32.11
CA ASP C 389 46.16 31.38 -32.08
C ASP C 389 47.22 30.25 -32.11
N ILE C 390 47.41 29.67 -33.30
CA ILE C 390 48.34 28.55 -33.50
C ILE C 390 49.41 28.93 -34.53
N PRO C 391 50.69 29.04 -34.10
CA PRO C 391 51.80 29.25 -35.04
C PRO C 391 52.28 28.01 -35.80
N GLU C 392 52.66 26.96 -35.06
CA GLU C 392 53.15 25.73 -35.67
C GLU C 392 52.08 24.67 -35.63
N ILE C 393 52.05 23.80 -36.64
CA ILE C 393 51.36 22.52 -36.54
C ILE C 393 52.31 21.39 -36.94
N ASN C 394 52.17 20.25 -36.26
CA ASN C 394 52.86 19.01 -36.64
C ASN C 394 51.82 17.99 -37.01
N ALA C 395 52.06 17.25 -38.09
CA ALA C 395 51.17 16.19 -38.51
C ALA C 395 51.92 14.87 -38.38
N GLY C 396 51.76 14.19 -37.24
CA GLY C 396 52.51 12.97 -36.95
C GLY C 396 51.66 11.71 -36.89
N GLY C 397 52.28 10.63 -36.38
CA GLY C 397 51.63 9.32 -36.27
C GLY C 397 51.78 8.50 -37.53
N VAL C 398 51.48 7.20 -37.44
CA VAL C 398 51.59 6.25 -38.59
C VAL C 398 50.91 6.83 -39.85
N ARG C 399 49.69 7.34 -39.70
CA ARG C 399 48.97 7.94 -40.83
C ARG C 399 49.19 9.46 -40.93
N HIS C 400 50.40 9.91 -40.59
CA HIS C 400 50.87 11.29 -40.82
C HIS C 400 50.47 11.89 -42.16
N SER C 401 50.44 11.09 -43.22
CA SER C 401 50.14 11.64 -44.54
C SER C 401 48.68 12.09 -44.69
N GLU C 402 47.75 11.30 -44.16
CA GLU C 402 46.31 11.60 -44.27
C GLU C 402 45.94 12.81 -43.37
N ILE C 403 46.39 12.82 -42.12
CA ILE C 403 46.12 13.93 -41.19
C ILE C 403 46.69 15.28 -41.66
N ALA C 404 47.88 15.28 -42.24
CA ALA C 404 48.41 16.52 -42.83
C ALA C 404 47.49 17.09 -43.91
N ARG C 405 46.91 16.21 -44.73
CA ARG C 405 45.98 16.65 -45.77
C ARG C 405 44.72 17.22 -45.14
N ARG C 406 44.21 16.54 -44.11
CA ARG C 406 43.04 17.03 -43.39
C ARG C 406 43.31 18.43 -42.85
N LEU C 407 44.46 18.58 -42.20
CA LEU C 407 44.82 19.85 -41.57
C LEU C 407 44.94 20.96 -42.61
N ARG C 408 45.57 20.67 -43.75
CA ARG C 408 45.61 21.63 -44.87
C ARG C 408 44.24 22.14 -45.28
N VAL C 409 43.29 21.23 -45.42
CA VAL C 409 41.99 21.54 -46.01
C VAL C 409 41.13 22.48 -45.14
N THR C 410 41.58 22.70 -43.90
CA THR C 410 41.02 23.76 -43.06
C THR C 410 41.23 25.18 -43.61
N GLY C 411 42.26 25.35 -44.44
CA GLY C 411 42.71 26.68 -44.85
C GLY C 411 43.82 27.21 -43.95
N TYR C 412 44.34 26.36 -43.07
CA TYR C 412 45.47 26.73 -42.24
C TYR C 412 46.67 26.82 -43.17
N PRO C 413 47.56 27.82 -42.95
CA PRO C 413 48.76 28.03 -43.79
C PRO C 413 49.53 26.73 -44.05
N ALA C 414 49.51 26.26 -45.30
CA ALA C 414 50.07 24.95 -45.65
C ALA C 414 51.56 24.87 -45.29
N GLU C 415 52.28 25.96 -45.57
CA GLU C 415 53.71 26.16 -45.21
C GLU C 415 54.08 25.85 -43.74
N LYS C 416 53.14 26.06 -42.81
CA LYS C 416 53.35 25.91 -41.36
C LYS C 416 52.95 24.54 -40.79
N ILE C 417 52.41 23.66 -41.63
CA ILE C 417 52.13 22.27 -41.26
C ILE C 417 53.31 21.40 -41.64
N THR C 418 53.85 20.69 -40.66
CA THR C 418 55.11 19.98 -40.79
C THR C 418 54.84 18.48 -40.66
N GLU C 419 54.63 17.84 -41.80
CA GLU C 419 54.40 16.39 -41.82
C GLU C 419 55.62 15.69 -41.26
N THR C 420 55.41 14.68 -40.42
CA THR C 420 56.51 14.12 -39.62
C THR C 420 56.42 12.61 -39.42
N SER C 421 57.21 11.91 -40.23
CA SER C 421 57.42 10.45 -40.21
C SER C 421 57.48 9.81 -38.81
N ASN C 422 58.28 10.40 -37.93
CA ASN C 422 58.74 9.74 -36.74
C ASN C 422 58.31 10.51 -35.49
N LEU C 423 57.87 9.82 -34.43
CA LEU C 423 57.45 10.50 -33.19
C LEU C 423 58.60 11.22 -32.47
N GLU C 424 59.79 10.59 -32.48
CA GLU C 424 61.01 11.24 -31.97
C GLU C 424 61.23 12.62 -32.60
N GLN C 425 60.95 12.77 -33.89
CA GLN C 425 61.13 14.07 -34.58
C GLN C 425 60.10 15.11 -34.11
N VAL C 426 58.89 14.63 -33.77
CA VAL C 426 57.82 15.51 -33.24
C VAL C 426 58.21 16.03 -31.86
N LEU C 427 58.61 15.12 -30.98
CA LEU C 427 59.12 15.48 -29.65
C LEU C 427 60.21 16.54 -29.72
N LYS C 428 61.09 16.40 -30.71
CA LYS C 428 62.21 17.32 -30.90
C LYS C 428 61.75 18.68 -31.46
N THR C 429 60.92 18.68 -32.51
CA THR C 429 60.45 19.98 -33.08
C THR C 429 59.65 20.82 -32.04
N ILE C 430 59.00 20.14 -31.09
CA ILE C 430 58.33 20.78 -29.94
C ILE C 430 59.39 21.29 -28.98
N GLU C 431 60.31 20.41 -28.57
CA GLU C 431 61.46 20.78 -27.72
C GLU C 431 62.05 22.11 -28.23
N ASN C 432 62.38 22.17 -29.53
CA ASN C 432 63.04 23.34 -30.14
C ASN C 432 62.09 24.36 -30.80
N GLN C 433 60.81 24.41 -30.41
CA GLN C 433 59.89 25.42 -30.96
C GLN C 433 60.11 26.73 -30.19
N ASP C 434 59.75 27.86 -30.77
CA ASP C 434 59.90 29.15 -30.05
C ASP C 434 58.70 29.45 -29.12
N CYS C 435 57.51 28.99 -29.51
CA CYS C 435 56.30 29.15 -28.70
C CYS C 435 56.36 28.32 -27.40
N LYS C 436 55.62 28.74 -26.38
CA LYS C 436 55.83 28.24 -25.02
C LYS C 436 54.95 27.08 -24.57
N HIS C 437 53.69 27.08 -25.01
CA HIS C 437 52.76 25.96 -24.79
C HIS C 437 52.56 25.11 -26.05
N ALA C 438 52.36 23.80 -25.87
CA ALA C 438 52.09 22.87 -27.00
C ALA C 438 50.98 21.86 -26.70
N TYR C 439 49.87 21.89 -27.47
CA TYR C 439 48.83 20.86 -27.37
C TYR C 439 49.13 19.71 -28.34
N ILE C 440 48.96 18.47 -27.87
CA ILE C 440 49.09 17.28 -28.70
C ILE C 440 47.80 16.47 -28.60
N LEU C 441 47.06 16.43 -29.70
CA LEU C 441 45.90 15.55 -29.82
C LEU C 441 46.34 14.25 -30.49
N ALA C 442 45.97 13.11 -29.91
CA ALA C 442 46.46 11.83 -30.38
C ALA C 442 45.41 10.76 -30.23
N THR C 443 45.42 9.76 -31.11
CA THR C 443 44.58 8.57 -30.94
C THR C 443 45.16 7.67 -29.85
N TYR C 444 44.38 6.72 -29.35
CA TYR C 444 44.77 5.97 -28.13
C TYR C 444 46.21 5.42 -28.16
N THR C 445 46.55 4.67 -29.21
CA THR C 445 47.89 4.07 -29.34
C THR C 445 48.97 5.11 -29.60
N ALA C 446 48.66 6.11 -30.41
CA ALA C 446 49.61 7.21 -30.68
C ALA C 446 50.04 7.89 -29.40
N MET C 447 49.10 7.98 -28.47
CA MET C 447 49.33 8.54 -27.15
C MET C 447 50.20 7.63 -26.26
N LEU C 448 49.91 6.33 -26.21
CA LEU C 448 50.75 5.33 -25.50
C LEU C 448 52.22 5.34 -25.97
N GLU C 449 52.41 5.36 -27.29
CA GLU C 449 53.74 5.45 -27.93
C GLU C 449 54.44 6.73 -27.50
N PHE C 450 53.74 7.86 -27.61
CA PHE C 450 54.30 9.16 -27.21
C PHE C 450 54.53 9.24 -25.70
N ARG C 451 53.68 8.57 -24.92
CA ARG C 451 53.89 8.46 -23.46
C ARG C 451 55.18 7.74 -23.11
N GLU C 452 55.81 7.05 -24.07
CA GLU C 452 57.28 6.81 -23.98
C GLU C 452 58.09 8.11 -24.26
N LEU C 453 58.00 8.98 -23.24
CA LEU C 453 58.97 9.95 -22.89
C LEU C 453 59.86 9.37 -21.82
N LEU C 454 60.04 8.03 -21.71
CA LEU C 454 60.68 7.41 -20.58
C LEU C 454 62.14 7.28 -20.98
N ALA C 455 62.65 8.28 -21.70
CA ALA C 455 64.03 8.40 -22.09
C ALA C 455 64.33 9.89 -22.25
N SER C 456 64.11 10.68 -21.19
CA SER C 456 64.22 12.16 -21.20
C SER C 456 64.05 12.72 -19.76
N MET D 1 14.36 25.62 -44.74
CA MET D 1 14.76 26.27 -45.98
C MET D 1 16.20 25.94 -46.31
N VAL D 2 16.61 26.30 -47.51
CA VAL D 2 17.97 26.08 -47.93
C VAL D 2 18.85 27.04 -47.17
N TYR D 3 20.05 26.61 -46.82
CA TYR D 3 20.96 27.48 -46.12
C TYR D 3 22.38 27.23 -46.53
N THR D 4 23.20 28.24 -46.35
CA THR D 4 24.59 28.21 -46.77
C THR D 4 25.44 27.60 -45.67
N SER D 5 25.86 26.35 -45.87
CA SER D 5 26.63 25.59 -44.87
C SER D 5 28.06 26.08 -44.78
N LEU D 6 28.63 26.49 -45.91
CA LEU D 6 30.03 26.88 -45.99
C LEU D 6 30.17 27.94 -47.05
N SER D 7 31.19 28.79 -46.88
CA SER D 7 31.58 29.72 -47.93
C SER D 7 33.05 30.13 -47.82
N SER D 8 33.63 30.53 -48.94
CA SER D 8 35.00 30.98 -48.97
C SER D 8 35.01 32.35 -48.32
N LYS D 9 36.13 32.67 -47.69
CA LYS D 9 36.39 34.04 -47.22
C LYS D 9 36.38 35.02 -48.41
N ASP D 10 36.35 36.31 -48.14
CA ASP D 10 36.36 37.31 -49.19
C ASP D 10 37.79 37.43 -49.76
N GLY D 11 37.88 37.62 -51.07
CA GLY D 11 39.18 37.62 -51.77
C GLY D 11 39.05 37.86 -53.27
N ASN D 12 40.17 37.75 -53.96
CA ASN D 12 40.21 37.95 -55.42
C ASN D 12 40.09 36.62 -56.13
N TYR D 13 38.84 36.26 -56.42
CA TYR D 13 38.53 35.00 -57.08
C TYR D 13 37.95 35.35 -58.45
N PRO D 14 38.64 34.98 -59.55
CA PRO D 14 38.06 35.10 -60.90
C PRO D 14 36.66 34.50 -61.04
N TYR D 15 36.51 33.25 -60.58
CA TYR D 15 35.31 32.44 -60.77
C TYR D 15 34.43 32.31 -59.50
N GLN D 16 33.27 31.68 -59.65
CA GLN D 16 32.27 31.53 -58.61
C GLN D 16 31.60 30.17 -58.80
N LEU D 17 31.80 29.24 -57.87
CA LEU D 17 31.08 27.97 -57.88
C LEU D 17 30.04 27.89 -56.77
N ASN D 18 28.87 27.34 -57.10
CA ASN D 18 27.78 27.12 -56.15
C ASN D 18 27.58 25.63 -56.01
N ILE D 19 27.84 25.09 -54.82
CA ILE D 19 27.72 23.65 -54.60
C ILE D 19 26.45 23.32 -53.83
N ALA D 20 25.64 22.40 -54.38
CA ALA D 20 24.47 21.87 -53.67
C ALA D 20 24.86 20.62 -52.93
N HIS D 21 24.93 20.71 -51.61
CA HIS D 21 25.13 19.56 -50.75
C HIS D 21 23.77 18.92 -50.50
N LEU D 22 23.31 18.08 -51.43
CA LEU D 22 22.03 17.37 -51.26
C LEU D 22 21.97 16.56 -49.96
N TYR D 23 20.98 16.92 -49.14
CA TYR D 23 20.68 16.27 -47.88
C TYR D 23 21.88 16.14 -46.96
N GLY D 24 22.79 17.11 -47.02
CA GLY D 24 23.98 17.15 -46.16
C GLY D 24 23.72 17.07 -44.67
N ASN D 25 22.60 17.66 -44.22
CA ASN D 25 22.05 17.52 -42.87
C ASN D 25 21.89 16.12 -42.34
N LEU D 26 21.57 15.20 -43.24
CA LEU D 26 21.30 13.80 -42.94
C LEU D 26 22.25 12.75 -43.47
N MET D 27 22.66 12.91 -44.71
CA MET D 27 23.57 11.94 -45.30
C MET D 27 24.95 12.42 -44.98
N ASN D 28 25.43 12.18 -43.77
CA ASN D 28 26.73 12.71 -43.42
C ASN D 28 27.57 11.73 -42.69
N THR D 29 27.40 10.47 -42.99
CA THR D 29 28.13 9.41 -42.31
C THR D 29 29.41 8.94 -43.01
N TYR D 30 30.25 8.28 -42.21
CA TYR D 30 31.44 7.53 -42.63
C TYR D 30 32.53 8.38 -43.29
N GLY D 31 32.56 9.64 -42.86
CA GLY D 31 33.54 10.62 -43.34
C GLY D 31 33.23 11.24 -44.69
N ASP D 32 32.16 10.83 -45.34
CA ASP D 32 31.98 11.13 -46.76
C ASP D 32 31.63 12.59 -47.02
N ASN D 33 31.11 13.28 -46.02
CA ASN D 33 31.00 14.75 -46.11
C ASN D 33 32.34 15.51 -46.14
N GLY D 34 33.45 14.80 -46.00
CA GLY D 34 34.77 15.38 -46.29
C GLY D 34 34.97 15.70 -47.76
N ASN D 35 34.19 15.04 -48.61
CA ASN D 35 34.18 15.36 -50.03
C ASN D 35 33.74 16.80 -50.31
N ILE D 36 32.84 17.34 -49.49
CA ILE D 36 32.45 18.74 -49.63
C ILE D 36 33.63 19.64 -49.27
N LEU D 37 34.41 19.23 -48.30
CA LEU D 37 35.54 20.02 -47.90
C LEU D 37 36.65 19.96 -48.90
N MET D 38 36.62 19.01 -49.81
CA MET D 38 37.70 18.91 -50.77
C MET D 38 37.35 19.67 -51.99
N LEU D 39 36.08 19.70 -52.33
CA LEU D 39 35.67 20.44 -53.49
C LEU D 39 35.95 21.89 -53.18
N LYS D 40 35.52 22.32 -52.02
CA LYS D 40 35.76 23.71 -51.60
C LYS D 40 37.23 24.11 -51.69
N TYR D 41 38.10 23.24 -51.18
CA TYR D 41 39.56 23.49 -51.12
C TYR D 41 40.19 23.54 -52.51
N VAL D 42 39.79 22.61 -53.36
CA VAL D 42 40.34 22.50 -54.70
C VAL D 42 39.82 23.67 -55.53
N ALA D 43 38.53 23.94 -55.44
CA ALA D 43 37.92 25.08 -56.14
C ALA D 43 38.56 26.41 -55.79
N GLU D 44 38.92 26.61 -54.53
CA GLU D 44 39.62 27.82 -54.12
C GLU D 44 41.01 27.94 -54.77
N LYS D 45 41.71 26.82 -54.88
CA LYS D 45 43.00 26.78 -55.56
C LYS D 45 42.94 27.02 -57.08
N LEU D 46 41.78 26.78 -57.70
CA LEU D 46 41.54 27.14 -59.11
C LEU D 46 40.80 28.47 -59.27
N GLY D 47 40.79 29.29 -58.22
CA GLY D 47 40.27 30.65 -58.27
C GLY D 47 38.75 30.72 -58.30
N ALA D 48 38.09 29.83 -57.56
CA ALA D 48 36.63 29.89 -57.40
C ALA D 48 36.30 30.27 -55.95
N HIS D 49 35.29 31.14 -55.83
CA HIS D 49 34.71 31.47 -54.54
C HIS D 49 33.60 30.46 -54.39
N VAL D 50 33.75 29.55 -53.42
CA VAL D 50 32.77 28.48 -53.19
C VAL D 50 31.69 28.92 -52.20
N THR D 51 30.48 28.43 -52.45
CA THR D 51 29.31 28.71 -51.65
C THR D 51 28.53 27.40 -51.63
N VAL D 52 28.59 26.70 -50.49
CA VAL D 52 27.96 25.39 -50.32
C VAL D 52 26.60 25.58 -49.64
N ASP D 53 25.54 25.11 -50.28
CA ASP D 53 24.18 25.24 -49.78
C ASP D 53 23.67 23.86 -49.47
N ILE D 54 23.12 23.70 -48.27
CA ILE D 54 22.44 22.47 -47.90
C ILE D 54 21.00 22.49 -48.42
N VAL D 55 20.74 21.71 -49.44
CA VAL D 55 19.41 21.59 -49.98
C VAL D 55 18.95 20.29 -49.42
N SER D 56 18.05 20.32 -48.45
CA SER D 56 17.65 19.08 -47.82
C SER D 56 16.18 18.75 -47.91
N LEU D 57 15.59 18.38 -46.78
CA LEU D 57 14.19 18.01 -46.74
C LEU D 57 13.30 19.14 -47.14
N HIS D 58 12.22 18.79 -47.82
CA HIS D 58 11.24 19.74 -48.29
C HIS D 58 11.79 20.93 -49.03
N ASP D 59 13.09 20.95 -49.26
CA ASP D 59 13.66 22.08 -50.00
C ASP D 59 13.51 21.85 -51.48
N ASP D 60 13.81 22.87 -52.27
CA ASP D 60 13.73 22.76 -53.71
C ASP D 60 15.12 22.86 -54.28
N PHE D 61 15.34 22.08 -55.34
CA PHE D 61 16.62 22.11 -55.99
C PHE D 61 16.48 23.07 -57.16
N ASP D 62 17.26 24.16 -57.13
CA ASP D 62 17.32 25.10 -58.27
C ASP D 62 18.39 24.60 -59.23
N GLU D 63 17.96 23.74 -60.15
CA GLU D 63 18.78 23.25 -61.29
C GLU D 63 19.63 24.29 -62.03
N ASN D 64 19.21 25.55 -62.05
CA ASN D 64 19.96 26.61 -62.75
C ASN D 64 20.97 27.35 -61.89
N HIS D 65 20.88 27.20 -60.57
CA HIS D 65 21.73 27.95 -59.63
C HIS D 65 23.05 27.23 -59.32
N TYR D 66 23.03 25.90 -59.28
CA TYR D 66 24.18 25.12 -58.78
C TYR D 66 25.07 24.59 -59.91
N ASP D 67 26.37 24.46 -59.62
CA ASP D 67 27.39 24.02 -60.57
C ASP D 67 27.93 22.60 -60.31
N ILE D 68 28.05 22.25 -59.03
CA ILE D 68 28.33 20.90 -58.57
C ILE D 68 27.23 20.51 -57.58
N ALA D 69 26.86 19.24 -57.58
CA ALA D 69 25.90 18.70 -56.62
C ALA D 69 26.48 17.44 -56.00
N PHE D 70 26.60 17.43 -54.68
CA PHE D 70 27.14 16.27 -53.96
C PHE D 70 26.06 15.59 -53.13
N PHE D 71 26.05 14.26 -53.15
CA PHE D 71 25.00 13.46 -52.55
C PHE D 71 25.69 12.31 -51.81
N GLY D 72 25.85 12.45 -50.51
CA GLY D 72 26.63 11.50 -49.70
C GLY D 72 25.89 10.21 -49.34
N GLY D 73 26.53 9.41 -48.48
CA GLY D 73 25.92 8.21 -47.92
C GLY D 73 25.33 8.52 -46.54
N GLY D 74 24.31 7.78 -46.14
CA GLY D 74 23.75 7.88 -44.78
C GLY D 74 23.32 6.58 -44.10
N GLN D 75 22.76 6.72 -42.90
CA GLN D 75 22.18 5.61 -42.18
C GLN D 75 20.90 5.11 -42.88
N ASP D 76 20.56 3.84 -42.66
CA ASP D 76 19.42 3.24 -43.35
C ASP D 76 18.12 3.99 -43.14
N PHE D 77 17.85 4.34 -41.89
CA PHE D 77 16.58 5.02 -41.54
C PHE D 77 16.49 6.36 -42.26
N GLU D 78 17.48 7.21 -42.03
CA GLU D 78 17.61 8.54 -42.66
C GLU D 78 17.42 8.44 -44.16
N GLN D 79 18.07 7.46 -44.78
CA GLN D 79 18.00 7.24 -46.23
C GLN D 79 16.58 6.91 -46.74
N SER D 80 15.80 6.15 -45.97
CA SER D 80 14.40 5.86 -46.36
C SER D 80 13.47 7.05 -46.12
N ILE D 81 13.82 7.93 -45.18
CA ILE D 81 13.06 9.18 -45.00
C ILE D 81 13.28 10.07 -46.22
N ILE D 82 14.55 10.20 -46.62
CA ILE D 82 14.96 10.96 -47.79
C ILE D 82 14.21 10.41 -49.01
N ALA D 83 14.17 9.09 -49.14
CA ALA D 83 13.53 8.45 -50.29
C ALA D 83 12.11 8.95 -50.53
N ASP D 84 11.37 9.19 -49.45
CA ASP D 84 10.01 9.74 -49.56
C ASP D 84 9.96 11.18 -50.04
N ASP D 85 10.99 11.97 -49.71
CA ASP D 85 11.07 13.37 -50.09
C ASP D 85 11.38 13.58 -51.57
N LEU D 86 12.13 12.64 -52.14
CA LEU D 86 12.74 12.80 -53.46
C LEU D 86 11.84 13.11 -54.66
N PRO D 87 10.62 12.55 -54.73
CA PRO D 87 9.82 12.85 -55.93
C PRO D 87 9.56 14.33 -56.20
N ALA D 88 9.55 15.15 -55.14
CA ALA D 88 9.54 16.62 -55.27
C ALA D 88 10.75 17.19 -56.05
N LYS D 89 11.91 16.56 -55.92
CA LYS D 89 13.12 17.01 -56.60
C LYS D 89 13.43 16.30 -57.94
N LYS D 90 12.55 15.40 -58.39
CA LYS D 90 12.87 14.52 -59.53
C LYS D 90 13.07 15.31 -60.83
N GLU D 91 12.07 16.11 -61.18
CA GLU D 91 12.12 16.88 -62.43
C GLU D 91 13.31 17.84 -62.41
N SER D 92 13.53 18.51 -61.29
CA SER D 92 14.67 19.45 -61.18
C SER D 92 16.03 18.75 -61.41
N ILE D 93 16.26 17.66 -60.68
CA ILE D 93 17.54 16.95 -60.71
C ILE D 93 17.76 16.34 -62.08
N ASP D 94 16.71 15.78 -62.68
CA ASP D 94 16.78 15.24 -64.05
C ASP D 94 17.23 16.30 -65.06
N ASN D 95 16.57 17.45 -65.04
CA ASN D 95 16.99 18.58 -65.88
C ASN D 95 18.48 18.90 -65.63
N TYR D 96 18.88 19.04 -64.36
CA TYR D 96 20.27 19.32 -64.00
C TYR D 96 21.23 18.31 -64.61
N ILE D 97 20.88 17.02 -64.50
CA ILE D 97 21.73 15.90 -64.95
C ILE D 97 21.88 15.87 -66.47
N GLN D 98 20.76 16.07 -67.15
CA GLN D 98 20.64 16.00 -68.63
C GLN D 98 21.27 17.18 -69.35
N ASN D 99 21.27 18.34 -68.69
CA ASN D 99 22.03 19.51 -69.15
C ASN D 99 23.52 19.43 -68.75
N ASP D 100 24.01 18.22 -68.48
CA ASP D 100 25.42 17.92 -68.22
C ASP D 100 25.94 18.52 -66.91
N GLY D 101 25.04 18.67 -65.94
CA GLY D 101 25.41 19.23 -64.63
C GLY D 101 26.32 18.24 -63.91
N VAL D 102 27.31 18.75 -63.20
CA VAL D 102 28.25 17.91 -62.49
C VAL D 102 27.64 17.38 -61.18
N VAL D 103 27.75 16.06 -60.96
CA VAL D 103 27.29 15.41 -59.73
C VAL D 103 28.36 14.47 -59.18
N LEU D 104 28.54 14.44 -57.87
CA LEU D 104 29.29 13.37 -57.22
C LEU D 104 28.37 12.70 -56.23
N ALA D 105 27.98 11.45 -56.50
CA ALA D 105 27.12 10.68 -55.60
C ALA D 105 27.90 9.52 -54.96
N ILE D 106 27.64 9.24 -53.69
CA ILE D 106 28.40 8.24 -52.94
C ILE D 106 27.47 7.32 -52.15
N CYS D 107 27.75 6.03 -52.19
CA CYS D 107 26.99 5.05 -51.42
C CYS D 107 25.49 5.29 -51.56
N GLY D 108 24.78 5.59 -50.47
CA GLY D 108 23.33 5.81 -50.54
C GLY D 108 22.89 6.82 -51.59
N GLY D 109 23.68 7.89 -51.73
CA GLY D 109 23.45 8.93 -52.73
C GLY D 109 23.39 8.29 -54.10
N PHE D 110 24.49 7.66 -54.49
CA PHE D 110 24.59 6.91 -55.74
C PHE D 110 23.37 5.99 -55.97
N GLN D 111 23.02 5.21 -54.96
CA GLN D 111 21.93 4.23 -55.07
C GLN D 111 20.61 4.90 -55.39
N LEU D 112 20.41 6.05 -54.74
CA LEU D 112 19.16 6.79 -54.76
C LEU D 112 18.93 7.57 -56.04
N LEU D 113 20.00 7.97 -56.73
CA LEU D 113 19.85 8.51 -58.09
C LEU D 113 19.12 7.51 -59.01
N GLY D 114 19.34 6.21 -58.81
CA GLY D 114 18.74 5.14 -59.62
C GLY D 114 17.27 4.84 -59.43
N GLN D 115 16.82 3.74 -60.03
CA GLN D 115 15.40 3.35 -60.03
C GLN D 115 14.96 2.92 -58.65
N TYR D 116 15.74 2.05 -58.02
CA TYR D 116 15.52 1.64 -56.65
C TYR D 116 16.76 1.03 -56.01
N TYR D 117 16.59 0.71 -54.73
CA TYR D 117 17.56 -0.05 -53.97
C TYR D 117 16.78 -0.88 -53.01
N VAL D 118 17.31 -2.05 -52.70
CA VAL D 118 16.64 -2.98 -51.80
C VAL D 118 17.45 -3.12 -50.52
N GLU D 119 16.84 -2.76 -49.39
CA GLU D 119 17.49 -2.89 -48.08
C GLU D 119 17.87 -4.35 -47.80
N ALA D 120 18.86 -4.55 -46.94
CA ALA D 120 19.31 -5.90 -46.54
C ALA D 120 18.16 -6.85 -46.13
N SER D 121 17.20 -6.33 -45.36
CA SER D 121 15.97 -7.05 -45.03
C SER D 121 15.15 -7.52 -46.24
N GLY D 122 15.23 -6.77 -47.34
CA GLY D 122 14.46 -7.07 -48.56
C GLY D 122 13.46 -5.99 -48.95
N LYS D 123 13.30 -4.94 -48.15
CA LYS D 123 12.36 -3.86 -48.48
C LYS D 123 12.83 -3.10 -49.73
N ARG D 124 11.94 -3.00 -50.71
CA ARG D 124 12.20 -2.17 -51.88
C ARG D 124 11.98 -0.71 -51.53
N ILE D 125 12.91 0.14 -51.92
CA ILE D 125 12.78 1.59 -51.73
C ILE D 125 13.03 2.28 -53.05
N GLU D 126 12.05 3.06 -53.53
CA GLU D 126 12.17 3.74 -54.80
C GLU D 126 13.08 4.91 -54.69
N GLY D 127 13.88 5.12 -55.73
CA GLY D 127 14.79 6.24 -55.82
C GLY D 127 14.24 7.27 -56.77
N LEU D 128 15.00 8.33 -57.01
CA LEU D 128 14.62 9.37 -57.96
C LEU D 128 14.19 8.78 -59.29
N GLY D 129 15.01 7.87 -59.81
CA GLY D 129 14.79 7.33 -61.14
C GLY D 129 15.21 8.31 -62.22
N VAL D 130 16.11 9.20 -61.89
CA VAL D 130 16.64 10.05 -62.91
C VAL D 130 17.68 9.26 -63.70
N MET D 131 18.10 8.10 -63.19
CA MET D 131 19.08 7.27 -63.87
C MET D 131 18.54 5.87 -64.03
N GLY D 132 19.23 5.04 -64.80
CA GLY D 132 18.73 3.71 -65.10
C GLY D 132 19.10 2.53 -64.27
N HIS D 133 20.11 2.69 -63.44
CA HIS D 133 20.55 1.59 -62.57
C HIS D 133 19.60 1.22 -61.42
N TYR D 134 19.76 -0.01 -60.95
CA TYR D 134 19.12 -0.47 -59.71
C TYR D 134 20.17 -1.08 -58.79
N THR D 135 19.78 -1.25 -57.54
CA THR D 135 20.67 -1.80 -56.53
C THR D 135 19.92 -2.90 -55.82
N LEU D 136 20.54 -4.08 -55.73
CA LEU D 136 19.89 -5.27 -55.24
C LEU D 136 20.36 -5.65 -53.84
N ASN D 137 19.53 -6.54 -53.28
CA ASN D 137 19.57 -7.05 -51.93
C ASN D 137 20.74 -8.01 -51.72
N GLN D 138 21.39 -7.95 -50.57
CA GLN D 138 22.35 -9.00 -50.16
C GLN D 138 22.12 -9.27 -48.66
N THR D 139 21.36 -10.33 -48.36
CA THR D 139 21.07 -10.73 -46.99
C THR D 139 22.34 -11.32 -46.38
N ASN D 140 22.71 -10.82 -45.21
CA ASN D 140 23.77 -11.43 -44.40
C ASN D 140 25.16 -11.53 -45.08
N ASN D 141 25.58 -10.46 -45.75
CA ASN D 141 26.90 -10.41 -46.42
C ASN D 141 27.17 -9.02 -47.04
N ARG D 142 28.43 -8.61 -47.01
CA ARG D 142 28.85 -7.30 -47.51
C ARG D 142 30.08 -7.41 -48.40
N PHE D 143 30.21 -6.48 -49.35
CA PHE D 143 31.43 -6.32 -50.12
C PHE D 143 32.32 -5.37 -49.34
N ILE D 144 33.11 -5.91 -48.42
CA ILE D 144 34.04 -5.09 -47.63
C ILE D 144 35.43 -5.33 -48.18
N GLY D 145 36.21 -4.25 -48.36
CA GLY D 145 37.62 -4.40 -48.65
C GLY D 145 38.24 -3.24 -49.41
N ASP D 146 39.54 -3.37 -49.63
CA ASP D 146 40.31 -2.44 -50.45
C ASP D 146 39.88 -2.58 -51.92
N ILE D 147 40.07 -1.52 -52.71
CA ILE D 147 39.63 -1.49 -54.11
C ILE D 147 40.37 -0.47 -54.96
N LYS D 148 40.60 -0.82 -56.21
CA LYS D 148 41.30 0.04 -57.17
C LYS D 148 40.63 -0.10 -58.51
N ILE D 149 40.37 1.02 -59.17
CA ILE D 149 39.71 1.02 -60.46
C ILE D 149 40.45 1.89 -61.43
N HIS D 150 40.11 1.72 -62.70
CA HIS D 150 40.70 2.47 -63.78
C HIS D 150 39.61 2.89 -64.80
N ASN D 151 39.52 4.20 -65.03
CA ASN D 151 38.61 4.78 -66.03
C ASN D 151 39.36 4.93 -67.35
N GLU D 152 39.02 4.10 -68.33
CA GLU D 152 39.74 4.09 -69.61
C GLU D 152 39.59 5.38 -70.42
N ASP D 153 38.48 6.11 -70.24
CA ASP D 153 38.27 7.36 -70.96
C ASP D 153 39.15 8.51 -70.50
N PHE D 154 39.63 8.49 -69.26
CA PHE D 154 40.51 9.55 -68.77
C PHE D 154 41.93 9.06 -68.52
N ASP D 155 42.16 7.76 -68.78
CA ASP D 155 43.36 7.05 -68.32
C ASP D 155 43.73 7.54 -66.91
N GLU D 156 42.80 7.31 -65.99
CA GLU D 156 42.91 7.67 -64.57
C GLU D 156 42.58 6.49 -63.66
N THR D 157 43.37 6.40 -62.60
CA THR D 157 43.23 5.35 -61.60
C THR D 157 42.70 5.98 -60.28
N TYR D 158 41.58 5.43 -59.77
CA TYR D 158 41.04 5.84 -58.49
C TYR D 158 41.09 4.68 -57.51
N TYR D 159 41.52 4.99 -56.28
CA TYR D 159 41.61 4.04 -55.16
C TYR D 159 40.61 4.37 -54.05
N GLY D 160 40.20 3.34 -53.31
CA GLY D 160 39.39 3.54 -52.12
C GLY D 160 39.18 2.30 -51.27
N PHE D 161 38.31 2.46 -50.27
CA PHE D 161 37.81 1.37 -49.45
C PHE D 161 36.30 1.27 -49.62
N GLU D 162 35.79 0.05 -49.83
CA GLU D 162 34.37 -0.18 -50.10
C GLU D 162 33.78 -0.94 -48.95
N ASN D 163 32.50 -0.71 -48.69
CA ASN D 163 31.82 -1.44 -47.64
C ASN D 163 30.34 -1.33 -47.85
N HIS D 164 29.73 -2.32 -48.50
CA HIS D 164 28.31 -2.21 -48.87
C HIS D 164 27.61 -3.51 -49.16
N GLN D 165 26.36 -3.57 -48.79
CA GLN D 165 25.59 -4.76 -49.02
C GLN D 165 24.98 -4.68 -50.38
N GLY D 166 24.62 -3.49 -50.80
CA GLY D 166 23.93 -3.32 -52.08
C GLY D 166 24.71 -3.78 -53.28
N ARG D 167 24.01 -4.37 -54.23
CA ARG D 167 24.60 -4.86 -55.48
C ARG D 167 24.09 -4.02 -56.65
N THR D 168 24.81 -2.97 -57.04
CA THR D 168 24.32 -2.09 -58.09
C THR D 168 24.53 -2.73 -59.49
N PHE D 169 23.50 -2.59 -60.33
CA PHE D 169 23.53 -3.08 -61.71
C PHE D 169 23.25 -1.90 -62.66
N LEU D 170 24.26 -1.48 -63.41
CA LEU D 170 24.10 -0.36 -64.35
C LEU D 170 23.20 -0.73 -65.54
N SER D 171 22.70 0.29 -66.22
CA SER D 171 21.88 0.11 -67.42
C SER D 171 22.76 0.17 -68.68
N ASP D 172 22.16 -0.18 -69.82
CA ASP D 172 22.86 -0.22 -71.11
C ASP D 172 23.51 1.09 -71.51
N ASP D 173 22.85 2.17 -71.15
CA ASP D 173 23.31 3.53 -71.47
C ASP D 173 24.31 4.14 -70.47
N GLN D 174 24.76 3.36 -69.49
CA GLN D 174 25.70 3.85 -68.48
C GLN D 174 27.05 3.15 -68.60
N LYS D 175 28.13 3.90 -68.38
CA LYS D 175 29.43 3.28 -68.13
C LYS D 175 29.70 3.34 -66.64
N PRO D 176 30.52 2.41 -66.10
CA PRO D 176 30.98 2.51 -64.71
C PRO D 176 31.97 3.62 -64.50
N LEU D 177 32.25 3.97 -63.25
CA LEU D 177 33.25 5.01 -62.97
C LEU D 177 34.63 4.50 -63.38
N GLY D 178 34.84 3.19 -63.25
CA GLY D 178 36.05 2.52 -63.75
C GLY D 178 35.87 1.02 -63.82
N GLN D 179 36.81 0.33 -64.44
CA GLN D 179 36.84 -1.13 -64.37
C GLN D 179 37.61 -1.51 -63.12
N VAL D 180 37.21 -2.61 -62.50
CA VAL D 180 37.83 -3.06 -61.27
C VAL D 180 39.22 -3.61 -61.61
N VAL D 181 40.19 -3.35 -60.76
CA VAL D 181 41.53 -3.93 -60.88
C VAL D 181 41.69 -4.98 -59.77
N TYR D 182 41.38 -4.59 -58.53
CA TYR D 182 41.08 -5.54 -57.47
C TYR D 182 39.92 -4.98 -56.65
N GLY D 183 39.23 -5.85 -55.90
CA GLY D 183 38.04 -5.49 -55.10
C GLY D 183 36.78 -5.99 -55.78
N ASN D 184 35.61 -5.73 -55.20
CA ASN D 184 34.33 -6.16 -55.79
C ASN D 184 33.70 -5.10 -56.68
N GLY D 185 33.63 -3.88 -56.15
CA GLY D 185 32.91 -2.80 -56.80
C GLY D 185 31.41 -2.97 -56.78
N ASN D 186 30.75 -2.72 -57.92
CA ASN D 186 29.28 -2.55 -57.96
C ASN D 186 28.52 -3.77 -57.55
N ASN D 187 28.98 -4.96 -57.96
CA ASN D 187 28.22 -6.18 -57.70
C ASN D 187 29.04 -7.47 -57.67
N GLU D 188 28.35 -8.60 -57.52
CA GLU D 188 29.00 -9.89 -57.47
C GLU D 188 29.93 -10.19 -58.66
N GLU D 189 29.67 -9.61 -59.83
CA GLU D 189 30.50 -9.91 -61.03
C GLU D 189 31.91 -9.29 -61.07
N LYS D 190 32.22 -8.37 -60.17
CA LYS D 190 33.58 -7.82 -60.04
C LYS D 190 34.16 -7.25 -61.35
N VAL D 191 33.31 -6.66 -62.19
CA VAL D 191 33.73 -6.06 -63.47
C VAL D 191 33.90 -4.55 -63.33
N GLY D 192 32.77 -3.89 -63.03
CA GLY D 192 32.68 -2.43 -63.02
C GLY D 192 32.41 -1.88 -61.62
N GLU D 193 32.82 -0.64 -61.38
CA GLU D 193 32.52 0.07 -60.14
C GLU D 193 31.98 1.47 -60.38
N GLY D 194 30.98 1.83 -59.61
CA GLY D 194 30.39 3.16 -59.71
C GLY D 194 29.65 3.38 -61.00
N VAL D 195 29.60 4.65 -61.40
CA VAL D 195 28.97 5.05 -62.66
C VAL D 195 29.58 6.35 -63.18
N HIS D 196 29.39 6.55 -64.47
CA HIS D 196 29.83 7.74 -65.14
C HIS D 196 28.88 8.09 -66.25
N TYR D 197 27.89 8.90 -65.94
CA TYR D 197 26.92 9.35 -66.92
C TYR D 197 27.27 10.80 -67.30
N LYS D 198 26.31 11.60 -67.73
CA LYS D 198 26.65 12.95 -68.08
C LYS D 198 27.15 13.71 -66.87
N ASN D 199 28.46 13.74 -66.72
CA ASN D 199 29.09 14.42 -65.60
C ASN D 199 28.65 13.97 -64.22
N VAL D 200 28.00 12.81 -64.16
CA VAL D 200 27.62 12.16 -62.92
C VAL D 200 28.77 11.22 -62.58
N PHE D 201 29.13 11.19 -61.32
CA PHE D 201 30.21 10.38 -60.85
C PHE D 201 29.69 9.68 -59.61
N GLY D 202 29.28 8.43 -59.80
CA GLY D 202 28.84 7.57 -58.70
C GLY D 202 29.94 6.65 -58.25
N SER D 203 29.87 6.23 -57.01
CA SER D 203 30.84 5.29 -56.47
C SER D 203 30.39 4.87 -55.10
N TYR D 204 30.91 3.73 -54.65
CA TYR D 204 30.74 3.24 -53.27
C TYR D 204 32.01 3.48 -52.41
N PHE D 205 32.96 4.25 -52.96
CA PHE D 205 34.26 4.46 -52.34
C PHE D 205 34.16 5.33 -51.09
N HIS D 206 34.64 4.79 -49.98
CA HIS D 206 34.92 5.59 -48.80
C HIS D 206 36.37 6.08 -48.88
N GLY D 207 36.77 6.93 -47.93
CA GLY D 207 38.12 7.50 -47.92
C GLY D 207 38.28 8.76 -47.08
N PRO D 208 37.58 9.85 -47.42
CA PRO D 208 36.60 9.96 -48.50
C PRO D 208 37.24 9.99 -49.90
N ILE D 209 36.45 9.67 -50.93
CA ILE D 209 36.97 9.46 -52.30
C ILE D 209 37.86 10.60 -52.86
N LEU D 210 37.53 11.85 -52.54
CA LEU D 210 38.28 13.01 -53.02
C LEU D 210 39.60 13.31 -52.26
N SER D 211 39.71 12.86 -51.01
CA SER D 211 40.94 12.98 -50.23
C SER D 211 41.98 12.02 -50.80
N ARG D 212 41.54 10.78 -50.98
CA ARG D 212 42.37 9.70 -51.47
C ARG D 212 42.71 9.90 -52.94
N ASN D 213 41.83 10.54 -53.71
CA ASN D 213 42.02 10.74 -55.15
C ASN D 213 41.89 12.21 -55.56
N ALA D 214 42.93 12.99 -55.33
CA ALA D 214 42.95 14.40 -55.73
C ALA D 214 42.69 14.61 -57.24
N ASN D 215 43.10 13.64 -58.06
CA ASN D 215 42.82 13.71 -59.49
C ASN D 215 41.33 13.74 -59.85
N LEU D 216 40.49 13.04 -59.09
CA LEU D 216 39.03 13.11 -59.29
C LEU D 216 38.46 14.45 -58.77
N ALA D 217 39.01 14.94 -57.66
CA ALA D 217 38.62 16.25 -57.13
C ALA D 217 38.84 17.34 -58.17
N TYR D 218 40.02 17.33 -58.75
CA TYR D 218 40.41 18.25 -59.83
C TYR D 218 39.48 18.13 -61.04
N ARG D 219 39.15 16.91 -61.45
CA ARG D 219 38.30 16.70 -62.62
C ARG D 219 36.90 17.27 -62.41
N LEU D 220 36.31 17.00 -61.25
CA LEU D 220 34.94 17.44 -60.95
C LEU D 220 34.81 18.96 -60.97
N VAL D 221 35.72 19.61 -60.24
CA VAL D 221 35.69 21.06 -60.10
C VAL D 221 36.04 21.80 -61.40
N THR D 222 36.96 21.25 -62.22
CA THR D 222 37.32 21.86 -63.51
C THR D 222 36.24 21.61 -64.54
N THR D 223 35.74 20.38 -64.61
CA THR D 223 34.58 20.06 -65.47
C THR D 223 33.44 21.06 -65.20
N ALA D 224 33.21 21.38 -63.92
CA ALA D 224 32.16 22.35 -63.54
C ALA D 224 32.48 23.78 -64.01
N LEU D 225 33.71 24.24 -63.74
CA LEU D 225 34.19 25.57 -64.15
C LEU D 225 34.19 25.76 -65.66
N LYS D 226 34.74 24.80 -66.40
CA LYS D 226 34.73 24.87 -67.86
C LYS D 226 33.32 24.87 -68.44
N LYS D 227 32.37 24.19 -67.80
CA LYS D 227 31.00 24.22 -68.30
C LYS D 227 30.39 25.61 -68.12
N LYS D 228 30.69 26.27 -67.01
CA LYS D 228 30.09 27.56 -66.66
C LYS D 228 30.79 28.70 -67.41
N TYR D 229 32.13 28.67 -67.42
CA TYR D 229 32.95 29.75 -67.97
C TYR D 229 33.58 29.44 -69.33
N GLY D 230 33.13 28.37 -69.99
CA GLY D 230 33.61 28.02 -71.34
C GLY D 230 34.89 27.20 -71.36
N GLN D 231 34.92 26.19 -72.25
CA GLN D 231 36.01 25.20 -72.33
C GLN D 231 37.41 25.79 -72.55
N ASP D 232 37.45 27.00 -73.09
CA ASP D 232 38.67 27.67 -73.46
C ASP D 232 39.50 28.14 -72.28
N ILE D 233 38.83 28.42 -71.14
CA ILE D 233 39.52 28.97 -69.94
C ILE D 233 40.77 28.19 -69.56
N GLN D 234 41.69 28.90 -68.92
CA GLN D 234 42.96 28.29 -68.57
C GLN D 234 43.14 28.27 -67.07
N LEU D 235 43.16 27.05 -66.52
CA LEU D 235 43.15 26.82 -65.08
C LEU D 235 44.52 26.32 -64.66
N PRO D 236 44.93 26.62 -63.40
CA PRO D 236 46.24 26.11 -62.94
C PRO D 236 46.38 24.61 -63.09
N ALA D 237 47.58 24.15 -63.42
CA ALA D 237 47.77 22.74 -63.77
C ALA D 237 47.54 21.85 -62.55
N TYR D 238 47.05 20.64 -62.81
CA TYR D 238 46.84 19.63 -61.77
C TYR D 238 48.10 19.49 -60.87
N GLU D 239 49.28 19.32 -61.47
CA GLU D 239 50.51 19.09 -60.70
C GLU D 239 51.00 20.35 -59.96
N ASP D 240 50.64 21.54 -60.47
CA ASP D 240 51.06 22.80 -59.84
C ASP D 240 50.35 23.09 -58.53
N ILE D 241 49.02 22.96 -58.51
CA ILE D 241 48.22 23.35 -57.32
C ILE D 241 48.05 22.28 -56.25
N LEU D 242 47.98 21.01 -56.67
CA LEU D 242 47.74 19.87 -55.78
C LEU D 242 48.97 18.99 -55.61
N SER D 243 50.16 19.58 -55.67
CA SER D 243 51.42 18.82 -55.65
C SER D 243 51.57 18.03 -54.34
N GLN D 244 51.12 18.64 -53.24
CA GLN D 244 51.25 18.04 -51.91
C GLN D 244 50.33 16.84 -51.70
N GLU D 245 49.28 16.70 -52.50
CA GLU D 245 48.27 15.65 -52.32
C GLU D 245 48.41 14.52 -53.36
N ILE D 246 49.61 14.34 -53.94
CA ILE D 246 49.84 13.37 -55.03
C ILE D 246 50.88 12.28 -54.67
N ALA D 247 50.42 11.03 -54.59
CA ALA D 247 51.29 9.87 -54.32
C ALA D 247 52.18 9.55 -55.54
N SER E 61 20.81 -27.21 18.09
CA SER E 61 22.08 -26.43 18.11
C SER E 61 22.13 -25.43 19.30
N LEU E 62 21.66 -25.88 20.47
CA LEU E 62 21.61 -25.04 21.68
C LEU E 62 21.98 -25.84 22.95
N ALA E 63 22.75 -25.19 23.82
CA ALA E 63 23.02 -25.69 25.19
C ALA E 63 22.34 -24.80 26.28
N LYS E 64 21.17 -25.24 26.74
CA LYS E 64 20.46 -24.62 27.87
C LYS E 64 20.95 -25.00 29.28
N ASN E 65 22.26 -25.25 29.47
CA ASN E 65 22.83 -25.55 30.81
C ASN E 65 23.16 -24.27 31.61
N TYR E 66 22.36 -23.19 31.44
CA TYR E 66 22.76 -21.86 31.87
C TYR E 66 21.59 -21.02 32.35
N GLU E 67 21.71 -20.46 33.55
CA GLU E 67 20.86 -19.33 33.94
C GLU E 67 21.36 -18.17 33.07
N ILE E 68 20.45 -17.52 32.37
CA ILE E 68 20.81 -16.61 31.30
C ILE E 68 20.03 -15.27 31.37
N VAL E 69 20.79 -14.18 31.32
CA VAL E 69 20.29 -12.80 31.39
C VAL E 69 20.50 -12.16 30.03
N VAL E 70 19.44 -11.59 29.42
CA VAL E 70 19.57 -10.81 28.18
C VAL E 70 19.39 -9.31 28.46
N VAL E 71 20.17 -8.49 27.75
CA VAL E 71 20.24 -7.04 27.95
C VAL E 71 19.99 -6.37 26.61
N THR E 72 18.86 -5.66 26.48
CA THR E 72 18.49 -4.93 25.24
C THR E 72 18.24 -3.46 25.59
N GLY E 73 17.76 -2.70 24.62
CA GLY E 73 17.47 -1.27 24.77
C GLY E 73 18.22 -0.51 23.70
N THR E 74 17.91 0.76 23.53
CA THR E 74 18.50 1.54 22.45
C THR E 74 19.88 2.06 22.81
N ASN E 75 20.07 2.55 24.03
CA ASN E 75 21.36 3.13 24.45
C ASN E 75 22.03 2.36 25.59
N GLY E 76 23.35 2.20 25.46
CA GLY E 76 24.21 1.73 26.55
C GLY E 76 24.16 0.26 26.90
N LYS E 77 23.90 -0.60 25.94
CA LYS E 77 23.88 -2.05 26.21
C LYS E 77 25.27 -2.59 26.50
N THR E 78 26.22 -2.36 25.61
CA THR E 78 27.56 -2.94 25.74
C THR E 78 28.14 -2.64 27.13
N LEU E 79 28.06 -1.37 27.57
CA LEU E 79 28.58 -0.98 28.89
C LEU E 79 27.91 -1.73 30.00
N THR E 80 26.58 -1.65 30.02
CA THR E 80 25.80 -2.34 31.03
C THR E 80 26.14 -3.83 31.06
N THR E 81 26.25 -4.44 29.90
CA THR E 81 26.56 -5.86 29.80
C THR E 81 27.98 -6.13 30.28
N ALA E 82 28.94 -5.38 29.75
CA ALA E 82 30.35 -5.54 30.12
C ALA E 82 30.59 -5.37 31.61
N LEU E 83 29.88 -4.41 32.19
CA LEU E 83 29.96 -4.14 33.63
C LEU E 83 29.35 -5.27 34.45
N THR E 84 28.14 -5.69 34.04
CA THR E 84 27.46 -6.83 34.66
C THR E 84 28.30 -8.10 34.69
N VAL E 85 29.09 -8.35 33.64
CA VAL E 85 29.98 -9.52 33.61
C VAL E 85 31.05 -9.43 34.68
N GLY E 86 31.83 -8.34 34.65
CA GLY E 86 32.89 -8.09 35.63
C GLY E 86 32.42 -8.24 37.07
N ILE E 87 31.23 -7.73 37.36
CA ILE E 87 30.64 -7.86 38.67
C ILE E 87 30.38 -9.33 38.97
N LEU E 88 29.62 -9.99 38.12
CA LEU E 88 29.26 -11.39 38.33
C LEU E 88 30.46 -12.35 38.33
N LYS E 89 31.57 -12.00 37.69
CA LYS E 89 32.80 -12.86 37.74
C LYS E 89 33.33 -12.97 39.17
N GLU E 90 33.18 -11.89 39.92
CA GLU E 90 33.54 -11.87 41.34
C GLU E 90 32.58 -12.70 42.24
N VAL E 91 31.51 -13.26 41.68
CA VAL E 91 30.56 -14.14 42.40
C VAL E 91 30.55 -15.58 41.86
N TYR E 92 30.50 -15.74 40.53
CA TYR E 92 30.41 -17.04 39.86
C TYR E 92 31.68 -17.50 39.11
N GLY E 93 32.67 -16.61 38.99
CA GLY E 93 33.97 -16.94 38.38
C GLY E 93 33.98 -16.93 36.85
N GLN E 94 33.31 -17.91 36.27
CA GLN E 94 33.16 -18.04 34.82
C GLN E 94 31.80 -17.46 34.47
N VAL E 95 31.78 -16.37 33.69
CA VAL E 95 30.55 -15.72 33.21
C VAL E 95 30.61 -15.66 31.69
N LEU E 96 29.62 -16.25 31.03
CA LEU E 96 29.62 -16.37 29.57
C LEU E 96 28.97 -15.19 28.90
N THR E 97 29.67 -14.54 27.97
CA THR E 97 29.15 -13.37 27.29
C THR E 97 29.56 -13.37 25.81
N ASN E 98 29.24 -12.27 25.11
CA ASN E 98 29.34 -12.21 23.65
C ASN E 98 29.89 -10.85 23.16
N PRO E 99 31.21 -10.82 22.77
CA PRO E 99 32.05 -9.62 22.66
C PRO E 99 31.42 -8.34 22.14
N SER E 100 30.47 -8.45 21.22
CA SER E 100 29.60 -7.35 20.74
C SER E 100 29.21 -7.62 19.27
N ASN E 103 23.53 -10.61 17.43
CA ASN E 103 22.34 -11.12 16.72
C ASN E 103 22.34 -12.66 16.80
N MET E 104 21.55 -13.35 15.95
CA MET E 104 21.59 -14.84 15.80
C MET E 104 22.96 -15.53 15.76
N ILE E 105 24.00 -14.79 15.37
CA ILE E 105 25.38 -15.29 15.36
C ILE E 105 25.92 -15.64 16.79
N THR E 106 25.24 -15.20 17.86
CA THR E 106 25.67 -15.47 19.28
C THR E 106 25.81 -16.96 19.67
N GLY E 107 25.41 -17.89 18.79
CA GLY E 107 25.94 -19.27 18.81
C GLY E 107 27.46 -19.31 19.01
N ILE E 108 28.17 -18.39 18.34
CA ILE E 108 29.61 -18.14 18.59
C ILE E 108 29.85 -17.77 20.06
N ASN E 123 26.12 -22.42 36.62
CA ASN E 123 26.68 -21.15 36.21
C ASN E 123 25.93 -20.33 35.12
N ILE E 124 26.39 -19.09 34.92
CA ILE E 124 25.56 -17.98 34.40
C ILE E 124 26.12 -17.31 33.13
N ALA E 125 25.20 -16.85 32.29
CA ALA E 125 25.54 -16.11 31.06
C ALA E 125 24.76 -14.79 30.93
N VAL E 126 25.42 -13.77 30.38
CA VAL E 126 24.83 -12.45 30.19
C VAL E 126 25.06 -12.02 28.72
N LEU E 127 23.95 -11.87 27.97
CA LEU E 127 24.01 -11.63 26.54
C LEU E 127 23.50 -10.24 26.18
N GLU E 128 24.26 -9.54 25.34
CA GLU E 128 23.76 -8.34 24.65
C GLU E 128 22.97 -8.81 23.45
N ILE E 129 21.68 -8.46 23.39
CA ILE E 129 20.83 -8.83 22.26
C ILE E 129 20.29 -7.58 21.59
N ASP E 130 20.15 -7.66 20.26
CA ASP E 130 19.54 -6.58 19.50
C ASP E 130 18.00 -6.64 19.60
N GLU E 131 17.39 -5.48 19.85
CA GLU E 131 15.93 -5.32 19.88
C GLU E 131 15.18 -6.19 18.87
N ALA E 132 15.60 -6.08 17.61
CA ALA E 132 14.98 -6.78 16.48
C ALA E 132 15.07 -8.30 16.64
N SER E 133 16.31 -8.79 16.69
CA SER E 133 16.62 -10.22 16.74
C SER E 133 16.01 -10.98 17.91
N LEU E 134 15.69 -10.27 19.01
CA LEU E 134 15.23 -10.90 20.27
C LEU E 134 14.06 -11.88 20.12
N SER E 135 13.07 -11.53 19.31
CA SER E 135 11.90 -12.40 19.07
C SER E 135 12.31 -13.80 18.59
N ARG E 136 13.24 -13.81 17.64
CA ARG E 136 13.78 -15.04 17.04
C ARG E 136 14.57 -15.89 18.08
N ILE E 137 15.54 -15.26 18.74
CA ILE E 137 16.38 -15.92 19.76
C ILE E 137 15.51 -16.59 20.85
N CYS E 138 14.42 -15.94 21.25
CA CYS E 138 13.55 -16.48 22.31
C CYS E 138 12.74 -17.72 21.96
N ASP E 139 12.84 -18.18 20.71
CA ASP E 139 12.42 -19.54 20.35
C ASP E 139 13.42 -20.54 20.91
N TYR E 140 14.70 -20.27 20.70
CA TYR E 140 15.79 -21.15 21.12
C TYR E 140 16.07 -21.10 22.63
N ILE E 141 16.63 -20.00 23.13
CA ILE E 141 16.94 -19.86 24.57
C ILE E 141 15.71 -19.45 25.41
N GLN E 142 15.83 -19.68 26.71
CA GLN E 142 14.72 -19.53 27.67
C GLN E 142 15.24 -18.69 28.86
N PRO E 143 15.39 -17.35 28.68
CA PRO E 143 16.10 -16.58 29.69
C PRO E 143 15.38 -16.43 31.03
N SER E 144 16.15 -16.17 32.09
CA SER E 144 15.62 -15.92 33.45
C SER E 144 15.35 -14.44 33.72
N LEU E 145 16.14 -13.57 33.08
CA LEU E 145 16.03 -12.13 33.24
C LEU E 145 16.16 -11.38 31.89
N PHE E 146 15.17 -10.54 31.60
CA PHE E 146 15.22 -9.56 30.53
C PHE E 146 15.48 -8.19 31.19
N VAL E 147 16.42 -7.44 30.63
CA VAL E 147 16.77 -6.14 31.14
C VAL E 147 16.69 -5.16 30.01
N ILE E 148 15.89 -4.12 30.17
CA ILE E 148 15.81 -3.01 29.19
C ILE E 148 16.37 -1.75 29.84
N THR E 149 17.55 -1.33 29.36
CA THR E 149 18.24 -0.14 29.87
C THR E 149 17.42 1.15 29.71
N ASN E 150 16.87 1.31 28.50
CA ASN E 150 15.96 2.42 28.11
C ASN E 150 15.69 2.31 26.61
N ILE E 151 14.68 3.04 26.13
CA ILE E 151 14.37 3.11 24.70
C ILE E 151 14.11 4.56 24.30
N PHE E 152 15.04 5.13 23.51
CA PHE E 152 14.87 6.44 22.87
C PHE E 152 14.89 6.27 21.34
N ARG E 153 14.36 7.25 20.62
CA ARG E 153 14.24 7.17 19.16
C ARG E 153 15.47 7.74 18.41
N ASP E 154 15.62 7.31 17.16
CA ASP E 154 16.57 7.90 16.19
C ASP E 154 16.16 9.36 15.88
N GLN E 155 16.96 10.04 15.05
CA GLN E 155 16.74 11.45 14.64
C GLN E 155 16.43 12.44 15.80
N GLU E 161 8.43 3.43 15.50
CA GLU E 161 9.30 4.44 16.08
C GLU E 161 9.78 3.90 17.48
N ILE E 162 9.43 4.57 18.58
CA ILE E 162 9.70 4.07 19.94
C ILE E 162 8.79 2.91 20.26
N TYR E 163 7.47 3.17 20.18
CA TYR E 163 6.45 2.24 20.66
C TYR E 163 6.45 0.91 19.91
N THR E 164 6.93 0.90 18.66
CA THR E 164 7.03 -0.33 17.87
C THR E 164 8.20 -1.22 18.32
N THR E 165 9.38 -0.64 18.56
CA THR E 165 10.52 -1.42 19.08
C THR E 165 10.36 -1.83 20.55
N TYR E 166 9.54 -1.11 21.31
CA TYR E 166 9.17 -1.55 22.67
C TYR E 166 8.27 -2.78 22.56
N ASN E 167 7.23 -2.69 21.74
CA ASN E 167 6.30 -3.82 21.54
C ASN E 167 6.94 -5.01 20.80
N MET E 168 8.03 -4.77 20.07
CA MET E 168 8.84 -5.85 19.48
C MET E 168 9.54 -6.67 20.57
N ILE E 169 10.20 -5.97 21.52
CA ILE E 169 10.86 -6.61 22.69
C ILE E 169 9.80 -7.23 23.61
N LEU E 170 8.66 -6.58 23.73
CA LEU E 170 7.61 -7.05 24.60
C LEU E 170 6.97 -8.32 24.04
N ASP E 171 6.93 -8.44 22.71
CA ASP E 171 6.39 -9.67 22.09
C ASP E 171 7.32 -10.88 22.26
N ALA E 172 8.63 -10.65 22.15
CA ALA E 172 9.63 -11.67 22.51
C ALA E 172 9.46 -12.17 23.95
N ILE E 173 9.27 -11.25 24.87
CA ILE E 173 9.15 -11.57 26.29
C ILE E 173 7.88 -12.39 26.63
N ARG E 174 6.83 -12.30 25.80
CA ARG E 174 5.63 -13.13 25.99
C ARG E 174 5.95 -14.59 25.84
N LYS E 175 6.86 -14.89 24.91
CA LYS E 175 7.30 -16.27 24.65
C LYS E 175 7.92 -16.99 25.85
N VAL E 176 8.41 -16.24 26.84
CA VAL E 176 9.09 -16.81 27.98
C VAL E 176 8.43 -16.28 29.25
N PRO E 177 7.24 -16.79 29.58
CA PRO E 177 6.47 -16.23 30.71
C PRO E 177 7.08 -16.47 32.12
N THR E 178 8.04 -17.40 32.21
CA THR E 178 8.79 -17.67 33.43
C THR E 178 9.82 -16.59 33.80
N ALA E 179 10.26 -15.79 32.83
CA ALA E 179 11.29 -14.76 33.08
C ALA E 179 10.78 -13.60 33.94
N THR E 180 11.72 -12.96 34.64
CA THR E 180 11.49 -11.67 35.30
C THR E 180 12.02 -10.60 34.33
N VAL E 181 11.38 -9.43 34.32
CA VAL E 181 11.78 -8.31 33.47
C VAL E 181 12.22 -7.17 34.37
N LEU E 182 13.45 -6.69 34.15
CA LEU E 182 14.03 -5.60 34.91
C LEU E 182 14.08 -4.36 34.02
N LEU E 183 13.34 -3.34 34.41
CA LEU E 183 13.17 -2.14 33.59
C LEU E 183 13.65 -0.88 34.31
N ASN E 184 14.01 0.13 33.54
CA ASN E 184 14.33 1.45 34.08
C ASN E 184 13.05 2.14 34.53
N GLY E 185 12.69 1.92 35.80
CA GLY E 185 11.47 2.51 36.37
C GLY E 185 11.24 3.99 36.07
N ASP E 186 12.35 4.74 36.05
CA ASP E 186 12.35 6.18 35.78
C ASP E 186 11.80 6.60 34.42
N SER E 187 11.77 5.71 33.43
CA SER E 187 11.10 5.98 32.14
C SER E 187 9.58 5.69 32.19
N PRO E 188 8.74 6.65 31.74
CA PRO E 188 7.30 6.41 31.60
C PRO E 188 6.91 5.30 30.66
N LEU E 189 7.74 5.04 29.65
CA LEU E 189 7.46 4.02 28.65
C LEU E 189 7.25 2.64 29.30
N PHE E 190 8.00 2.40 30.37
CA PHE E 190 7.85 1.21 31.22
C PHE E 190 6.95 1.56 32.39
N TYR E 191 5.71 1.15 32.27
CA TYR E 191 4.71 1.47 33.24
C TYR E 191 3.62 0.50 32.94
N LYS E 192 3.33 -0.36 33.89
CA LYS E 192 2.40 -1.45 33.70
C LYS E 192 2.47 -2.10 32.30
N PRO E 193 3.63 -2.72 31.96
CA PRO E 193 3.74 -3.43 30.68
C PRO E 193 2.64 -4.46 30.53
N THR E 194 2.08 -4.55 29.33
CA THR E 194 1.06 -5.58 29.00
C THR E 194 1.76 -6.93 28.77
N ILE E 195 2.31 -7.49 29.84
CA ILE E 195 2.85 -8.84 29.85
C ILE E 195 2.55 -9.44 31.23
N PRO E 196 2.39 -10.76 31.30
CA PRO E 196 2.10 -11.39 32.58
C PRO E 196 3.33 -11.46 33.52
N ASN E 197 4.54 -11.38 32.95
CA ASN E 197 5.79 -11.62 33.69
C ASN E 197 5.88 -10.71 34.90
N PRO E 198 6.57 -11.16 35.97
CA PRO E 198 6.73 -10.29 37.13
C PRO E 198 7.75 -9.19 36.77
N ILE E 199 7.40 -7.92 37.04
CA ILE E 199 8.26 -6.78 36.67
C ILE E 199 9.03 -6.26 37.88
N GLU E 200 10.28 -5.89 37.66
CA GLU E 200 11.10 -5.26 38.66
C GLU E 200 11.76 -4.03 38.07
N TYR E 201 11.85 -2.98 38.87
CA TYR E 201 12.24 -1.66 38.40
C TYR E 201 13.48 -1.15 39.14
N PHE E 202 14.41 -0.53 38.41
CA PHE E 202 15.50 0.26 39.02
C PHE E 202 15.34 1.75 38.73
N GLY E 203 15.85 2.59 39.61
CA GLY E 203 15.68 4.03 39.47
C GLY E 203 16.48 4.90 40.40
N PHE E 204 16.50 6.19 40.11
CA PHE E 204 17.04 7.20 41.00
C PHE E 204 15.92 7.56 41.96
N ASP E 205 15.98 7.03 43.18
CA ASP E 205 14.99 7.35 44.23
C ASP E 205 15.53 8.49 45.07
N LEU E 206 15.45 9.70 44.51
CA LEU E 206 16.01 10.87 45.14
C LEU E 206 14.89 11.67 45.77
N GLU E 207 15.30 12.72 46.50
CA GLU E 207 14.38 13.62 47.21
C GLU E 207 13.42 14.29 46.23
N LYS E 208 12.12 14.12 46.50
CA LYS E 208 11.06 14.67 45.69
C LYS E 208 10.81 16.13 46.07
N GLY E 209 10.88 17.01 45.07
CA GLY E 209 10.47 18.39 45.23
C GLY E 209 9.04 18.55 44.75
N PRO E 210 8.61 19.80 44.57
CA PRO E 210 7.28 20.04 44.00
C PRO E 210 7.31 19.78 42.50
N ALA E 211 6.21 19.26 41.95
CA ALA E 211 6.17 18.83 40.55
C ALA E 211 6.45 19.97 39.58
N GLN E 212 7.35 19.74 38.64
CA GLN E 212 7.72 20.72 37.63
C GLN E 212 7.72 20.02 36.29
N LEU E 213 7.34 20.78 35.26
CA LEU E 213 7.46 20.32 33.88
C LEU E 213 8.91 20.14 33.50
N ALA E 214 9.16 19.30 32.49
CA ALA E 214 10.50 19.18 31.92
C ALA E 214 10.69 20.30 30.89
N HIS E 215 11.94 20.53 30.50
CA HIS E 215 12.25 21.49 29.46
C HIS E 215 11.42 21.15 28.22
N TYR E 216 10.89 22.17 27.54
CA TYR E 216 9.90 21.97 26.44
C TYR E 216 10.35 21.07 25.27
N ASN E 217 11.65 21.05 24.98
CA ASN E 217 12.21 20.13 23.98
C ASN E 217 12.31 18.66 24.41
N THR E 218 11.95 18.35 25.64
CA THR E 218 11.94 16.96 26.10
C THR E 218 10.82 16.16 25.45
N GLU E 219 11.21 15.04 24.85
CA GLU E 219 10.29 14.17 24.14
C GLU E 219 9.71 13.12 25.05
N GLY E 220 8.51 12.67 24.71
CA GLY E 220 7.83 11.56 25.42
C GLY E 220 7.33 11.87 26.81
N ILE E 221 6.48 12.90 26.92
CA ILE E 221 6.02 13.39 28.22
C ILE E 221 4.51 13.30 28.41
N LEU E 222 3.84 12.41 27.70
CA LEU E 222 2.39 12.23 27.87
C LEU E 222 2.15 11.05 28.83
N CYS E 223 1.21 11.16 29.81
CA CYS E 223 0.98 10.02 30.74
C CYS E 223 0.50 8.87 29.89
N PRO E 224 1.03 7.67 30.14
CA PRO E 224 0.57 6.52 29.38
C PRO E 224 -0.89 6.09 29.61
N ASP E 225 -1.59 6.62 30.64
CA ASP E 225 -3.05 6.43 30.83
C ASP E 225 -3.87 7.66 30.34
N CYS E 226 -3.79 8.78 31.08
CA CYS E 226 -4.55 10.05 30.87
C CYS E 226 -4.30 10.72 29.50
N GLN E 227 -3.20 10.42 28.80
CA GLN E 227 -2.79 11.17 27.57
C GLN E 227 -2.43 12.65 27.81
N GLY E 228 -2.40 13.09 29.07
CA GLY E 228 -2.11 14.48 29.39
C GLY E 228 -0.63 14.63 29.63
N ILE E 229 -0.21 15.83 30.06
CA ILE E 229 1.20 16.15 30.21
C ILE E 229 1.74 15.77 31.60
N LEU E 230 2.87 15.06 31.60
CA LEU E 230 3.52 14.59 32.82
C LEU E 230 4.34 15.69 33.45
N LYS E 231 4.47 15.64 34.78
CA LYS E 231 5.42 16.48 35.51
C LYS E 231 6.39 15.62 36.30
N TYR E 232 7.43 16.23 36.80
CA TYR E 232 8.40 15.48 37.52
C TYR E 232 8.66 16.01 38.89
N GLU E 233 8.57 15.13 39.87
CA GLU E 233 8.85 15.50 41.23
C GLU E 233 10.32 15.80 41.39
N HIS E 234 11.13 15.20 40.52
CA HIS E 234 12.56 15.39 40.45
C HIS E 234 13.00 14.76 39.16
N ASN E 235 13.72 15.48 38.32
CA ASN E 235 14.17 14.90 37.06
C ASN E 235 15.63 14.75 36.79
N THR E 236 16.03 13.57 36.33
CA THR E 236 17.42 13.33 36.08
C THR E 236 17.75 13.80 34.68
N TYR E 237 17.40 13.08 33.63
CA TYR E 237 17.69 13.58 32.31
C TYR E 237 16.64 13.07 31.37
N ALA E 238 16.50 13.76 30.28
CA ALA E 238 15.47 13.45 29.30
C ALA E 238 14.14 13.40 29.98
N ASN E 239 13.37 12.36 29.76
CA ASN E 239 12.08 12.28 30.39
C ASN E 239 12.13 11.36 31.56
N LEU E 240 13.32 11.12 32.06
CA LEU E 240 13.52 10.22 33.21
C LEU E 240 13.45 10.91 34.58
N GLY E 241 12.75 10.26 35.50
CA GLY E 241 12.68 10.70 36.89
C GLY E 241 11.40 10.26 37.56
N ALA E 242 11.07 10.93 38.66
CA ALA E 242 9.86 10.65 39.39
C ALA E 242 8.68 11.33 38.71
N TYR E 243 8.16 10.67 37.68
CA TYR E 243 7.08 11.26 36.90
C TYR E 243 5.73 11.19 37.61
N ILE E 244 4.81 12.06 37.20
CA ILE E 244 3.47 12.13 37.79
C ILE E 244 2.46 12.88 36.89
N CYS E 245 1.36 12.23 36.51
CA CYS E 245 0.23 12.94 35.86
C CYS E 245 -0.74 13.36 36.97
N GLU E 246 -0.99 14.67 36.99
CA GLU E 246 -1.82 15.28 37.98
C GLU E 246 -3.32 15.18 37.62
N GLY E 247 -3.69 14.36 36.63
CA GLY E 247 -5.07 14.04 36.33
C GLY E 247 -5.32 12.55 36.49
N CYS E 248 -4.71 11.71 35.62
CA CYS E 248 -4.79 10.22 35.73
C CYS E 248 -4.40 9.76 37.17
N GLY E 249 -3.40 10.42 37.77
CA GLY E 249 -2.77 9.93 39.00
C GLY E 249 -1.55 9.04 38.74
N CYS E 250 -1.43 8.49 37.53
CA CYS E 250 -0.24 7.74 37.08
C CYS E 250 1.08 8.38 37.49
N LYS E 251 1.96 7.60 38.13
CA LYS E 251 3.27 8.07 38.60
C LYS E 251 4.27 6.91 38.63
N ARG E 252 5.56 7.23 38.69
CA ARG E 252 6.62 6.23 38.69
C ARG E 252 6.34 5.22 39.76
N PRO E 253 6.31 3.91 39.39
CA PRO E 253 6.02 2.83 40.34
C PRO E 253 7.13 2.64 41.37
N ASP E 254 6.84 1.82 42.39
CA ASP E 254 7.81 1.59 43.45
C ASP E 254 9.04 0.94 42.85
N LEU E 255 10.21 1.44 43.24
CA LEU E 255 11.47 0.95 42.72
C LEU E 255 12.03 -0.21 43.56
N ASP E 256 12.47 -1.27 42.89
CA ASP E 256 13.05 -2.44 43.55
C ASP E 256 14.54 -2.29 43.81
N TYR E 257 15.26 -1.61 42.93
CA TYR E 257 16.69 -1.33 43.12
C TYR E 257 16.94 0.17 43.04
N ARG E 258 17.19 0.79 44.19
CA ARG E 258 17.08 2.24 44.34
C ARG E 258 18.45 2.90 44.44
N LEU E 259 18.73 3.87 43.58
CA LEU E 259 19.88 4.77 43.76
C LEU E 259 19.34 5.83 44.70
N THR E 260 19.83 5.83 45.94
CA THR E 260 19.23 6.64 47.03
C THR E 260 19.89 8.01 47.17
N LYS E 261 21.14 8.16 46.76
CA LYS E 261 21.85 9.42 46.96
C LYS E 261 22.91 9.67 45.89
N LEU E 262 22.84 10.85 45.30
CA LEU E 262 23.86 11.27 44.34
C LEU E 262 24.91 12.03 45.14
N VAL E 263 26.05 11.39 45.36
CA VAL E 263 26.97 11.84 46.39
C VAL E 263 27.82 12.96 45.85
N GLU E 264 28.57 12.65 44.80
CA GLU E 264 29.38 13.64 44.09
C GLU E 264 29.01 13.56 42.62
N LEU E 265 29.18 14.66 41.92
CA LEU E 265 29.01 14.67 40.46
C LEU E 265 29.66 15.92 39.91
N THR E 266 30.83 15.77 39.28
CA THR E 266 31.59 16.89 38.73
C THR E 266 31.67 16.70 37.22
N ASN E 267 32.47 17.51 36.55
CA ASN E 267 32.82 17.26 35.15
C ASN E 267 33.65 15.98 34.88
N ASN E 268 34.26 15.40 35.92
CA ASN E 268 35.18 14.25 35.77
C ASN E 268 34.75 12.95 36.42
N ARG E 269 33.93 13.03 37.47
CA ARG E 269 33.53 11.84 38.21
C ARG E 269 32.11 11.95 38.70
N SER E 270 31.57 10.83 39.13
CA SER E 270 30.30 10.77 39.84
C SER E 270 30.44 9.67 40.86
N ARG E 271 29.91 9.91 42.05
CA ARG E 271 29.84 8.91 43.10
C ARG E 271 28.42 8.90 43.62
N PHE E 272 27.90 7.71 43.86
CA PHE E 272 26.47 7.55 44.11
C PHE E 272 26.19 6.30 44.94
N VAL E 273 25.06 6.29 45.63
CA VAL E 273 24.71 5.19 46.53
C VAL E 273 23.52 4.39 46.00
N ILE E 274 23.72 3.07 45.90
CA ILE E 274 22.69 2.15 45.44
C ILE E 274 22.53 1.03 46.47
N ASP E 275 21.36 1.00 47.11
CA ASP E 275 20.98 -0.07 48.03
C ASP E 275 22.13 -0.35 48.98
N GLY E 276 22.55 0.71 49.67
CA GLY E 276 23.49 0.59 50.77
C GLY E 276 24.93 0.88 50.43
N GLN E 277 25.32 0.70 49.18
CA GLN E 277 26.74 0.75 48.79
C GLN E 277 27.02 1.96 47.95
N GLU E 278 28.21 2.52 48.10
CA GLU E 278 28.67 3.58 47.21
C GLU E 278 29.50 2.99 46.08
N TYR E 279 29.11 3.30 44.86
CA TYR E 279 29.92 3.03 43.68
C TYR E 279 30.24 4.40 43.09
N GLY E 280 31.34 4.46 42.33
CA GLY E 280 31.75 5.68 41.61
C GLY E 280 32.40 5.38 40.27
N ILE E 281 32.23 6.27 39.30
CA ILE E 281 32.80 6.10 37.96
C ILE E 281 33.67 7.31 37.66
N GLN E 282 34.83 7.07 37.07
CA GLN E 282 35.78 8.15 36.78
C GLN E 282 35.63 8.79 35.41
N ILE E 283 34.38 9.06 35.02
CA ILE E 283 34.08 9.69 33.73
C ILE E 283 33.21 10.94 33.87
N GLY E 284 32.11 10.87 34.62
CA GLY E 284 31.22 12.02 34.69
C GLY E 284 30.27 12.13 33.50
N GLY E 285 29.34 13.08 33.58
CA GLY E 285 28.12 12.99 32.78
C GLY E 285 27.16 11.97 33.39
N LEU E 286 25.95 12.43 33.67
CA LEU E 286 24.99 11.70 34.52
C LEU E 286 24.29 10.54 33.83
N TYR E 287 24.18 10.57 32.51
CA TYR E 287 23.60 9.45 31.76
C TYR E 287 24.29 8.10 32.07
N ASN E 288 25.61 8.11 32.28
CA ASN E 288 26.34 6.85 32.57
C ASN E 288 25.97 6.15 33.86
N ILE E 289 25.55 6.94 34.85
CA ILE E 289 25.16 6.37 36.14
C ILE E 289 24.04 5.35 35.92
N TYR E 290 23.07 5.66 35.06
CA TYR E 290 22.01 4.70 34.72
C TYR E 290 22.54 3.36 34.22
N ASN E 291 23.69 3.36 33.56
CA ASN E 291 24.31 2.10 33.13
C ASN E 291 24.83 1.31 34.31
N ALA E 292 25.56 1.98 35.21
CA ALA E 292 26.04 1.36 36.46
C ALA E 292 24.90 0.81 37.33
N LEU E 293 23.83 1.59 37.43
CA LEU E 293 22.65 1.22 38.21
C LEU E 293 22.07 -0.08 37.71
N ALA E 294 21.85 -0.16 36.41
CA ALA E 294 21.35 -1.39 35.78
C ALA E 294 22.25 -2.59 36.09
N ALA E 295 23.57 -2.39 36.03
CA ALA E 295 24.51 -3.47 36.28
C ALA E 295 24.41 -3.95 37.72
N VAL E 296 24.45 -3.00 38.64
CA VAL E 296 24.32 -3.30 40.06
C VAL E 296 22.95 -3.95 40.35
N ALA E 297 21.90 -3.46 39.70
CA ALA E 297 20.56 -3.99 39.93
C ALA E 297 20.44 -5.44 39.51
N ILE E 298 21.13 -5.83 38.44
CA ILE E 298 21.17 -7.22 37.96
C ILE E 298 21.86 -8.12 38.98
N ALA E 299 23.04 -7.70 39.44
CA ALA E 299 23.78 -8.45 40.45
C ALA E 299 22.93 -8.64 41.69
N ARG E 300 22.23 -7.60 42.11
CA ARG E 300 21.34 -7.69 43.26
C ARG E 300 20.17 -8.67 43.02
N PHE E 301 19.61 -8.68 41.83
CA PHE E 301 18.57 -9.68 41.49
C PHE E 301 19.07 -11.12 41.61
N LEU E 302 20.37 -11.32 41.36
CA LEU E 302 21.01 -12.62 41.48
C LEU E 302 21.63 -12.87 42.86
N GLY E 303 21.27 -12.03 43.85
CA GLY E 303 21.68 -12.23 45.23
C GLY E 303 23.15 -11.99 45.55
N ALA E 304 23.80 -11.15 44.77
CA ALA E 304 25.21 -10.83 45.01
C ALA E 304 25.31 -9.90 46.20
N ASP E 305 26.34 -10.08 47.03
CA ASP E 305 26.61 -9.19 48.18
C ASP E 305 27.03 -7.80 47.67
N SER E 306 26.43 -6.72 48.17
CA SER E 306 26.82 -5.36 47.76
C SER E 306 28.35 -5.11 47.89
N GLN E 307 29.02 -5.89 48.72
CA GLN E 307 30.45 -5.78 48.92
C GLN E 307 31.21 -6.38 47.75
N LEU E 308 30.74 -7.51 47.24
CA LEU E 308 31.34 -8.15 46.05
C LEU E 308 31.01 -7.41 44.77
N ILE E 309 29.83 -6.81 44.73
CA ILE E 309 29.44 -5.98 43.59
C ILE E 309 30.50 -4.92 43.42
N LYS E 310 30.83 -4.21 44.50
CA LYS E 310 31.84 -3.14 44.43
C LYS E 310 33.20 -3.65 44.02
N GLN E 311 33.60 -4.79 44.59
CA GLN E 311 34.92 -5.37 44.36
C GLN E 311 35.15 -5.58 42.86
N GLY E 312 34.13 -6.12 42.19
CA GLY E 312 34.15 -6.45 40.76
C GLY E 312 33.76 -5.29 39.86
N PHE E 313 32.91 -4.40 40.36
CA PHE E 313 32.62 -3.12 39.71
C PHE E 313 33.92 -2.38 39.47
N ASP E 314 34.68 -2.16 40.53
CA ASP E 314 35.97 -1.44 40.47
C ASP E 314 36.95 -2.02 39.46
N LYS E 315 37.03 -3.35 39.37
CA LYS E 315 37.94 -4.03 38.44
C LYS E 315 37.53 -3.76 37.00
N SER E 316 36.23 -3.69 36.75
CA SER E 316 35.69 -3.52 35.38
C SER E 316 35.17 -2.10 35.01
N ARG E 317 35.39 -1.09 35.87
CA ARG E 317 34.97 0.31 35.52
C ARG E 317 35.83 1.00 34.44
N ALA E 318 36.90 0.35 34.00
CA ALA E 318 37.62 0.75 32.78
C ALA E 318 36.69 0.94 31.59
N VAL E 319 35.62 0.16 31.51
CA VAL E 319 34.71 0.17 30.35
C VAL E 319 33.99 1.51 30.10
N PHE E 320 33.96 2.40 31.08
CA PHE E 320 33.55 3.79 30.86
C PHE E 320 34.67 4.60 30.21
N GLY E 321 35.92 4.26 30.52
CA GLY E 321 37.10 4.93 29.95
C GLY E 321 37.43 6.25 30.65
N ARG E 322 38.66 6.72 30.50
CA ARG E 322 39.06 8.01 31.12
C ARG E 322 38.61 9.18 30.21
N GLN E 323 39.18 10.38 30.37
CA GLN E 323 38.55 11.61 29.90
C GLN E 323 39.06 12.15 28.59
N GLU E 324 40.17 11.63 28.09
CA GLU E 324 40.79 12.13 26.83
C GLU E 324 41.08 13.62 26.88
N THR E 325 42.06 13.95 27.73
CA THR E 325 42.59 15.29 27.84
C THR E 325 43.95 15.29 27.13
N PHE E 326 44.33 16.46 26.62
CA PHE E 326 45.52 16.68 25.83
C PHE E 326 46.22 17.92 26.38
N HIS E 327 47.54 17.81 26.65
CA HIS E 327 48.36 18.98 26.91
C HIS E 327 48.73 19.63 25.60
N ILE E 328 48.27 20.85 25.36
CA ILE E 328 48.73 21.62 24.20
C ILE E 328 49.73 22.67 24.73
N GLY E 329 51.00 22.24 24.78
CA GLY E 329 52.07 22.95 25.47
C GLY E 329 51.66 23.25 26.90
N ASP E 330 51.25 24.49 27.11
CA ASP E 330 50.87 24.98 28.44
C ASP E 330 49.38 24.91 28.70
N LYS E 331 48.54 24.61 27.69
CA LYS E 331 47.09 24.37 27.93
C LYS E 331 46.74 22.90 28.17
N GLU E 332 45.61 22.71 28.85
CA GLU E 332 45.01 21.40 29.09
C GLU E 332 43.65 21.40 28.40
N CYS E 333 43.55 20.76 27.24
CA CYS E 333 42.29 20.72 26.50
C CYS E 333 41.66 19.32 26.49
N THR E 334 40.38 19.26 26.86
CA THR E 334 39.62 18.04 26.92
C THR E 334 38.62 17.96 25.75
N LEU E 335 38.57 16.77 25.12
CA LEU E 335 37.83 16.54 23.90
C LEU E 335 36.58 15.65 24.16
N VAL E 336 35.41 16.13 23.73
CA VAL E 336 34.12 15.54 24.13
C VAL E 336 33.17 15.36 22.95
N LEU E 337 32.60 14.16 22.85
CA LEU E 337 31.76 13.80 21.71
C LEU E 337 30.34 14.32 21.87
N ILE E 338 29.74 14.82 20.78
CA ILE E 338 28.29 15.11 20.73
C ILE E 338 27.65 14.43 19.50
N LYS E 339 26.56 13.68 19.69
CA LYS E 339 25.81 13.06 18.59
C LYS E 339 24.47 13.70 18.36
N ASN E 340 23.76 14.03 19.43
CA ASN E 340 22.34 14.39 19.32
C ASN E 340 21.98 15.37 20.41
N PRO E 341 20.80 15.99 20.31
CA PRO E 341 20.42 16.97 21.33
C PRO E 341 20.57 16.49 22.79
N VAL E 342 20.04 15.31 23.10
CA VAL E 342 20.07 14.78 24.47
C VAL E 342 21.52 14.54 24.88
N GLY E 343 22.32 13.94 24.00
CA GLY E 343 23.76 13.78 24.23
C GLY E 343 24.52 15.09 24.40
N ALA E 344 24.19 16.07 23.57
CA ALA E 344 24.86 17.37 23.61
C ALA E 344 24.54 18.07 24.90
N THR E 345 23.25 18.19 25.20
CA THR E 345 22.79 18.79 26.45
C THR E 345 23.47 18.14 27.65
N GLN E 346 23.58 16.81 27.61
CA GLN E 346 24.27 16.05 28.66
C GLN E 346 25.73 16.50 28.84
N ALA E 347 26.43 16.70 27.73
CA ALA E 347 27.80 17.24 27.74
C ALA E 347 27.85 18.67 28.23
N ILE E 348 26.88 19.49 27.82
CA ILE E 348 26.82 20.86 28.30
C ILE E 348 26.64 20.86 29.80
N GLU E 349 25.69 20.10 30.32
CA GLU E 349 25.45 20.08 31.78
C GLU E 349 26.63 19.50 32.55
N MET E 350 27.45 18.67 31.88
CA MET E 350 28.73 18.18 32.43
C MET E 350 29.75 19.31 32.60
N ILE E 351 30.10 19.98 31.49
CA ILE E 351 31.10 21.07 31.52
C ILE E 351 30.66 22.28 32.34
N LYS E 352 29.36 22.45 32.52
CA LYS E 352 28.81 23.44 33.46
C LYS E 352 29.39 23.30 34.87
N LEU E 353 29.72 22.07 35.25
CA LEU E 353 30.21 21.74 36.59
C LEU E 353 31.69 21.89 36.78
N ALA E 354 32.46 22.17 35.73
CA ALA E 354 33.89 22.38 35.89
C ALA E 354 34.12 23.52 36.89
N PRO E 355 35.13 23.38 37.77
CA PRO E 355 35.36 24.42 38.78
C PRO E 355 36.26 25.58 38.30
N TYR E 356 36.59 25.62 37.02
CA TYR E 356 37.50 26.62 36.47
C TYR E 356 36.90 27.31 35.25
N PRO E 357 37.49 28.42 34.80
CA PRO E 357 37.14 28.95 33.47
C PRO E 357 37.77 28.13 32.34
N PHE E 358 37.08 28.08 31.20
CA PHE E 358 37.60 27.39 30.01
C PHE E 358 37.16 28.04 28.70
N SER E 359 37.90 27.75 27.64
CA SER E 359 37.51 28.12 26.29
C SER E 359 36.69 26.97 25.70
N LEU E 360 35.52 27.30 25.17
CA LEU E 360 34.63 26.33 24.53
C LEU E 360 34.79 26.38 23.01
N SER E 361 35.20 25.29 22.39
CA SER E 361 35.21 25.17 20.95
C SER E 361 34.18 24.12 20.55
N VAL E 362 33.35 24.42 19.54
CA VAL E 362 32.32 23.50 19.07
C VAL E 362 32.56 23.22 17.60
N LEU E 363 32.83 21.97 17.27
CA LEU E 363 33.18 21.55 15.93
C LEU E 363 32.02 20.77 15.33
N LEU E 364 31.33 21.37 14.37
CA LEU E 364 30.16 20.76 13.74
C LEU E 364 30.47 20.34 12.30
N ASN E 365 30.41 19.03 12.04
CA ASN E 365 30.43 18.46 10.68
C ASN E 365 29.07 17.83 10.45
N ALA E 366 28.79 17.59 9.16
CA ALA E 366 27.53 17.01 8.73
C ALA E 366 27.82 15.94 7.72
N ASN E 367 27.38 14.71 8.02
CA ASN E 367 27.62 13.56 7.16
C ASN E 367 26.84 12.36 7.72
N TYR E 368 27.10 11.13 7.25
CA TYR E 368 26.39 9.97 7.75
C TYR E 368 26.55 9.81 9.25
N ALA E 369 27.80 9.78 9.68
CA ALA E 369 28.16 9.51 11.07
C ALA E 369 27.69 10.61 12.00
N ASP E 370 27.83 11.86 11.59
CA ASP E 370 27.51 13.00 12.45
C ASP E 370 26.08 13.55 12.38
N GLY E 371 25.21 12.89 11.63
CA GLY E 371 23.85 13.38 11.39
C GLY E 371 23.78 14.33 10.20
N ILE E 372 23.06 13.89 9.18
CA ILE E 372 23.03 14.57 7.88
C ILE E 372 22.38 15.95 7.89
N ASP E 373 21.61 16.26 8.94
CA ASP E 373 20.94 17.56 9.09
C ASP E 373 21.46 18.25 10.32
N THR E 374 22.05 19.43 10.21
CA THR E 374 22.55 20.16 11.39
C THR E 374 21.47 20.76 12.29
N SER E 375 20.20 20.75 11.87
CA SER E 375 19.11 21.31 12.66
C SER E 375 19.04 20.81 14.10
N TRP E 376 19.49 19.59 14.34
CA TRP E 376 19.56 19.04 15.71
C TRP E 376 20.25 19.90 16.77
N ILE E 377 21.25 20.71 16.39
CA ILE E 377 21.90 21.60 17.37
C ILE E 377 20.93 22.63 17.96
N TRP E 378 19.88 22.97 17.22
CA TRP E 378 18.85 23.89 17.71
C TRP E 378 17.98 23.35 18.87
N ASP E 379 17.97 22.04 19.06
CA ASP E 379 17.30 21.43 20.21
C ASP E 379 18.26 21.17 21.38
N ALA E 380 19.57 21.10 21.12
CA ALA E 380 20.57 21.03 22.19
C ALA E 380 20.56 22.32 23.01
N ASP E 381 20.62 22.21 24.33
CA ASP E 381 20.44 23.36 25.23
C ASP E 381 21.77 24.11 25.44
N PHE E 382 22.25 24.72 24.36
CA PHE E 382 23.45 25.55 24.38
C PHE E 382 23.24 26.85 25.15
N GLU E 383 21.99 27.29 25.29
CA GLU E 383 21.66 28.51 26.06
C GLU E 383 22.27 28.55 27.47
N GLN E 384 22.65 27.38 28.02
CA GLN E 384 23.32 27.30 29.31
C GLN E 384 24.75 27.82 29.38
N ILE E 385 25.40 28.05 28.23
CA ILE E 385 26.77 28.57 28.23
C ILE E 385 26.86 30.00 28.78
N THR E 386 25.79 30.77 28.67
CA THR E 386 25.81 32.17 29.14
C THR E 386 26.01 32.26 30.66
N ASP E 387 25.55 31.25 31.38
CA ASP E 387 25.76 31.16 32.82
C ASP E 387 27.11 30.51 33.23
N MET E 388 27.93 30.13 32.25
CA MET E 388 29.24 29.55 32.54
C MET E 388 30.32 30.61 32.51
N ASP E 389 31.50 30.21 32.97
CA ASP E 389 32.69 31.04 32.99
C ASP E 389 33.53 30.71 31.73
N ILE E 390 33.08 31.25 30.59
CA ILE E 390 33.71 31.03 29.29
C ILE E 390 34.15 32.37 28.69
N PRO E 391 35.47 32.61 28.56
CA PRO E 391 35.98 33.80 27.85
C PRO E 391 35.95 33.74 26.32
N GLU E 392 36.58 32.73 25.74
CA GLU E 392 36.64 32.57 24.30
C GLU E 392 35.67 31.49 23.87
N ILE E 393 35.10 31.65 22.68
CA ILE E 393 34.48 30.54 21.97
C ILE E 393 35.04 30.46 20.55
N ASN E 394 35.20 29.25 20.05
CA ASN E 394 35.55 29.00 18.64
C ASN E 394 34.41 28.23 18.00
N ALA E 395 34.03 28.63 16.80
CA ALA E 395 32.99 27.94 16.07
C ALA E 395 33.61 27.31 14.83
N GLY E 396 34.01 26.05 14.93
CA GLY E 396 34.75 25.35 13.86
C GLY E 396 33.99 24.23 13.20
N GLY E 397 34.71 23.44 12.40
CA GLY E 397 34.15 22.32 11.65
C GLY E 397 33.60 22.75 10.30
N VAL E 398 33.32 21.78 9.44
CA VAL E 398 32.78 22.04 8.07
C VAL E 398 31.60 23.02 8.12
N ARG E 399 30.64 22.79 9.02
CA ARG E 399 29.49 23.68 9.17
C ARG E 399 29.70 24.76 10.23
N HIS E 400 30.94 25.23 10.33
CA HIS E 400 31.30 26.42 11.13
C HIS E 400 30.31 27.57 11.07
N SER E 401 29.72 27.81 9.91
CA SER E 401 28.82 28.96 9.76
C SER E 401 27.52 28.81 10.54
N GLU E 402 26.94 27.60 10.53
CA GLU E 402 25.66 27.35 11.20
C GLU E 402 25.85 27.34 12.74
N ILE E 403 26.86 26.63 13.23
CA ILE E 403 27.16 26.58 14.68
C ILE E 403 27.48 27.95 15.30
N ALA E 404 28.22 28.80 14.59
CA ALA E 404 28.45 30.16 15.06
C ALA E 404 27.14 30.93 15.26
N ARG E 405 26.18 30.74 14.35
CA ARG E 405 24.88 31.38 14.48
C ARG E 405 24.14 30.86 15.70
N ARG E 406 24.18 29.54 15.88
CA ARG E 406 23.57 28.92 17.04
C ARG E 406 24.14 29.52 18.32
N LEU E 407 25.47 29.57 18.38
CA LEU E 407 26.15 30.05 19.57
C LEU E 407 25.80 31.50 19.85
N ARG E 408 25.74 32.35 18.82
CA ARG E 408 25.28 33.74 18.99
C ARG E 408 23.91 33.84 19.64
N VAL E 409 22.98 33.03 19.18
CA VAL E 409 21.58 33.15 19.57
C VAL E 409 21.32 32.80 21.05
N THR E 410 22.34 32.23 21.72
CA THR E 410 22.32 32.09 23.17
C THR E 410 22.31 33.44 23.93
N GLY E 411 22.80 34.50 23.29
CA GLY E 411 23.06 35.76 23.96
C GLY E 411 24.49 35.86 24.45
N TYR E 412 25.34 34.92 24.05
CA TYR E 412 26.75 34.96 24.39
C TYR E 412 27.32 36.11 23.57
N PRO E 413 28.26 36.90 24.15
CA PRO E 413 28.87 38.05 23.47
C PRO E 413 29.35 37.70 22.06
N ALA E 414 28.69 38.28 21.05
CA ALA E 414 28.92 37.94 19.64
C ALA E 414 30.38 38.17 19.26
N GLU E 415 30.93 39.31 19.73
CA GLU E 415 32.35 39.69 19.57
C GLU E 415 33.40 38.61 19.96
N LYS E 416 33.05 37.75 20.92
CA LYS E 416 33.96 36.72 21.47
C LYS E 416 33.81 35.33 20.83
N ILE E 417 32.88 35.18 19.89
CA ILE E 417 32.74 33.97 19.08
C ILE E 417 33.53 34.13 17.80
N THR E 418 34.45 33.19 17.56
CA THR E 418 35.44 33.32 16.50
C THR E 418 35.20 32.20 15.49
N GLU E 419 34.41 32.51 14.46
CA GLU E 419 34.12 31.55 13.40
C GLU E 419 35.42 31.16 12.71
N THR E 420 35.61 29.87 12.42
CA THR E 420 36.92 29.37 12.01
C THR E 420 36.87 28.26 10.96
N SER E 421 37.10 28.69 9.72
CA SER E 421 37.21 27.85 8.52
C SER E 421 37.95 26.52 8.69
N ASN E 422 39.12 26.58 9.31
CA ASN E 422 40.09 25.50 9.25
C ASN E 422 40.39 24.97 10.66
N LEU E 423 40.48 23.64 10.82
CA LEU E 423 40.79 23.04 12.14
C LEU E 423 42.18 23.40 12.66
N GLU E 424 43.16 23.46 11.77
CA GLU E 424 44.51 23.96 12.09
C GLU E 424 44.47 25.32 12.79
N GLN E 425 43.59 26.22 12.35
CA GLN E 425 43.46 27.56 12.96
C GLN E 425 42.87 27.47 14.36
N VAL E 426 41.97 26.51 14.58
CA VAL E 426 41.37 26.28 15.91
C VAL E 426 42.41 25.78 16.89
N LEU E 427 43.16 24.75 16.48
CA LEU E 427 44.30 24.24 17.27
C LEU E 427 45.24 25.36 17.69
N LYS E 428 45.50 26.29 16.78
CA LYS E 428 46.40 27.40 17.02
C LYS E 428 45.81 28.44 17.96
N THR E 429 44.56 28.89 17.72
CA THR E 429 43.93 29.90 18.60
C THR E 429 43.81 29.40 20.06
N ILE E 430 43.68 28.08 20.25
CA ILE E 430 43.73 27.44 21.58
C ILE E 430 45.15 27.46 22.10
N GLU E 431 46.10 26.97 21.29
CA GLU E 431 47.54 27.03 21.63
C GLU E 431 47.87 28.42 22.21
N ASN E 432 47.51 29.48 21.48
CA ASN E 432 47.84 30.86 21.86
C ASN E 432 46.75 31.61 22.66
N GLN E 433 45.84 30.90 23.34
CA GLN E 433 44.82 31.57 24.18
C GLN E 433 45.47 31.90 25.52
N ASP E 434 44.94 32.87 26.26
CA ASP E 434 45.49 33.19 27.59
C ASP E 434 44.94 32.28 28.70
N CYS E 435 43.70 31.84 28.55
CA CYS E 435 43.06 30.93 29.50
C CYS E 435 43.70 29.53 29.49
N LYS E 436 43.57 28.81 30.59
CA LYS E 436 44.45 27.63 30.83
C LYS E 436 43.83 26.29 30.45
N HIS E 437 42.52 26.14 30.66
CA HIS E 437 41.77 24.96 30.21
C HIS E 437 40.92 25.24 28.97
N ALA E 438 40.75 24.24 28.10
CA ALA E 438 39.91 24.36 26.88
C ALA E 438 39.04 23.12 26.64
N TYR E 439 37.71 23.28 26.64
CA TYR E 439 36.79 22.19 26.24
C TYR E 439 36.53 22.27 24.72
N ILE E 440 36.54 21.11 24.07
CA ILE E 440 36.18 21.00 22.65
C ILE E 440 35.07 19.96 22.53
N LEU E 441 33.87 20.43 22.19
CA LEU E 441 32.76 19.54 21.84
C LEU E 441 32.74 19.37 20.31
N ALA E 442 32.64 18.13 19.85
CA ALA E 442 32.78 17.86 18.42
C ALA E 442 31.87 16.71 18.03
N THR E 443 31.40 16.71 16.78
CA THR E 443 30.70 15.55 16.22
C THR E 443 31.71 14.45 15.87
N TYR E 444 31.24 13.23 15.64
CA TYR E 444 32.15 12.06 15.53
C TYR E 444 33.34 12.28 14.60
N THR E 445 33.08 12.67 13.36
CA THR E 445 34.13 12.89 12.35
C THR E 445 34.99 14.11 12.68
N ALA E 446 34.36 15.18 13.14
CA ALA E 446 35.10 16.39 13.54
C ALA E 446 36.15 16.08 14.60
N MET E 447 35.80 15.14 15.47
CA MET E 447 36.71 14.66 16.51
C MET E 447 37.84 13.79 15.96
N LEU E 448 37.55 12.85 15.05
CA LEU E 448 38.60 12.05 14.36
C LEU E 448 39.62 12.92 13.62
N GLU E 449 39.13 13.92 12.89
CA GLU E 449 39.96 14.90 12.18
C GLU E 449 40.85 15.65 13.18
N PHE E 450 40.19 16.23 14.18
CA PHE E 450 40.84 16.99 15.21
C PHE E 450 41.70 16.13 16.08
N ARG E 451 41.70 14.84 15.83
CA ARG E 451 42.59 13.95 16.53
C ARG E 451 43.92 13.86 15.78
N GLU E 452 43.97 14.44 14.58
CA GLU E 452 45.12 14.52 13.77
C GLU E 452 46.09 15.51 14.38
N LEU E 453 46.44 15.22 15.62
CA LEU E 453 47.49 15.89 16.29
C LEU E 453 48.62 14.95 15.99
N LEU E 454 48.85 14.76 14.70
CA LEU E 454 49.90 13.93 14.19
C LEU E 454 51.08 14.70 14.68
N ALA E 455 51.17 15.95 14.26
CA ALA E 455 52.22 16.80 14.72
C ALA E 455 51.96 17.12 16.18
N SER E 456 52.50 16.32 17.10
CA SER E 456 52.31 16.55 18.51
C SER E 456 53.37 15.82 19.30
N MET F 1 -1.58 24.57 32.75
CA MET F 1 -1.66 26.02 32.77
C MET F 1 -0.58 26.59 31.90
N VAL F 2 -0.81 27.77 31.38
CA VAL F 2 0.15 28.41 30.52
C VAL F 2 1.33 28.82 31.34
N TYR F 3 2.54 28.71 30.80
CA TYR F 3 3.73 29.11 31.53
C TYR F 3 4.70 29.81 30.65
N THR F 4 5.57 30.59 31.25
CA THR F 4 6.54 31.39 30.52
C THR F 4 7.80 30.56 30.32
N SER F 5 8.00 30.08 29.08
CA SER F 5 9.12 29.20 28.74
C SER F 5 10.42 29.97 28.67
N LEU F 6 10.36 31.21 28.20
CA LEU F 6 11.54 32.03 27.98
C LEU F 6 11.19 33.49 28.21
N SER F 7 12.18 34.27 28.61
CA SER F 7 12.05 35.72 28.66
C SER F 7 13.40 36.41 28.52
N SER F 8 13.35 37.66 28.06
CA SER F 8 14.54 38.46 27.91
C SER F 8 14.97 38.86 29.30
N LYS F 9 16.28 39.03 29.48
CA LYS F 9 16.83 39.65 30.67
C LYS F 9 16.26 41.08 30.84
N ASP F 10 16.46 41.67 32.01
CA ASP F 10 16.02 43.03 32.25
C ASP F 10 16.96 44.02 31.53
N GLY F 11 16.37 45.08 30.99
CA GLY F 11 17.10 46.09 30.23
C GLY F 11 16.23 47.20 29.69
N ASN F 12 16.82 48.07 28.87
CA ASN F 12 16.10 49.19 28.26
C ASN F 12 15.60 48.79 26.89
N TYR F 13 14.37 48.30 26.88
CA TYR F 13 13.70 47.88 25.66
C TYR F 13 12.53 48.83 25.43
N PRO F 14 12.56 49.62 24.32
CA PRO F 14 11.38 50.43 23.94
C PRO F 14 10.07 49.64 23.88
N TYR F 15 10.10 48.48 23.19
CA TYR F 15 8.91 47.67 22.89
C TYR F 15 8.79 46.40 23.76
N GLN F 16 7.67 45.69 23.59
CA GLN F 16 7.34 44.50 24.37
C GLN F 16 6.59 43.54 23.43
N LEU F 17 7.19 42.38 23.12
CA LEU F 17 6.49 41.32 22.38
C LEU F 17 6.14 40.14 23.27
N ASN F 18 4.94 39.60 23.07
CA ASN F 18 4.49 38.39 23.75
C ASN F 18 4.31 37.30 22.72
N ILE F 19 5.12 36.24 22.82
CA ILE F 19 5.07 35.14 21.85
C ILE F 19 4.34 33.93 22.43
N ALA F 20 3.32 33.45 21.71
CA ALA F 20 2.64 32.20 22.07
C ALA F 20 3.29 31.05 21.33
N HIS F 21 4.03 30.22 22.05
CA HIS F 21 4.57 28.97 21.53
C HIS F 21 3.48 27.90 21.64
N LEU F 22 2.58 27.86 20.66
CA LEU F 22 1.52 26.84 20.62
C LEU F 22 2.08 25.41 20.67
N TYR F 23 1.66 24.69 21.72
CA TYR F 23 2.01 23.31 21.96
C TYR F 23 3.50 23.03 21.91
N GLY F 24 4.29 24.01 22.35
CA GLY F 24 5.76 23.88 22.39
C GLY F 24 6.28 22.69 23.18
N ASN F 25 5.58 22.33 24.25
CA ASN F 25 5.79 21.11 25.04
C ASN F 25 5.85 19.80 24.26
N LEU F 26 4.99 19.72 23.24
CA LEU F 26 4.79 18.52 22.44
C LEU F 26 5.23 18.53 21.01
N MET F 27 5.05 19.66 20.34
CA MET F 27 5.45 19.77 18.92
C MET F 27 6.84 20.32 18.89
N ASN F 28 7.73 19.53 19.33
CA ASN F 28 9.07 20.01 19.49
C ASN F 28 10.11 19.17 18.79
N THR F 29 9.93 18.76 17.58
CA THR F 29 10.85 17.90 16.84
C THR F 29 11.56 18.57 15.67
N TYR F 30 12.66 17.92 15.27
CA TYR F 30 13.43 18.19 14.05
C TYR F 30 14.08 19.57 13.99
N GLY F 31 14.38 20.08 15.18
CA GLY F 31 15.04 21.37 15.36
C GLY F 31 14.14 22.58 15.28
N ASP F 32 12.86 22.38 14.99
CA ASP F 32 12.01 23.48 14.56
C ASP F 32 11.65 24.46 15.68
N ASN F 33 11.74 24.01 16.92
CA ASN F 33 11.68 24.93 18.06
C ASN F 33 12.87 25.91 18.17
N GLY F 34 13.86 25.78 17.30
CA GLY F 34 14.88 26.82 17.14
C GLY F 34 14.33 28.11 16.58
N ASN F 35 13.20 28.02 15.90
CA ASN F 35 12.49 29.20 15.42
C ASN F 35 12.05 30.12 16.56
N ILE F 36 11.71 29.54 17.72
CA ILE F 36 11.38 30.35 18.89
C ILE F 36 12.60 31.12 19.36
N LEU F 37 13.74 30.48 19.31
CA LEU F 37 14.96 31.12 19.74
C LEU F 37 15.34 32.24 18.82
N MET F 38 15.09 32.09 17.54
CA MET F 38 15.46 33.12 16.59
C MET F 38 14.56 34.32 16.66
N LEU F 39 13.31 34.10 16.97
CA LEU F 39 12.40 35.21 17.08
C LEU F 39 12.88 36.03 18.24
N LYS F 40 12.97 35.39 19.38
CA LYS F 40 13.43 36.06 20.61
C LYS F 40 14.68 36.91 20.36
N TYR F 41 15.64 36.34 19.66
CA TYR F 41 16.95 36.99 19.37
C TYR F 41 16.80 38.21 18.48
N VAL F 42 15.98 38.06 17.44
CA VAL F 42 15.77 39.13 16.46
C VAL F 42 14.97 40.24 17.13
N ALA F 43 13.91 39.88 17.84
CA ALA F 43 13.10 40.84 18.59
C ALA F 43 13.89 41.67 19.58
N GLU F 44 14.85 41.05 20.25
CA GLU F 44 15.73 41.78 21.17
C GLU F 44 16.59 42.81 20.45
N LYS F 45 17.08 42.45 19.25
CA LYS F 45 17.85 43.36 18.42
C LYS F 45 17.04 44.53 17.85
N LEU F 46 15.71 44.40 17.75
CA LEU F 46 14.82 45.52 17.40
C LEU F 46 14.18 46.18 18.64
N GLY F 47 14.75 45.95 19.82
CA GLY F 47 14.35 46.63 21.04
C GLY F 47 13.04 46.15 21.60
N ALA F 48 12.79 44.85 21.52
CA ALA F 48 11.62 44.23 22.16
C ALA F 48 12.07 43.36 23.33
N HIS F 49 11.33 43.43 24.42
CA HIS F 49 11.50 42.54 25.55
C HIS F 49 10.55 41.40 25.25
N VAL F 50 11.12 40.22 24.97
CA VAL F 50 10.34 39.03 24.60
C VAL F 50 9.93 38.23 25.82
N THR F 51 8.73 37.65 25.75
CA THR F 51 8.15 36.83 26.78
C THR F 51 7.41 35.71 26.04
N VAL F 52 8.02 34.51 26.04
CA VAL F 52 7.49 33.35 25.33
C VAL F 52 6.68 32.50 26.30
N ASP F 53 5.42 32.25 25.96
CA ASP F 53 4.51 31.47 26.80
C ASP F 53 4.16 30.21 26.06
N ILE F 54 4.24 29.09 26.74
CA ILE F 54 3.89 27.84 26.12
C ILE F 54 2.44 27.53 26.34
N VAL F 55 1.63 27.88 25.38
CA VAL F 55 0.21 27.62 25.43
C VAL F 55 -0.05 26.28 24.78
N SER F 56 -0.26 25.23 25.55
CA SER F 56 -0.51 23.96 24.91
C SER F 56 -1.73 23.19 25.35
N LEU F 57 -1.50 21.93 25.66
CA LEU F 57 -2.59 21.01 26.02
C LEU F 57 -3.51 21.59 27.10
N HIS F 58 -4.79 21.62 26.80
CA HIS F 58 -5.82 22.11 27.71
C HIS F 58 -5.81 23.57 28.11
N ASP F 59 -4.91 24.38 27.56
CA ASP F 59 -4.82 25.77 27.92
C ASP F 59 -5.71 26.59 27.06
N ASP F 60 -5.74 27.89 27.32
CA ASP F 60 -6.58 28.77 26.55
C ASP F 60 -5.73 29.81 25.89
N PHE F 61 -6.04 30.06 24.63
CA PHE F 61 -5.27 31.00 23.87
C PHE F 61 -5.94 32.36 24.06
N ASP F 62 -5.20 33.31 24.65
CA ASP F 62 -5.69 34.69 24.78
C ASP F 62 -5.27 35.44 23.52
N GLU F 63 -6.17 35.38 22.54
CA GLU F 63 -6.10 36.16 21.28
C GLU F 63 -5.67 37.63 21.40
N ASN F 64 -5.97 38.29 22.53
CA ASN F 64 -5.62 39.70 22.72
C ASN F 64 -4.29 39.94 23.37
N HIS F 65 -3.69 38.90 23.97
CA HIS F 65 -2.43 39.05 24.73
C HIS F 65 -1.18 38.88 23.86
N TYR F 66 -1.25 38.03 22.83
CA TYR F 66 -0.05 37.62 22.08
C TYR F 66 0.13 38.42 20.78
N ASP F 67 1.39 38.62 20.38
CA ASP F 67 1.77 39.38 19.18
C ASP F 67 2.29 38.52 18.01
N ILE F 68 3.04 37.46 18.36
CA ILE F 68 3.44 36.40 17.45
C ILE F 68 2.98 35.07 18.03
N ALA F 69 2.59 34.15 17.17
CA ALA F 69 2.21 32.79 17.58
C ALA F 69 2.96 31.79 16.71
N PHE F 70 3.75 30.93 17.32
CA PHE F 70 4.51 29.91 16.61
C PHE F 70 3.96 28.50 16.87
N PHE F 71 3.87 27.70 15.82
CA PHE F 71 3.21 26.40 15.88
C PHE F 71 4.12 25.44 15.11
N GLY F 72 4.93 24.67 15.84
CA GLY F 72 5.95 23.81 15.22
C GLY F 72 5.43 22.49 14.67
N GLY F 73 6.37 21.65 14.24
CA GLY F 73 6.06 20.28 13.81
C GLY F 73 6.27 19.29 14.94
N GLY F 74 5.53 18.17 14.91
CA GLY F 74 5.74 17.08 15.88
C GLY F 74 5.62 15.66 15.36
N GLN F 75 5.75 14.70 16.27
CA GLN F 75 5.51 13.29 15.96
C GLN F 75 4.04 13.02 15.65
N ASP F 76 3.79 11.97 14.88
CA ASP F 76 2.43 11.63 14.47
C ASP F 76 1.47 11.47 15.65
N PHE F 77 1.89 10.73 16.67
CA PHE F 77 1.02 10.42 17.81
C PHE F 77 0.66 11.71 18.54
N GLU F 78 1.69 12.43 18.98
CA GLU F 78 1.56 13.73 19.65
C GLU F 78 0.63 14.66 18.89
N GLN F 79 0.80 14.72 17.57
CA GLN F 79 -0.01 15.57 16.70
C GLN F 79 -1.51 15.20 16.69
N SER F 80 -1.84 13.91 16.75
CA SER F 80 -3.25 13.48 16.84
C SER F 80 -3.86 13.71 18.22
N ILE F 81 -3.02 13.74 19.26
CA ILE F 81 -3.48 14.09 20.61
C ILE F 81 -3.88 15.58 20.60
N ILE F 82 -2.99 16.40 20.05
CA ILE F 82 -3.19 17.85 19.90
C ILE F 82 -4.49 18.06 19.11
N ALA F 83 -4.67 17.32 18.03
CA ALA F 83 -5.85 17.47 17.17
C ALA F 83 -7.15 17.42 17.95
N ASP F 84 -7.24 16.56 18.96
CA ASP F 84 -8.42 16.47 19.83
C ASP F 84 -8.62 17.70 20.70
N ASP F 85 -7.54 18.34 21.12
CA ASP F 85 -7.59 19.52 21.98
C ASP F 85 -8.05 20.77 21.26
N LEU F 86 -7.74 20.85 19.97
CA LEU F 86 -7.85 22.08 19.19
C LEU F 86 -9.22 22.78 19.14
N PRO F 87 -10.34 22.03 19.09
CA PRO F 87 -11.61 22.76 18.98
C PRO F 87 -11.88 23.79 20.09
N ALA F 88 -11.32 23.58 21.28
CA ALA F 88 -11.32 24.57 22.35
C ALA F 88 -10.62 25.89 21.97
N LYS F 89 -9.60 25.82 21.15
CA LYS F 89 -8.84 27.01 20.72
C LYS F 89 -9.29 27.59 19.36
N LYS F 90 -10.33 27.04 18.73
CA LYS F 90 -10.67 27.41 17.33
C LYS F 90 -11.13 28.86 17.25
N GLU F 91 -12.14 29.22 18.04
CA GLU F 91 -12.69 30.58 18.01
C GLU F 91 -11.60 31.60 18.36
N SER F 92 -10.80 31.32 19.39
CA SER F 92 -9.72 32.23 19.79
C SER F 92 -8.70 32.48 18.65
N ILE F 93 -8.18 31.39 18.08
CA ILE F 93 -7.14 31.45 17.06
C ILE F 93 -7.67 32.11 15.80
N ASP F 94 -8.90 31.79 15.42
CA ASP F 94 -9.56 32.44 14.28
C ASP F 94 -9.64 33.96 14.44
N ASN F 95 -10.13 34.40 15.58
CA ASN F 95 -10.14 35.84 15.89
C ASN F 95 -8.71 36.42 15.76
N TYR F 96 -7.72 35.77 16.39
CA TYR F 96 -6.33 36.21 16.30
C TYR F 96 -5.86 36.37 14.86
N ILE F 97 -6.16 35.36 14.03
CA ILE F 97 -5.72 35.30 12.62
C ILE F 97 -6.34 36.39 11.78
N GLN F 98 -7.66 36.57 11.98
CA GLN F 98 -8.49 37.51 11.21
C GLN F 98 -8.27 38.97 11.55
N ASN F 99 -7.88 39.23 12.80
CA ASN F 99 -7.39 40.56 13.22
C ASN F 99 -5.92 40.77 12.84
N ASP F 100 -5.42 40.02 11.85
CA ASP F 100 -4.10 40.19 11.24
C ASP F 100 -2.96 39.85 12.22
N GLY F 101 -3.22 38.94 13.16
CA GLY F 101 -2.21 38.51 14.11
C GLY F 101 -1.13 37.73 13.35
N VAL F 102 0.11 37.91 13.77
CA VAL F 102 1.23 37.24 13.12
C VAL F 102 1.32 35.78 13.60
N VAL F 103 1.45 34.85 12.65
CA VAL F 103 1.64 33.42 12.93
C VAL F 103 2.79 32.85 12.08
N LEU F 104 3.60 31.99 12.67
CA LEU F 104 4.52 31.16 11.90
C LEU F 104 4.18 29.72 12.22
N ALA F 105 3.63 28.99 11.23
CA ALA F 105 3.30 27.56 11.39
C ALA F 105 4.25 26.69 10.53
N ILE F 106 4.67 25.55 11.05
CA ILE F 106 5.62 24.70 10.37
C ILE F 106 5.19 23.23 10.39
N CYS F 107 5.33 22.55 9.26
CA CYS F 107 5.02 21.15 9.17
C CYS F 107 3.67 20.84 9.82
N GLY F 108 3.63 19.99 10.86
CA GLY F 108 2.36 19.64 11.50
C GLY F 108 1.51 20.84 11.92
N GLY F 109 2.18 21.90 12.40
CA GLY F 109 1.54 23.15 12.78
C GLY F 109 0.75 23.67 11.61
N PHE F 110 1.46 23.95 10.52
CA PHE F 110 0.86 24.39 9.25
C PHE F 110 -0.35 23.52 8.85
N GLN F 111 -0.17 22.20 8.88
CA GLN F 111 -1.22 21.26 8.46
C GLN F 111 -2.48 21.43 9.28
N LEU F 112 -2.26 21.61 10.57
CA LEU F 112 -3.31 21.64 11.60
C LEU F 112 -4.10 22.92 11.62
N LEU F 113 -3.51 24.04 11.20
CA LEU F 113 -4.29 25.26 10.97
C LEU F 113 -5.45 25.01 9.95
N GLY F 114 -5.21 24.15 8.98
CA GLY F 114 -6.21 23.83 7.94
C GLY F 114 -7.39 22.95 8.32
N GLN F 115 -8.13 22.51 7.31
CA GLN F 115 -9.37 21.75 7.49
C GLN F 115 -9.09 20.35 8.02
N TYR F 116 -8.15 19.67 7.39
CA TYR F 116 -7.68 18.38 7.85
C TYR F 116 -6.32 18.03 7.27
N TYR F 117 -5.83 16.88 7.73
CA TYR F 117 -4.66 16.24 7.18
C TYR F 117 -4.89 14.78 7.31
N VAL F 118 -4.34 14.03 6.36
CA VAL F 118 -4.49 12.59 6.34
C VAL F 118 -3.16 11.91 6.61
N GLU F 119 -3.08 11.14 7.69
CA GLU F 119 -1.85 10.40 8.03
C GLU F 119 -1.47 9.44 6.92
N ALA F 120 -0.19 9.09 6.85
CA ALA F 120 0.33 8.14 5.85
C ALA F 120 -0.50 6.83 5.73
N SER F 121 -0.91 6.28 6.87
CA SER F 121 -1.83 5.13 6.91
C SER F 121 -3.18 5.37 6.20
N GLY F 122 -3.64 6.62 6.18
CA GLY F 122 -4.91 7.00 5.61
C GLY F 122 -5.94 7.55 6.59
N LYS F 123 -5.60 7.61 7.88
CA LYS F 123 -6.53 8.16 8.88
C LYS F 123 -6.71 9.66 8.65
N ARG F 124 -7.97 10.08 8.53
CA ARG F 124 -8.29 11.49 8.47
C ARG F 124 -8.25 12.08 9.86
N ILE F 125 -7.60 13.22 10.01
CA ILE F 125 -7.55 13.95 11.29
C ILE F 125 -7.96 15.38 11.07
N GLU F 126 -8.99 15.81 11.79
CA GLU F 126 -9.53 17.17 11.62
C GLU F 126 -8.62 18.15 12.28
N GLY F 127 -8.46 19.30 11.63
CA GLY F 127 -7.63 20.40 12.13
C GLY F 127 -8.53 21.49 12.64
N LEU F 128 -7.94 22.59 13.08
CA LEU F 128 -8.70 23.76 13.54
C LEU F 128 -9.76 24.17 12.54
N GLY F 129 -9.37 24.26 11.28
CA GLY F 129 -10.26 24.76 10.25
C GLY F 129 -10.40 26.27 10.31
N VAL F 130 -9.42 26.92 10.90
CA VAL F 130 -9.43 28.36 10.85
C VAL F 130 -8.83 28.82 9.53
N MET F 131 -8.59 27.89 8.60
CA MET F 131 -8.04 28.19 7.31
C MET F 131 -8.65 27.26 6.29
N GLY F 132 -8.42 27.53 5.02
CA GLY F 132 -9.05 26.73 3.99
C GLY F 132 -8.38 25.55 3.36
N HIS F 133 -7.09 25.43 3.58
CA HIS F 133 -6.33 24.32 3.01
C HIS F 133 -6.57 22.95 3.64
N TYR F 134 -6.27 21.91 2.87
CA TYR F 134 -6.22 20.54 3.36
C TYR F 134 -4.89 19.90 2.98
N THR F 135 -4.60 18.78 3.63
CA THR F 135 -3.36 18.08 3.41
C THR F 135 -3.69 16.62 3.18
N LEU F 136 -3.19 16.07 2.09
CA LEU F 136 -3.56 14.73 1.64
C LEU F 136 -2.46 13.71 1.90
N ASN F 137 -2.93 12.47 1.78
CA ASN F 137 -2.23 11.23 2.08
C ASN F 137 -1.17 10.92 1.03
N GLN F 138 -0.02 10.40 1.44
CA GLN F 138 0.96 9.82 0.50
C GLN F 138 1.52 8.52 1.15
N THR F 139 0.95 7.38 0.77
CA THR F 139 1.40 6.08 1.27
C THR F 139 2.75 5.77 0.67
N ASN F 140 3.71 5.41 1.52
CA ASN F 140 4.98 4.84 1.06
C ASN F 140 5.81 5.77 0.12
N ASN F 141 5.91 7.05 0.47
CA ASN F 141 6.67 8.05 -0.30
C ASN F 141 6.66 9.43 0.36
N ARG F 142 7.77 10.15 0.25
CA ARG F 142 7.96 11.46 0.88
C ARG F 142 8.56 12.46 -0.10
N PHE F 143 8.24 13.73 0.10
CA PHE F 143 8.92 14.82 -0.60
C PHE F 143 10.13 15.19 0.23
N ILE F 144 11.25 14.50 0.01
CA ILE F 144 12.49 14.79 0.73
C ILE F 144 13.41 15.54 -0.24
N GLY F 145 14.02 16.62 0.22
CA GLY F 145 15.07 17.27 -0.54
C GLY F 145 15.29 18.75 -0.23
N ASP F 146 16.28 19.31 -0.91
CA ASP F 146 16.57 20.73 -0.87
C ASP F 146 15.47 21.51 -1.58
N ILE F 147 15.28 22.77 -1.21
CA ILE F 147 14.17 23.60 -1.76
C ILE F 147 14.44 25.10 -1.65
N LYS F 148 13.98 25.83 -2.65
CA LYS F 148 14.15 27.28 -2.72
C LYS F 148 12.89 27.87 -3.29
N ILE F 149 12.40 28.93 -2.66
CA ILE F 149 11.17 29.58 -3.10
C ILE F 149 11.36 31.06 -3.17
N HIS F 150 10.41 31.71 -3.83
CA HIS F 150 10.41 33.15 -4.02
C HIS F 150 8.99 33.72 -3.85
N ASN F 151 8.87 34.67 -2.92
CA ASN F 151 7.61 35.37 -2.67
C ASN F 151 7.62 36.65 -3.49
N GLU F 152 6.79 36.71 -4.52
CA GLU F 152 6.80 37.86 -5.44
C GLU F 152 6.32 39.18 -4.80
N ASP F 153 5.50 39.09 -3.76
CA ASP F 153 5.00 40.28 -3.06
C ASP F 153 6.06 40.99 -2.22
N PHE F 154 7.09 40.28 -1.76
CA PHE F 154 8.16 40.91 -0.98
C PHE F 154 9.47 40.97 -1.73
N ASP F 155 9.48 40.43 -2.95
CA ASP F 155 10.70 40.11 -3.69
C ASP F 155 11.75 39.58 -2.72
N GLU F 156 11.39 38.44 -2.09
CA GLU F 156 12.22 37.74 -1.12
C GLU F 156 12.32 36.25 -1.46
N THR F 157 13.52 35.73 -1.26
CA THR F 157 13.85 34.36 -1.52
C THR F 157 14.09 33.63 -0.18
N TYR F 158 13.36 32.53 0.05
CA TYR F 158 13.56 31.69 1.23
C TYR F 158 14.04 30.31 0.80
N TYR F 159 15.05 29.81 1.52
CA TYR F 159 15.65 28.49 1.32
C TYR F 159 15.36 27.56 2.51
N GLY F 160 15.33 26.26 2.24
CA GLY F 160 15.24 25.25 3.28
C GLY F 160 15.44 23.83 2.82
N PHE F 161 15.21 22.90 3.75
CA PHE F 161 15.14 21.48 3.50
C PHE F 161 13.75 20.98 3.86
N GLU F 162 13.15 20.17 2.99
CA GLU F 162 11.77 19.69 3.16
C GLU F 162 11.81 18.21 3.37
N ASN F 163 10.86 17.70 4.13
CA ASN F 163 10.77 16.27 4.35
C ASN F 163 9.39 15.93 4.86
N HIS F 164 8.48 15.54 3.96
CA HIS F 164 7.08 15.34 4.34
C HIS F 164 6.27 14.48 3.42
N GLN F 165 5.39 13.71 4.00
CA GLN F 165 4.54 12.86 3.24
C GLN F 165 3.33 13.63 2.82
N GLY F 166 2.86 14.53 3.66
CA GLY F 166 1.64 15.27 3.38
C GLY F 166 1.68 16.09 2.13
N ARG F 167 0.55 16.12 1.42
CA ARG F 167 0.40 16.91 0.19
C ARG F 167 -0.60 18.05 0.42
N THR F 168 -0.11 19.24 0.79
CA THR F 168 -1.02 20.33 1.11
C THR F 168 -1.59 20.97 -0.18
N PHE F 169 -2.88 21.27 -0.16
CA PHE F 169 -3.58 21.93 -1.26
C PHE F 169 -4.24 23.20 -0.73
N LEU F 170 -3.73 24.37 -1.14
CA LEU F 170 -4.29 25.65 -0.69
C LEU F 170 -5.69 25.91 -1.27
N SER F 171 -6.41 26.83 -0.64
CA SER F 171 -7.74 27.24 -1.12
C SER F 171 -7.62 28.47 -2.01
N ASP F 172 -8.73 28.81 -2.65
CA ASP F 172 -8.83 29.93 -3.61
C ASP F 172 -8.38 31.27 -3.00
N ASP F 173 -8.70 31.45 -1.71
CA ASP F 173 -8.40 32.68 -1.00
C ASP F 173 -7.00 32.73 -0.36
N GLN F 174 -6.15 31.75 -0.62
CA GLN F 174 -4.80 31.71 -0.06
C GLN F 174 -3.75 31.86 -1.15
N LYS F 175 -2.65 32.55 -0.83
CA LYS F 175 -1.45 32.48 -1.66
C LYS F 175 -0.45 31.60 -0.94
N PRO F 176 0.48 30.96 -1.68
CA PRO F 176 1.59 30.22 -1.05
C PRO F 176 2.61 31.15 -0.42
N LEU F 177 3.51 30.61 0.39
CA LEU F 177 4.56 31.41 0.99
C LEU F 177 5.51 31.90 -0.11
N GLY F 178 5.67 31.08 -1.14
CA GLY F 178 6.43 31.46 -2.34
C GLY F 178 6.15 30.49 -3.50
N GLN F 179 6.64 30.84 -4.69
CA GLN F 179 6.62 29.89 -5.80
C GLN F 179 7.89 29.07 -5.70
N VAL F 180 7.81 27.81 -6.10
CA VAL F 180 8.94 26.91 -6.05
C VAL F 180 9.93 27.30 -7.13
N VAL F 181 11.21 27.25 -6.83
CA VAL F 181 12.29 27.45 -7.80
C VAL F 181 12.93 26.10 -8.10
N TYR F 182 13.30 25.37 -7.06
CA TYR F 182 13.53 23.93 -7.16
C TYR F 182 12.97 23.28 -5.90
N GLY F 183 12.72 21.97 -5.96
CA GLY F 183 12.12 21.20 -4.86
C GLY F 183 10.67 20.90 -5.16
N ASN F 184 9.98 20.23 -4.24
CA ASN F 184 8.54 19.90 -4.41
C ASN F 184 7.61 20.96 -3.83
N GLY F 185 7.88 21.32 -2.59
CA GLY F 185 6.99 22.16 -1.83
C GLY F 185 5.70 21.49 -1.40
N ASN F 186 4.57 22.19 -1.56
CA ASN F 186 3.30 21.78 -0.93
C ASN F 186 2.79 20.44 -1.40
N ASN F 187 2.92 20.16 -2.69
CA ASN F 187 2.32 18.95 -3.24
C ASN F 187 2.97 18.43 -4.53
N GLU F 188 2.40 17.38 -5.09
CA GLU F 188 2.91 16.79 -6.31
C GLU F 188 3.09 17.75 -7.48
N GLU F 189 2.32 18.82 -7.55
CA GLU F 189 2.40 19.77 -8.68
C GLU F 189 3.62 20.71 -8.71
N LYS F 190 4.40 20.77 -7.64
CA LYS F 190 5.66 21.53 -7.63
C LYS F 190 5.53 23.00 -8.06
N VAL F 191 4.40 23.63 -7.73
CA VAL F 191 4.14 25.04 -8.07
C VAL F 191 4.44 25.95 -6.88
N GLY F 192 3.66 25.74 -5.82
CA GLY F 192 3.66 26.61 -4.63
C GLY F 192 4.15 25.88 -3.39
N GLU F 193 4.69 26.65 -2.45
CA GLU F 193 5.10 26.12 -1.14
C GLU F 193 4.60 26.96 0.00
N GLY F 194 4.16 26.28 1.05
CA GLY F 194 3.66 26.95 2.24
C GLY F 194 2.38 27.71 2.00
N VAL F 195 2.20 28.77 2.81
CA VAL F 195 1.04 29.65 2.70
C VAL F 195 1.37 31.04 3.22
N HIS F 196 0.62 32.01 2.73
CA HIS F 196 0.72 33.39 3.18
C HIS F 196 -0.66 33.95 3.17
N TYR F 197 -1.36 33.85 4.28
CA TYR F 197 -2.71 34.34 4.36
C TYR F 197 -2.75 35.80 4.69
N LYS F 198 -2.83 36.13 5.96
CA LYS F 198 -2.84 37.52 6.32
C LYS F 198 -2.07 37.53 7.59
N ASN F 199 -0.79 37.63 7.40
CA ASN F 199 0.20 37.57 8.49
C ASN F 199 0.46 36.18 9.00
N VAL F 200 -0.01 35.18 8.27
CA VAL F 200 0.19 33.80 8.62
C VAL F 200 1.24 33.35 7.65
N PHE F 201 2.19 32.59 8.15
CA PHE F 201 3.31 32.16 7.36
C PHE F 201 3.43 30.67 7.64
N GLY F 202 2.93 29.88 6.71
CA GLY F 202 3.05 28.42 6.75
C GLY F 202 4.20 27.96 5.88
N SER F 203 4.73 26.80 6.21
CA SER F 203 5.78 26.21 5.42
C SER F 203 6.06 24.82 5.94
N TYR F 204 6.70 24.00 5.11
CA TYR F 204 7.22 22.68 5.49
C TYR F 204 8.76 22.70 5.68
N PHE F 205 9.34 23.90 5.67
CA PHE F 205 10.79 24.08 5.69
C PHE F 205 11.38 23.72 7.05
N HIS F 206 12.32 22.78 7.02
CA HIS F 206 13.22 22.57 8.16
C HIS F 206 14.45 23.46 7.99
N GLY F 207 15.32 23.48 9.00
CA GLY F 207 16.52 24.33 8.97
C GLY F 207 17.16 24.58 10.33
N PRO F 208 16.47 25.25 11.25
CA PRO F 208 15.08 25.71 11.12
C PRO F 208 14.92 26.93 10.21
N ILE F 209 13.70 27.14 9.71
CA ILE F 209 13.44 28.15 8.66
C ILE F 209 13.97 29.57 8.95
N LEU F 210 13.92 30.00 10.22
CA LEU F 210 14.38 31.34 10.61
C LEU F 210 15.91 31.49 10.78
N SER F 211 16.61 30.39 11.04
CA SER F 211 18.08 30.37 11.09
C SER F 211 18.63 30.56 9.68
N ARG F 212 18.09 29.76 8.77
CA ARG F 212 18.50 29.72 7.37
C ARG F 212 18.05 31.00 6.65
N ASN F 213 16.94 31.59 7.08
CA ASN F 213 16.39 32.79 6.42
C ASN F 213 16.15 33.94 7.41
N ALA F 214 17.21 34.64 7.78
CA ALA F 214 17.10 35.80 8.68
C ALA F 214 16.12 36.88 8.16
N ASN F 215 16.00 37.00 6.85
CA ASN F 215 15.05 37.93 6.25
C ASN F 215 13.59 37.65 6.62
N LEU F 216 13.21 36.38 6.76
CA LEU F 216 11.85 36.04 7.22
C LEU F 216 11.70 36.29 8.73
N ALA F 217 12.75 36.03 9.49
CA ALA F 217 12.75 36.32 10.93
C ALA F 217 12.46 37.79 11.17
N TYR F 218 13.19 38.63 10.45
CA TYR F 218 13.02 40.08 10.48
C TYR F 218 11.62 40.51 10.08
N ARG F 219 11.07 39.91 9.05
CA ARG F 219 9.72 40.29 8.57
C ARG F 219 8.65 39.99 9.62
N LEU F 220 8.71 38.79 10.21
CA LEU F 220 7.71 38.36 11.20
C LEU F 220 7.68 39.28 12.42
N VAL F 221 8.87 39.51 12.98
CA VAL F 221 8.99 40.29 14.19
C VAL F 221 8.67 41.79 13.97
N THR F 222 9.03 42.35 12.81
CA THR F 222 8.71 43.75 12.49
C THR F 222 7.25 43.92 12.14
N THR F 223 6.71 43.01 11.33
CA THR F 223 5.27 42.98 11.05
C THR F 223 4.48 43.00 12.36
N ALA F 224 4.94 42.23 13.35
CA ALA F 224 4.28 42.19 14.68
C ALA F 224 4.39 43.51 15.44
N LEU F 225 5.61 44.06 15.51
CA LEU F 225 5.90 45.35 16.16
C LEU F 225 5.13 46.52 15.53
N LYS F 226 5.19 46.64 14.22
CA LYS F 226 4.45 47.68 13.52
C LYS F 226 2.94 47.57 13.72
N LYS F 227 2.42 46.36 13.84
CA LYS F 227 0.99 46.22 14.09
C LYS F 227 0.61 46.73 15.47
N LYS F 228 1.47 46.47 16.45
CA LYS F 228 1.19 46.82 17.85
C LYS F 228 1.47 48.30 18.12
N TYR F 229 2.62 48.78 17.63
CA TYR F 229 3.10 50.13 17.90
C TYR F 229 2.94 51.11 16.73
N GLY F 230 2.17 50.74 15.72
CA GLY F 230 1.87 51.63 14.58
C GLY F 230 2.91 51.61 13.47
N GLN F 231 2.42 51.60 12.22
CA GLN F 231 3.26 51.45 11.00
C GLN F 231 4.40 52.45 10.84
N ASP F 232 4.25 53.59 11.49
CA ASP F 232 5.15 54.72 11.38
C ASP F 232 6.49 54.48 12.06
N ILE F 233 6.50 53.64 13.11
CA ILE F 233 7.72 53.42 13.92
C ILE F 233 8.94 53.10 13.08
N GLN F 234 10.11 53.45 13.62
CA GLN F 234 11.35 53.25 12.90
C GLN F 234 12.23 52.27 13.67
N LEU F 235 12.47 51.14 13.01
CA LEU F 235 13.19 50.02 13.60
C LEU F 235 14.56 49.93 12.94
N PRO F 236 15.58 49.40 13.66
CA PRO F 236 16.91 49.27 13.05
C PRO F 236 16.88 48.49 11.74
N ALA F 237 17.72 48.88 10.79
CA ALA F 237 17.63 48.33 9.44
C ALA F 237 18.01 46.84 9.44
N TYR F 238 17.39 46.09 8.54
CA TYR F 238 17.70 44.67 8.36
C TYR F 238 19.22 44.43 8.26
N GLU F 239 19.93 45.16 7.41
CA GLU F 239 21.36 44.94 7.18
C GLU F 239 22.22 45.40 8.38
N ASP F 240 21.73 46.36 9.16
CA ASP F 240 22.47 46.87 10.33
C ASP F 240 22.55 45.87 11.48
N ILE F 241 21.41 45.29 11.86
CA ILE F 241 21.35 44.44 13.08
C ILE F 241 21.67 42.96 12.85
N LEU F 242 21.33 42.43 11.67
CA LEU F 242 21.51 41.02 11.34
C LEU F 242 22.59 40.83 10.28
N SER F 243 23.62 41.68 10.30
CA SER F 243 24.69 41.64 9.29
C SER F 243 25.44 40.30 9.32
N GLN F 244 25.62 39.75 10.52
CA GLN F 244 26.37 38.51 10.72
C GLN F 244 25.61 37.28 10.20
N GLU F 245 24.30 37.38 10.04
CA GLU F 245 23.45 36.23 9.68
C GLU F 245 23.01 36.26 8.22
N ILE F 246 23.72 37.01 7.35
CA ILE F 246 23.29 37.18 5.93
C ILE F 246 24.39 36.79 4.94
N ALA F 247 24.15 35.72 4.15
CA ALA F 247 25.09 35.26 3.12
C ALA F 247 25.08 36.20 1.92
N SER G 61 5.87 -25.80 2.65
CA SER G 61 4.64 -26.65 2.64
C SER G 61 3.36 -25.85 2.97
N LEU G 62 3.26 -24.65 2.40
CA LEU G 62 2.09 -23.77 2.54
C LEU G 62 1.77 -23.04 1.22
N ALA G 63 0.48 -22.97 0.90
CA ALA G 63 -0.04 -22.10 -0.17
C ALA G 63 -0.92 -20.95 0.44
N LYS G 64 -0.30 -19.78 0.60
CA LYS G 64 -1.02 -18.55 1.01
C LYS G 64 -1.72 -17.79 -0.13
N ASN G 65 -2.13 -18.47 -1.21
CA ASN G 65 -2.97 -17.82 -2.26
C ASN G 65 -4.47 -17.93 -1.93
N TYR G 66 -4.81 -17.62 -0.70
CA TYR G 66 -6.16 -17.72 -0.16
C TYR G 66 -6.45 -16.63 0.85
N GLU G 67 -7.57 -15.93 0.70
CA GLU G 67 -8.14 -15.19 1.83
C GLU G 67 -8.67 -16.28 2.77
N ILE G 68 -8.25 -16.22 4.04
CA ILE G 68 -8.43 -17.34 4.95
C ILE G 68 -8.98 -16.89 6.31
N VAL G 69 -10.07 -17.55 6.73
CA VAL G 69 -10.80 -17.29 7.97
C VAL G 69 -10.60 -18.47 8.91
N VAL G 70 -10.14 -18.23 10.14
CA VAL G 70 -10.05 -19.30 11.18
C VAL G 70 -11.13 -19.12 12.24
N VAL G 71 -11.68 -20.24 12.71
CA VAL G 71 -12.82 -20.26 13.64
C VAL G 71 -12.42 -21.12 14.83
N THR G 72 -12.30 -20.51 16.01
CA THR G 72 -11.96 -21.22 17.27
C THR G 72 -13.03 -20.92 18.31
N GLY G 73 -12.79 -21.37 19.55
CA GLY G 73 -13.72 -21.19 20.67
C GLY G 73 -14.01 -22.55 21.27
N THR G 74 -14.63 -22.57 22.44
CA THR G 74 -14.84 -23.84 23.14
C THR G 74 -16.07 -24.57 22.61
N ASN G 75 -17.17 -23.85 22.35
CA ASN G 75 -18.41 -24.47 21.90
C ASN G 75 -18.82 -24.04 20.48
N GLY G 76 -19.31 -25.02 19.71
CA GLY G 76 -20.01 -24.78 18.46
C GLY G 76 -19.17 -24.37 17.26
N LYS G 77 -17.93 -24.83 17.18
CA LYS G 77 -17.08 -24.50 16.04
C LYS G 77 -17.55 -25.19 14.77
N THR G 78 -17.69 -26.52 14.80
CA THR G 78 -18.02 -27.27 13.58
C THR G 78 -19.25 -26.69 12.89
N LEU G 79 -20.31 -26.44 13.65
CA LEU G 79 -21.56 -25.86 13.10
C LEU G 79 -21.32 -24.53 12.45
N THR G 80 -20.74 -23.61 13.23
CA THR G 80 -20.42 -22.29 12.73
C THR G 80 -19.59 -22.37 11.45
N THR G 81 -18.58 -23.24 11.44
CA THR G 81 -17.72 -23.40 10.29
C THR G 81 -18.48 -24.00 9.12
N ALA G 82 -19.18 -25.10 9.36
CA ALA G 82 -19.96 -25.79 8.32
C ALA G 82 -20.99 -24.88 7.68
N LEU G 83 -21.62 -24.06 8.50
CA LEU G 83 -22.62 -23.09 8.06
C LEU G 83 -21.98 -21.99 7.22
N THR G 84 -20.91 -21.41 7.74
CA THR G 84 -20.11 -20.41 7.02
C THR G 84 -19.67 -20.85 5.64
N VAL G 85 -19.31 -22.13 5.47
CA VAL G 85 -18.93 -22.67 4.15
C VAL G 85 -20.11 -22.63 3.19
N GLY G 86 -21.21 -23.28 3.57
CA GLY G 86 -22.43 -23.32 2.77
C GLY G 86 -22.89 -21.96 2.30
N ILE G 87 -22.80 -20.97 3.19
CA ILE G 87 -23.15 -19.59 2.85
C ILE G 87 -22.18 -19.09 1.79
N LEU G 88 -20.88 -19.11 2.09
CA LEU G 88 -19.90 -18.60 1.15
C LEU G 88 -19.83 -19.35 -0.19
N LYS G 89 -20.26 -20.61 -0.26
CA LYS G 89 -20.30 -21.34 -1.55
C LYS G 89 -21.27 -20.67 -2.54
N GLU G 90 -22.35 -20.12 -1.99
CA GLU G 90 -23.32 -19.36 -2.77
C GLU G 90 -22.79 -17.98 -3.25
N VAL G 91 -21.58 -17.58 -2.84
CA VAL G 91 -20.92 -16.35 -3.29
C VAL G 91 -19.64 -16.62 -4.11
N TYR G 92 -18.77 -17.51 -3.64
CA TYR G 92 -17.48 -17.81 -4.26
C TYR G 92 -17.38 -19.19 -4.93
N GLY G 93 -18.40 -20.04 -4.77
CA GLY G 93 -18.46 -21.35 -5.43
C GLY G 93 -17.65 -22.45 -4.76
N GLN G 94 -16.32 -22.33 -4.88
CA GLN G 94 -15.35 -23.24 -4.27
C GLN G 94 -14.89 -22.59 -2.97
N VAL G 95 -15.18 -23.24 -1.85
CA VAL G 95 -14.75 -22.80 -0.50
C VAL G 95 -13.97 -23.93 0.15
N LEU G 96 -12.73 -23.65 0.55
CA LEU G 96 -11.85 -24.68 1.08
C LEU G 96 -11.99 -24.82 2.61
N THR G 97 -12.25 -26.02 3.07
CA THR G 97 -12.43 -26.27 4.50
C THR G 97 -11.84 -27.62 4.90
N ASN G 98 -12.03 -27.98 6.17
CA ASN G 98 -11.41 -29.16 6.80
C ASN G 98 -12.43 -29.84 7.76
N PRO G 99 -13.16 -30.87 7.29
CA PRO G 99 -14.30 -31.43 8.08
C PRO G 99 -13.87 -32.03 9.45
N SER G 100 -13.32 -31.18 10.32
CA SER G 100 -12.54 -31.58 11.53
C SER G 100 -11.45 -32.63 11.28
N ASN G 103 -6.29 -29.73 13.62
CA ASN G 103 -4.99 -29.40 14.24
C ASN G 103 -3.94 -29.19 13.13
N MET G 104 -2.65 -29.20 13.48
CA MET G 104 -1.53 -29.23 12.50
C MET G 104 -1.62 -30.18 11.31
N ILE G 105 -2.42 -31.23 11.43
CA ILE G 105 -2.70 -32.18 10.35
C ILE G 105 -3.43 -31.51 9.13
N THR G 106 -4.00 -30.29 9.28
CA THR G 106 -4.73 -29.60 8.17
C THR G 106 -3.90 -29.32 6.89
N GLY G 107 -2.59 -29.58 6.92
CA GLY G 107 -1.81 -29.84 5.70
C GLY G 107 -2.54 -30.76 4.73
N ILE G 108 -3.19 -31.81 5.27
CA ILE G 108 -4.11 -32.67 4.51
C ILE G 108 -5.22 -31.83 3.85
N ALA G 109 -5.94 -31.02 4.65
CA ALA G 109 -7.00 -30.13 4.15
C ALA G 109 -6.62 -29.22 2.94
N THR G 110 -5.33 -28.88 2.75
CA THR G 110 -4.81 -28.28 1.51
C THR G 110 -3.97 -29.34 0.75
N ASN G 123 -11.40 -16.20 -3.94
CA ASN G 123 -10.84 -17.52 -3.66
C ASN G 123 -10.51 -17.78 -2.15
N ILE G 124 -11.48 -18.36 -1.42
CA ILE G 124 -11.54 -18.27 0.04
C ILE G 124 -11.54 -19.62 0.78
N ALA G 125 -11.01 -19.63 1.99
CA ALA G 125 -10.98 -20.82 2.80
C ALA G 125 -11.32 -20.51 4.22
N VAL G 126 -12.16 -21.35 4.82
CA VAL G 126 -12.54 -21.19 6.19
C VAL G 126 -12.03 -22.42 6.89
N LEU G 127 -11.29 -22.21 7.98
CA LEU G 127 -10.72 -23.33 8.70
C LEU G 127 -11.06 -23.31 10.19
N GLU G 128 -11.42 -24.48 10.70
CA GLU G 128 -11.76 -24.59 12.11
C GLU G 128 -10.48 -25.00 12.78
N ILE G 129 -10.10 -24.33 13.84
CA ILE G 129 -8.85 -24.68 14.45
C ILE G 129 -8.99 -24.83 15.93
N ASP G 130 -8.19 -25.71 16.51
CA ASP G 130 -8.21 -25.93 17.94
C ASP G 130 -7.47 -24.80 18.68
N GLU G 131 -8.08 -24.29 19.75
CA GLU G 131 -7.49 -23.28 20.65
C GLU G 131 -5.98 -23.43 20.84
N ALA G 132 -5.57 -24.65 21.21
CA ALA G 132 -4.17 -24.97 21.52
C ALA G 132 -3.28 -24.80 20.30
N SER G 133 -3.59 -25.56 19.25
CA SER G 133 -2.80 -25.60 18.01
C SER G 133 -2.62 -24.26 17.30
N LEU G 134 -3.54 -23.31 17.52
CA LEU G 134 -3.58 -22.04 16.79
C LEU G 134 -2.26 -21.26 16.77
N SER G 135 -1.58 -21.19 17.91
CA SER G 135 -0.29 -20.48 18.02
C SER G 135 0.73 -20.98 16.99
N ARG G 136 0.81 -22.31 16.89
CA ARG G 136 1.71 -23.00 15.95
C ARG G 136 1.35 -22.70 14.48
N ILE G 137 0.09 -22.95 14.11
CA ILE G 137 -0.42 -22.72 12.74
C ILE G 137 -0.12 -21.28 12.28
N CYS G 138 -0.26 -20.30 13.17
CA CYS G 138 -0.04 -18.89 12.80
C CYS G 138 1.40 -18.49 12.51
N ASP G 139 2.34 -19.41 12.66
CA ASP G 139 3.67 -19.26 12.05
C ASP G 139 3.58 -19.46 10.54
N TYR G 140 2.87 -20.50 10.14
CA TYR G 140 2.74 -20.86 8.72
C TYR G 140 1.74 -19.95 7.97
N ILE G 141 0.45 -20.07 8.25
CA ILE G 141 -0.58 -19.26 7.56
C ILE G 141 -0.73 -17.85 8.15
N GLN G 142 -1.35 -16.97 7.37
CA GLN G 142 -1.46 -15.54 7.66
C GLN G 142 -2.94 -15.13 7.49
N PRO G 143 -3.82 -15.49 8.45
CA PRO G 143 -5.26 -15.33 8.20
C PRO G 143 -5.75 -13.87 8.14
N SER G 144 -6.87 -13.66 7.47
CA SER G 144 -7.53 -12.34 7.34
C SER G 144 -8.56 -12.09 8.47
N LEU G 145 -9.18 -13.17 8.94
CA LEU G 145 -10.19 -13.10 10.00
C LEU G 145 -10.04 -14.23 11.03
N PHE G 146 -9.97 -13.84 12.31
CA PHE G 146 -10.08 -14.74 13.44
C PHE G 146 -11.49 -14.57 14.02
N VAL G 147 -12.15 -15.69 14.29
CA VAL G 147 -13.50 -15.66 14.82
C VAL G 147 -13.50 -16.53 16.06
N ILE G 148 -13.90 -15.95 17.19
CA ILE G 148 -14.09 -16.69 18.44
C ILE G 148 -15.58 -16.72 18.78
N THR G 149 -16.19 -17.90 18.64
CA THR G 149 -17.63 -18.10 18.90
C THR G 149 -18.02 -17.77 20.35
N ASN G 150 -17.22 -18.28 21.28
CA ASN G 150 -17.33 -18.06 22.75
C ASN G 150 -16.31 -18.98 23.45
N ILE G 151 -16.05 -18.69 24.73
CA ILE G 151 -15.16 -19.51 25.55
C ILE G 151 -15.80 -19.76 26.92
N PHE G 152 -16.22 -21.01 27.16
CA PHE G 152 -16.70 -21.48 28.47
C PHE G 152 -15.78 -22.57 29.00
N ARG G 153 -15.80 -22.79 30.31
CA ARG G 153 -14.90 -23.73 30.98
C ARG G 153 -15.47 -25.15 31.08
N ASP G 154 -14.57 -26.12 31.34
CA ASP G 154 -14.91 -27.45 31.91
C ASP G 154 -14.41 -27.72 33.38
N GLN G 155 -13.18 -28.24 33.57
CA GLN G 155 -12.63 -28.65 34.87
C GLN G 155 -11.61 -27.64 35.37
N GLU G 161 -9.09 -21.74 34.17
CA GLU G 161 -8.95 -22.42 32.88
C GLU G 161 -9.55 -21.67 31.67
N ILE G 162 -10.45 -20.68 31.88
CA ILE G 162 -10.98 -19.83 30.80
C ILE G 162 -9.91 -18.87 30.33
N TYR G 163 -9.40 -18.07 31.27
CA TYR G 163 -8.54 -16.92 30.95
C TYR G 163 -7.22 -17.34 30.29
N THR G 164 -6.77 -18.57 30.57
CA THR G 164 -5.54 -19.10 29.96
C THR G 164 -5.74 -19.50 28.49
N THR G 165 -6.84 -20.19 28.17
CA THR G 165 -7.14 -20.53 26.76
C THR G 165 -7.58 -19.32 25.92
N TYR G 166 -8.09 -18.26 26.56
CA TYR G 166 -8.33 -16.99 25.87
C TYR G 166 -7.00 -16.34 25.53
N ASN G 167 -6.11 -16.23 26.51
CA ASN G 167 -4.78 -15.66 26.27
C ASN G 167 -3.87 -16.51 25.38
N MET G 168 -4.16 -17.81 25.28
CA MET G 168 -3.50 -18.68 24.31
C MET G 168 -3.88 -18.31 22.85
N ILE G 169 -5.19 -18.14 22.59
CA ILE G 169 -5.71 -17.68 21.28
C ILE G 169 -5.26 -16.24 21.02
N LEU G 170 -5.22 -15.43 22.06
CA LEU G 170 -4.87 -14.03 21.92
C LEU G 170 -3.38 -13.89 21.58
N ASP G 171 -2.55 -14.81 22.08
CA ASP G 171 -1.11 -14.79 21.75
C ASP G 171 -0.83 -15.19 20.30
N ALA G 172 -1.57 -16.19 19.79
CA ALA G 172 -1.54 -16.52 18.36
C ALA G 172 -1.90 -15.32 17.48
N ILE G 173 -2.95 -14.61 17.86
CA ILE G 173 -3.45 -13.48 17.07
C ILE G 173 -2.46 -12.28 17.02
N ARG G 174 -1.56 -12.17 18.01
CA ARG G 174 -0.51 -11.13 17.98
C ARG G 174 0.41 -11.32 16.81
N LYS G 175 0.68 -12.59 16.49
CA LYS G 175 1.56 -12.95 15.36
C LYS G 175 1.09 -12.45 14.00
N VAL G 176 -0.19 -12.15 13.85
CA VAL G 176 -0.75 -11.73 12.57
C VAL G 176 -1.49 -10.41 12.77
N PRO G 177 -0.75 -9.31 12.92
CA PRO G 177 -1.38 -8.01 13.27
C PRO G 177 -2.27 -7.40 12.18
N THR G 178 -2.14 -7.88 10.94
CA THR G 178 -3.00 -7.48 9.82
C THR G 178 -4.45 -8.02 9.89
N ALA G 179 -4.67 -9.10 10.63
CA ALA G 179 -6.01 -9.72 10.68
C ALA G 179 -7.03 -8.87 11.46
N THR G 180 -8.30 -9.07 11.12
CA THR G 180 -9.42 -8.56 11.91
C THR G 180 -9.88 -9.71 12.82
N VAL G 181 -10.36 -9.38 14.02
CA VAL G 181 -10.85 -10.36 14.98
C VAL G 181 -12.34 -10.12 15.18
N LEU G 182 -13.13 -11.16 14.97
CA LEU G 182 -14.58 -11.11 15.12
C LEU G 182 -14.97 -11.89 16.37
N LEU G 183 -15.52 -11.19 17.34
CA LEU G 183 -15.81 -11.77 18.64
C LEU G 183 -17.30 -11.68 18.99
N ASN G 184 -17.74 -12.57 19.86
CA ASN G 184 -19.11 -12.53 20.41
C ASN G 184 -19.20 -11.38 21.39
N GLY G 185 -19.56 -10.20 20.90
CA GLY G 185 -19.70 -9.00 21.74
C GLY G 185 -20.43 -9.19 23.06
N ASP G 186 -21.47 -10.04 23.01
CA ASP G 186 -22.32 -10.35 24.16
C ASP G 186 -21.60 -11.00 25.35
N SER G 187 -20.45 -11.61 25.14
CA SER G 187 -19.60 -12.11 26.25
C SER G 187 -18.69 -11.01 26.84
N PRO G 188 -18.69 -10.84 28.18
CA PRO G 188 -17.76 -9.93 28.86
C PRO G 188 -16.30 -10.27 28.66
N LEU G 189 -15.98 -11.54 28.44
CA LEU G 189 -14.59 -11.98 28.27
C LEU G 189 -13.90 -11.24 27.12
N PHE G 190 -14.68 -10.95 26.08
CA PHE G 190 -14.24 -10.12 24.95
C PHE G 190 -14.69 -8.69 25.21
N TYR G 191 -13.73 -7.89 25.63
CA TYR G 191 -14.00 -6.54 26.00
C TYR G 191 -12.63 -5.92 26.02
N LYS G 192 -12.42 -4.96 25.14
CA LYS G 192 -11.11 -4.35 24.98
C LYS G 192 -9.94 -5.36 25.04
N PRO G 193 -9.90 -6.35 24.11
CA PRO G 193 -8.78 -7.29 24.08
C PRO G 193 -7.45 -6.57 23.99
N THR G 194 -6.46 -7.03 24.74
CA THR G 194 -5.08 -6.50 24.67
C THR G 194 -4.39 -7.05 23.41
N ILE G 195 -4.87 -6.60 22.26
CA ILE G 195 -4.21 -6.84 20.97
C ILE G 195 -4.40 -5.59 20.11
N PRO G 196 -3.44 -5.33 19.22
CA PRO G 196 -3.54 -4.14 18.37
C PRO G 196 -4.60 -4.28 17.26
N ASN G 197 -4.94 -5.52 16.90
CA ASN G 197 -5.79 -5.83 15.73
C ASN G 197 -7.12 -5.08 15.82
N PRO G 198 -7.72 -4.74 14.66
CA PRO G 198 -9.04 -4.11 14.73
C PRO G 198 -10.08 -5.15 15.15
N ILE G 199 -10.94 -4.80 16.10
CA ILE G 199 -11.93 -5.74 16.65
C ILE G 199 -13.32 -5.46 16.07
N GLU G 200 -14.05 -6.52 15.75
CA GLU G 200 -15.44 -6.41 15.33
C GLU G 200 -16.27 -7.40 16.13
N TYR G 201 -17.46 -6.96 16.51
CA TYR G 201 -18.30 -7.69 17.44
C TYR G 201 -19.65 -8.05 16.83
N PHE G 202 -20.14 -9.27 17.08
CA PHE G 202 -21.54 -9.64 16.79
C PHE G 202 -22.32 -9.88 18.08
N GLY G 203 -23.63 -9.69 18.06
CA GLY G 203 -24.39 -9.91 19.25
C GLY G 203 -25.89 -9.78 19.11
N PHE G 204 -26.60 -9.99 20.20
CA PHE G 204 -28.02 -9.86 20.19
C PHE G 204 -28.32 -8.46 20.60
N ASP G 205 -28.81 -7.64 19.68
CA ASP G 205 -29.12 -6.27 20.03
C ASP G 205 -30.60 -6.12 20.21
N LEU G 206 -31.13 -6.72 21.26
CA LEU G 206 -32.54 -6.63 21.51
C LEU G 206 -32.84 -5.48 22.42
N GLU G 207 -34.10 -5.38 22.82
CA GLU G 207 -34.58 -4.32 23.67
C GLU G 207 -33.98 -4.32 25.06
N LYS G 208 -33.42 -3.19 25.45
CA LYS G 208 -32.83 -3.07 26.78
C LYS G 208 -33.89 -2.71 27.80
N GLY G 209 -34.01 -3.52 28.85
CA GLY G 209 -34.83 -3.21 30.00
C GLY G 209 -33.96 -2.59 31.08
N PRO G 210 -34.51 -2.46 32.30
CA PRO G 210 -33.69 -2.01 33.43
C PRO G 210 -32.77 -3.16 33.88
N ALA G 211 -31.57 -2.80 34.34
CA ALA G 211 -30.53 -3.76 34.69
C ALA G 211 -30.97 -4.75 35.77
N GLN G 212 -30.73 -6.03 35.49
CA GLN G 212 -31.06 -7.11 36.42
C GLN G 212 -29.84 -8.01 36.51
N LEU G 213 -29.60 -8.57 37.69
CA LEU G 213 -28.60 -9.62 37.87
C LEU G 213 -28.99 -10.89 37.09
N ALA G 214 -28.00 -11.71 36.78
CA ALA G 214 -28.26 -13.05 36.24
C ALA G 214 -28.54 -14.02 37.38
N HIS G 215 -29.07 -15.18 37.05
CA HIS G 215 -29.30 -16.24 38.03
C HIS G 215 -27.98 -16.51 38.77
N TYR G 216 -28.05 -16.74 40.07
CA TYR G 216 -26.83 -16.82 40.92
C TYR G 216 -25.79 -17.90 40.53
N ASN G 217 -26.24 -18.99 39.93
CA ASN G 217 -25.31 -20.01 39.39
C ASN G 217 -24.60 -19.61 38.09
N THR G 218 -24.89 -18.44 37.53
CA THR G 218 -24.21 -17.99 36.34
C THR G 218 -22.76 -17.61 36.63
N GLU G 219 -21.85 -18.22 35.86
CA GLU G 219 -20.43 -18.01 36.00
C GLU G 219 -19.94 -16.88 35.14
N GLY G 220 -18.85 -16.26 35.59
CA GLY G 220 -18.15 -15.20 34.85
C GLY G 220 -18.89 -13.87 34.78
N ILE G 221 -19.22 -13.31 35.94
CA ILE G 221 -20.04 -12.09 36.00
C ILE G 221 -19.34 -10.92 36.68
N LEU G 222 -18.01 -10.88 36.66
CA LEU G 222 -17.28 -9.76 37.23
C LEU G 222 -16.89 -8.77 36.10
N CYS G 223 -17.05 -7.44 36.29
CA CYS G 223 -16.70 -6.50 35.19
C CYS G 223 -15.21 -6.66 34.98
N PRO G 224 -14.79 -6.72 33.71
CA PRO G 224 -13.35 -6.85 33.45
C PRO G 224 -12.50 -5.62 33.81
N ASP G 225 -13.09 -4.46 34.15
CA ASP G 225 -12.36 -3.31 34.75
C ASP G 225 -12.51 -3.23 36.29
N CYS G 226 -13.73 -2.87 36.76
CA CYS G 226 -14.09 -2.65 38.19
C CYS G 226 -13.90 -3.87 39.11
N GLN G 227 -13.85 -5.10 38.57
CA GLN G 227 -13.87 -6.34 39.40
C GLN G 227 -15.16 -6.57 40.20
N GLY G 228 -16.17 -5.73 39.98
CA GLY G 228 -17.43 -5.81 40.71
C GLY G 228 -18.39 -6.64 39.90
N ILE G 229 -19.64 -6.68 40.36
CA ILE G 229 -20.64 -7.58 39.80
C ILE G 229 -21.41 -6.92 38.65
N LEU G 230 -21.50 -7.64 37.53
CA LEU G 230 -22.17 -7.15 36.33
C LEU G 230 -23.67 -7.36 36.43
N LYS G 231 -24.42 -6.49 35.75
CA LYS G 231 -25.86 -6.70 35.54
C LYS G 231 -26.16 -6.72 34.05
N TYR G 232 -27.40 -7.07 33.72
CA TYR G 232 -27.81 -7.22 32.35
C TYR G 232 -29.03 -6.37 31.97
N GLU G 233 -28.82 -5.44 31.04
CA GLU G 233 -29.92 -4.69 30.41
C GLU G 233 -30.83 -5.67 29.64
N HIS G 234 -30.26 -6.73 29.11
CA HIS G 234 -31.00 -7.94 28.71
C HIS G 234 -30.00 -9.08 28.61
N ASN G 235 -30.45 -10.30 28.92
CA ASN G 235 -29.57 -11.46 28.97
C ASN G 235 -30.18 -12.57 28.10
N THR G 236 -29.37 -13.06 27.15
CA THR G 236 -29.77 -14.17 26.30
C THR G 236 -29.71 -15.45 27.13
N TYR G 237 -28.51 -15.97 27.29
CA TYR G 237 -28.28 -17.14 28.09
C TYR G 237 -26.91 -17.03 28.70
N ALA G 238 -26.69 -17.79 29.76
CA ALA G 238 -25.45 -17.79 30.51
C ALA G 238 -25.09 -16.38 30.90
N ASN G 239 -23.84 -15.99 30.66
CA ASN G 239 -23.43 -14.66 31.02
C ASN G 239 -23.42 -13.75 29.82
N LEU G 240 -24.15 -14.15 28.78
CA LEU G 240 -24.26 -13.36 27.54
C LEU G 240 -25.43 -12.39 27.51
N GLY G 241 -25.15 -11.18 27.02
CA GLY G 241 -26.16 -10.15 26.79
C GLY G 241 -25.60 -8.75 26.87
N ALA G 242 -26.49 -7.80 27.07
CA ALA G 242 -26.10 -6.40 27.21
C ALA G 242 -25.64 -6.17 28.64
N TYR G 243 -24.39 -6.49 28.90
CA TYR G 243 -23.83 -6.37 30.24
C TYR G 243 -23.53 -4.91 30.63
N ILE G 244 -23.47 -4.64 31.94
CA ILE G 244 -23.19 -3.31 32.47
C ILE G 244 -22.72 -3.33 33.95
N CYS G 245 -21.54 -2.78 34.24
CA CYS G 245 -21.13 -2.56 35.65
C CYS G 245 -21.53 -1.15 36.04
N GLU G 246 -22.31 -1.08 37.11
CA GLU G 246 -22.84 0.18 37.61
C GLU G 246 -21.84 0.94 38.48
N GLY G 247 -20.57 0.52 38.51
CA GLY G 247 -19.48 1.26 39.18
C GLY G 247 -18.44 1.69 38.16
N CYS G 248 -17.73 0.73 37.54
CA CYS G 248 -16.76 1.00 36.44
C CYS G 248 -17.43 1.83 35.31
N GLY G 249 -18.70 1.54 35.01
CA GLY G 249 -19.35 2.04 33.78
C GLY G 249 -19.21 1.10 32.58
N CYS G 250 -18.21 0.21 32.59
CA CYS G 250 -18.00 -0.83 31.57
C CYS G 250 -19.30 -1.54 31.18
N LYS G 251 -19.55 -1.62 29.87
CA LYS G 251 -20.74 -2.24 29.30
C LYS G 251 -20.44 -2.80 27.90
N ARG G 252 -21.32 -3.68 27.41
CA ARG G 252 -21.15 -4.31 26.10
C ARG G 252 -20.92 -3.25 25.06
N PRO G 253 -19.82 -3.37 24.28
CA PRO G 253 -19.47 -2.40 23.24
C PRO G 253 -20.45 -2.40 22.06
N ASP G 254 -20.31 -1.40 21.20
CA ASP G 254 -21.19 -1.29 20.05
C ASP G 254 -20.99 -2.50 19.15
N LEU G 255 -22.09 -3.07 18.70
CA LEU G 255 -22.08 -4.27 17.88
C LEU G 255 -22.02 -3.95 16.39
N ASP G 256 -21.14 -4.65 15.67
CA ASP G 256 -20.97 -4.49 14.23
C ASP G 256 -21.93 -5.32 13.41
N TYR G 257 -22.26 -6.51 13.89
CA TYR G 257 -23.25 -7.38 13.24
C TYR G 257 -24.36 -7.73 14.24
N ARG G 258 -25.54 -7.13 14.04
CA ARG G 258 -26.57 -7.09 15.08
C ARG G 258 -27.73 -8.00 14.77
N LEU G 259 -28.19 -8.76 15.74
CA LEU G 259 -29.37 -9.58 15.54
C LEU G 259 -30.36 -8.65 16.16
N THR G 260 -31.25 -8.05 15.37
CA THR G 260 -32.16 -7.07 15.95
C THR G 260 -33.51 -7.51 16.41
N LYS G 261 -33.93 -8.71 16.08
CA LYS G 261 -35.24 -9.13 16.49
C LYS G 261 -35.37 -10.61 16.60
N LEU G 262 -35.77 -11.08 17.76
CA LEU G 262 -36.02 -12.50 17.92
C LEU G 262 -37.48 -12.70 17.57
N VAL G 263 -37.73 -13.27 16.40
CA VAL G 263 -39.05 -13.19 15.79
C VAL G 263 -39.94 -14.27 16.38
N GLU G 264 -39.54 -15.52 16.21
CA GLU G 264 -40.23 -16.66 16.78
C GLU G 264 -39.19 -17.47 17.54
N LEU G 265 -39.64 -18.21 18.55
CA LEU G 265 -38.79 -19.14 19.26
C LEU G 265 -39.66 -20.10 20.06
N THR G 266 -39.79 -21.33 19.58
CA THR G 266 -40.62 -22.36 20.23
C THR G 266 -39.71 -23.48 20.69
N ASN G 267 -40.29 -24.59 21.13
CA ASN G 267 -39.51 -25.82 21.36
C ASN G 267 -38.90 -26.47 20.08
N ASN G 268 -39.35 -26.09 18.89
CA ASN G 268 -38.94 -26.73 17.63
C ASN G 268 -38.19 -25.85 16.64
N ARG G 269 -38.41 -24.53 16.70
CA ARG G 269 -37.80 -23.62 15.73
C ARG G 269 -37.47 -22.31 16.39
N SER G 270 -36.69 -21.52 15.67
CA SER G 270 -36.43 -20.13 16.03
C SER G 270 -36.29 -19.40 14.72
N ARG G 271 -36.85 -18.19 14.65
CA ARG G 271 -36.68 -17.30 13.51
C ARG G 271 -36.26 -15.97 14.05
N PHE G 272 -35.33 -15.32 13.37
CA PHE G 272 -34.65 -14.15 13.92
C PHE G 272 -34.11 -13.26 12.80
N VAL G 273 -33.92 -11.97 13.12
CA VAL G 273 -33.47 -11.01 12.12
C VAL G 273 -32.05 -10.52 12.41
N ILE G 274 -31.19 -10.61 11.39
CA ILE G 274 -29.81 -10.14 11.49
C ILE G 274 -29.51 -9.19 10.33
N ASP G 275 -29.28 -7.92 10.66
CA ASP G 275 -28.87 -6.91 9.71
C ASP G 275 -29.73 -7.00 8.45
N GLY G 276 -31.04 -6.87 8.68
CA GLY G 276 -31.99 -6.72 7.60
C GLY G 276 -32.72 -7.96 7.20
N GLN G 277 -32.11 -9.13 7.40
CA GLN G 277 -32.62 -10.39 6.82
C GLN G 277 -33.14 -11.29 7.92
N GLU G 278 -34.19 -12.04 7.61
CA GLU G 278 -34.67 -13.08 8.51
C GLU G 278 -34.04 -14.41 8.13
N TYR G 279 -33.41 -15.06 9.09
CA TYR G 279 -33.00 -16.44 8.97
C TYR G 279 -33.77 -17.21 10.02
N GLY G 280 -33.96 -18.51 9.80
CA GLY G 280 -34.58 -19.41 10.77
C GLY G 280 -33.97 -20.81 10.78
N ILE G 281 -33.97 -21.47 11.93
CA ILE G 281 -33.40 -22.81 12.06
C ILE G 281 -34.49 -23.72 12.60
N GLN G 282 -34.52 -24.96 12.10
CA GLN G 282 -35.58 -25.89 12.41
C GLN G 282 -35.26 -26.81 13.60
N ILE G 283 -34.58 -26.26 14.62
CA ILE G 283 -34.16 -27.05 15.78
C ILE G 283 -34.67 -26.46 17.11
N GLY G 284 -34.50 -25.17 17.33
CA GLY G 284 -34.89 -24.59 18.62
C GLY G 284 -33.87 -24.83 19.71
N GLY G 285 -34.10 -24.22 20.87
CA GLY G 285 -33.02 -23.97 21.82
C GLY G 285 -32.17 -22.78 21.36
N LEU G 286 -32.05 -21.79 22.22
CA LEU G 286 -31.55 -20.46 21.85
C LEU G 286 -30.04 -20.36 21.67
N TYR G 287 -29.28 -21.23 22.33
CA TYR G 287 -27.83 -21.29 22.14
C TYR G 287 -27.41 -21.42 20.65
N ASN G 288 -28.17 -22.17 19.86
CA ASN G 288 -27.82 -22.35 18.43
C ASN G 288 -27.86 -21.09 17.59
N ILE G 289 -28.73 -20.15 17.94
CA ILE G 289 -28.86 -18.91 17.21
C ILE G 289 -27.50 -18.21 17.17
N TYR G 290 -26.78 -18.20 18.29
CA TYR G 290 -25.42 -17.63 18.31
C TYR G 290 -24.48 -18.24 17.27
N ASN G 291 -24.69 -19.52 16.92
CA ASN G 291 -23.89 -20.13 15.86
C ASN G 291 -24.24 -19.56 14.51
N ALA G 292 -25.54 -19.46 14.22
CA ALA G 292 -26.03 -18.85 12.97
C ALA G 292 -25.56 -17.39 12.82
N LEU G 293 -25.62 -16.64 13.92
CA LEU G 293 -25.22 -15.25 13.95
C LEU G 293 -23.77 -15.08 13.56
N ALA G 294 -22.91 -15.88 14.18
CA ALA G 294 -21.49 -15.88 13.83
C ALA G 294 -21.27 -16.17 12.34
N ALA G 295 -22.01 -17.13 11.79
CA ALA G 295 -21.86 -17.51 10.39
C ALA G 295 -22.26 -16.36 9.48
N VAL G 296 -23.43 -15.80 9.75
CA VAL G 296 -23.94 -14.66 8.99
C VAL G 296 -22.98 -13.46 9.14
N ALA G 297 -22.46 -13.24 10.34
CA ALA G 297 -21.57 -12.10 10.57
C ALA G 297 -20.28 -12.20 9.78
N ILE G 298 -19.78 -13.42 9.58
CA ILE G 298 -18.58 -13.67 8.75
C ILE G 298 -18.86 -13.33 7.30
N ALA G 299 -19.96 -13.86 6.76
CA ALA G 299 -20.35 -13.57 5.39
C ALA G 299 -20.48 -12.07 5.17
N ARG G 300 -21.09 -11.39 6.13
CA ARG G 300 -21.22 -9.93 6.05
C ARG G 300 -19.86 -9.21 6.07
N PHE G 301 -18.92 -9.67 6.89
CA PHE G 301 -17.56 -9.12 6.87
C PHE G 301 -16.88 -9.25 5.51
N LEU G 302 -17.23 -10.30 4.77
CA LEU G 302 -16.71 -10.56 3.43
C LEU G 302 -17.59 -9.97 2.33
N GLY G 303 -18.52 -9.09 2.69
CA GLY G 303 -19.35 -8.36 1.71
C GLY G 303 -20.37 -9.18 0.95
N ALA G 304 -20.85 -10.26 1.56
CA ALA G 304 -21.89 -11.09 0.94
C ALA G 304 -23.22 -10.37 1.01
N ASP G 305 -24.04 -10.48 -0.03
CA ASP G 305 -25.40 -9.89 -0.04
C ASP G 305 -26.29 -10.66 0.97
N SER G 306 -27.02 -9.96 1.83
CA SER G 306 -27.91 -10.65 2.80
C SER G 306 -28.89 -11.62 2.11
N GLN G 307 -29.14 -11.42 0.82
CA GLN G 307 -30.02 -12.28 0.05
C GLN G 307 -29.36 -13.60 -0.29
N LEU G 308 -28.08 -13.54 -0.63
CA LEU G 308 -27.29 -14.76 -0.92
C LEU G 308 -26.94 -15.52 0.35
N ILE G 309 -26.75 -14.79 1.45
CA ILE G 309 -26.49 -15.40 2.75
C ILE G 309 -27.65 -16.35 3.02
N LYS G 310 -28.90 -15.87 2.89
CA LYS G 310 -30.06 -16.71 3.15
C LYS G 310 -30.15 -17.89 2.22
N GLN G 311 -29.89 -17.65 0.93
CA GLN G 311 -29.99 -18.68 -0.11
C GLN G 311 -29.15 -19.90 0.27
N GLY G 312 -27.92 -19.63 0.71
CA GLY G 312 -26.95 -20.66 1.10
C GLY G 312 -27.05 -21.13 2.53
N PHE G 313 -27.52 -20.26 3.42
CA PHE G 313 -27.90 -20.64 4.79
C PHE G 313 -28.91 -21.78 4.73
N ASP G 314 -30.01 -21.55 4.00
CA ASP G 314 -31.09 -22.54 3.84
C ASP G 314 -30.61 -23.90 3.33
N LYS G 315 -29.70 -23.90 2.36
CA LYS G 315 -29.17 -25.14 1.79
C LYS G 315 -28.37 -25.92 2.82
N SER G 316 -27.65 -25.21 3.69
CA SER G 316 -26.77 -25.84 4.69
C SER G 316 -27.28 -25.87 6.16
N ARG G 317 -28.54 -25.50 6.40
CA ARG G 317 -29.19 -25.64 7.71
C ARG G 317 -29.43 -27.05 8.23
N ALA G 318 -29.23 -28.05 7.37
CA ALA G 318 -29.18 -29.46 7.80
C ALA G 318 -28.24 -29.68 8.98
N VAL G 319 -27.14 -28.91 9.04
CA VAL G 319 -26.10 -29.13 10.06
C VAL G 319 -26.56 -28.93 11.51
N PHE G 320 -27.70 -28.27 11.73
CA PHE G 320 -28.34 -28.25 13.05
C PHE G 320 -29.09 -29.56 13.30
N GLY G 321 -29.62 -30.18 12.25
CA GLY G 321 -30.32 -31.46 12.36
C GLY G 321 -31.76 -31.31 12.82
N ARG G 322 -32.59 -32.32 12.57
CA ARG G 322 -34.00 -32.29 12.98
C ARG G 322 -34.10 -32.69 14.48
N GLN G 323 -35.28 -33.05 14.96
CA GLN G 323 -35.57 -33.06 16.40
C GLN G 323 -35.48 -34.41 17.08
N GLU G 324 -35.38 -35.49 16.31
CA GLU G 324 -35.32 -36.85 16.88
C GLU G 324 -36.50 -37.17 17.79
N THR G 325 -37.65 -37.29 17.14
CA THR G 325 -38.88 -37.70 17.76
C THR G 325 -39.14 -39.14 17.35
N PHE G 326 -39.83 -39.87 18.21
CA PHE G 326 -40.12 -41.29 18.05
C PHE G 326 -41.60 -41.50 18.35
N HIS G 327 -42.29 -42.22 17.47
CA HIS G 327 -43.67 -42.66 17.72
C HIS G 327 -43.58 -43.93 18.57
N ILE G 328 -44.05 -43.88 19.81
CA ILE G 328 -44.15 -45.09 20.63
C ILE G 328 -45.62 -45.50 20.65
N GLY G 329 -45.99 -46.31 19.65
CA GLY G 329 -47.37 -46.70 19.40
C GLY G 329 -48.24 -45.48 19.26
N ASP G 330 -48.93 -45.13 20.34
CA ASP G 330 -49.88 -44.02 20.42
C ASP G 330 -49.18 -42.68 20.81
N LYS G 331 -48.01 -42.75 21.44
CA LYS G 331 -47.29 -41.55 21.92
C LYS G 331 -46.27 -41.01 20.92
N GLU G 332 -45.96 -39.73 21.09
CA GLU G 332 -44.89 -39.03 20.39
C GLU G 332 -43.86 -38.60 21.42
N CYS G 333 -42.74 -39.31 21.50
CA CYS G 333 -41.69 -38.96 22.45
C CYS G 333 -40.44 -38.41 21.77
N THR G 334 -39.98 -37.25 22.26
CA THR G 334 -38.80 -36.56 21.76
C THR G 334 -37.63 -36.71 22.73
N LEU G 335 -36.46 -37.00 22.17
CA LEU G 335 -35.25 -37.34 22.92
C LEU G 335 -34.20 -36.20 22.83
N VAL G 336 -33.71 -35.74 23.99
CA VAL G 336 -32.92 -34.51 24.09
C VAL G 336 -31.69 -34.69 24.99
N LEU G 337 -30.54 -34.25 24.49
CA LEU G 337 -29.27 -34.47 25.17
C LEU G 337 -29.03 -33.41 26.25
N ILE G 338 -28.50 -33.83 27.41
CA ILE G 338 -27.99 -32.89 28.43
C ILE G 338 -26.55 -33.25 28.82
N LYS G 339 -25.63 -32.28 28.79
CA LYS G 339 -24.22 -32.51 29.13
C LYS G 339 -23.81 -31.85 30.42
N ASN G 340 -24.26 -30.63 30.64
CA ASN G 340 -23.75 -29.78 31.70
C ASN G 340 -24.86 -28.84 32.14
N PRO G 341 -24.66 -28.17 33.28
CA PRO G 341 -25.70 -27.25 33.76
C PRO G 341 -26.26 -26.27 32.72
N VAL G 342 -25.37 -25.56 32.02
CA VAL G 342 -25.78 -24.56 31.04
C VAL G 342 -26.54 -25.23 29.90
N GLY G 343 -26.03 -26.36 29.41
CA GLY G 343 -26.74 -27.15 28.42
C GLY G 343 -28.09 -27.69 28.88
N ALA G 344 -28.14 -28.15 30.11
CA ALA G 344 -29.37 -28.71 30.67
C ALA G 344 -30.41 -27.63 30.80
N THR G 345 -30.04 -26.55 31.47
CA THR G 345 -30.92 -25.38 31.61
C THR G 345 -31.46 -24.94 30.26
N GLN G 346 -30.58 -24.90 29.26
CA GLN G 346 -30.97 -24.55 27.89
C GLN G 346 -32.08 -25.46 27.34
N ALA G 347 -31.94 -26.77 27.57
CA ALA G 347 -32.97 -27.75 27.20
C ALA G 347 -34.25 -27.56 28.01
N ILE G 348 -34.12 -27.27 29.30
CA ILE G 348 -35.27 -27.03 30.13
C ILE G 348 -36.02 -25.81 29.59
N GLU G 349 -35.33 -24.70 29.33
CA GLU G 349 -35.99 -23.49 28.84
C GLU G 349 -36.60 -23.70 27.45
N MET G 350 -36.05 -24.65 26.68
CA MET G 350 -36.65 -25.08 25.40
C MET G 350 -38.01 -25.78 25.61
N ILE G 351 -38.02 -26.87 26.36
CA ILE G 351 -39.26 -27.65 26.60
C ILE G 351 -40.33 -26.87 27.37
N LYS G 352 -39.92 -25.85 28.12
CA LYS G 352 -40.83 -24.91 28.75
C LYS G 352 -41.80 -24.26 27.73
N LEU G 353 -41.33 -24.11 26.50
CA LEU G 353 -42.09 -23.43 25.44
C LEU G 353 -43.02 -24.34 24.67
N ALA G 354 -42.99 -25.65 24.89
CA ALA G 354 -43.91 -26.53 24.19
C ALA G 354 -45.35 -26.10 24.48
N PRO G 355 -46.23 -26.15 23.47
CA PRO G 355 -47.60 -25.69 23.65
C PRO G 355 -48.56 -26.75 24.21
N TYR G 356 -48.05 -27.91 24.62
CA TYR G 356 -48.87 -29.03 25.08
C TYR G 356 -48.38 -29.56 26.42
N PRO G 357 -49.18 -30.39 27.11
CA PRO G 357 -48.63 -31.16 28.24
C PRO G 357 -47.76 -32.31 27.78
N PHE G 358 -46.76 -32.66 28.61
CA PHE G 358 -45.88 -33.81 28.34
C PHE G 358 -45.39 -34.49 29.59
N SER G 359 -44.96 -35.74 29.44
CA SER G 359 -44.28 -36.48 30.50
C SER G 359 -42.78 -36.23 30.35
N LEU G 360 -42.15 -35.82 31.45
CA LEU G 360 -40.71 -35.60 31.50
C LEU G 360 -39.99 -36.80 32.10
N SER G 361 -39.12 -37.42 31.33
CA SER G 361 -38.25 -38.47 31.85
C SER G 361 -36.81 -37.96 31.80
N VAL G 362 -36.06 -38.15 32.90
CA VAL G 362 -34.69 -37.71 33.00
C VAL G 362 -33.80 -38.90 33.28
N LEU G 363 -32.89 -39.20 32.36
CA LEU G 363 -32.04 -40.37 32.44
C LEU G 363 -30.62 -39.91 32.76
N LEU G 364 -30.16 -40.20 33.97
CA LEU G 364 -28.82 -39.80 34.43
C LEU G 364 -27.90 -41.01 34.56
N ASN G 365 -26.83 -41.03 33.73
CA ASN G 365 -25.72 -41.97 33.87
C ASN G 365 -24.49 -41.15 34.25
N ALA G 366 -23.49 -41.87 34.77
CA ALA G 366 -22.23 -41.26 35.21
C ALA G 366 -21.09 -42.09 34.70
N ASN G 367 -20.22 -41.47 33.92
CA ASN G 367 -19.06 -42.15 33.31
C ASN G 367 -18.18 -41.10 32.62
N TYR G 368 -17.22 -41.53 31.80
CA TYR G 368 -16.34 -40.58 31.10
C TYR G 368 -17.14 -39.60 30.26
N ALA G 369 -17.99 -40.13 29.39
CA ALA G 369 -18.72 -39.34 28.42
C ALA G 369 -19.74 -38.44 29.08
N ASP G 370 -20.42 -38.93 30.10
CA ASP G 370 -21.52 -38.18 30.75
C ASP G 370 -21.14 -37.31 31.93
N GLY G 371 -19.84 -37.21 32.24
CA GLY G 371 -19.38 -36.48 33.43
C GLY G 371 -19.36 -37.39 34.66
N ILE G 372 -18.15 -37.60 35.16
CA ILE G 372 -17.89 -38.56 36.23
C ILE G 372 -18.53 -38.24 37.58
N ASP G 373 -18.96 -36.99 37.77
CA ASP G 373 -19.60 -36.54 39.00
C ASP G 373 -21.00 -36.07 38.71
N THR G 374 -22.03 -36.68 39.30
CA THR G 374 -23.41 -36.24 39.06
C THR G 374 -23.80 -34.90 39.71
N SER G 375 -22.93 -34.33 40.55
CA SER G 375 -23.22 -33.08 41.26
C SER G 375 -23.64 -31.94 40.32
N TRP G 376 -23.17 -31.95 39.08
CA TRP G 376 -23.58 -30.95 38.09
C TRP G 376 -25.08 -30.74 37.89
N ILE G 377 -25.90 -31.76 38.09
CA ILE G 377 -27.37 -31.57 37.98
C ILE G 377 -27.93 -30.59 39.00
N TRP G 378 -27.24 -30.44 40.13
CA TRP G 378 -27.64 -29.46 41.16
C TRP G 378 -27.48 -28.00 40.75
N ASP G 379 -26.67 -27.72 39.72
CA ASP G 379 -26.58 -26.37 39.16
C ASP G 379 -27.52 -26.16 37.96
N ALA G 380 -27.96 -27.23 37.31
CA ALA G 380 -29.01 -27.12 36.27
C ALA G 380 -30.32 -26.65 36.88
N ASP G 381 -31.00 -25.72 36.21
CA ASP G 381 -32.19 -25.07 36.76
C ASP G 381 -33.46 -25.90 36.47
N PHE G 382 -33.52 -27.07 37.11
CA PHE G 382 -34.67 -27.96 37.02
C PHE G 382 -35.89 -27.39 37.74
N GLU G 383 -35.67 -26.47 38.69
CA GLU G 383 -36.77 -25.82 39.43
C GLU G 383 -37.87 -25.21 38.53
N GLN G 384 -37.54 -24.96 37.26
CA GLN G 384 -38.51 -24.47 36.26
C GLN G 384 -39.60 -25.45 35.84
N ILE G 385 -39.44 -26.74 36.14
CA ILE G 385 -40.46 -27.73 35.78
C ILE G 385 -41.78 -27.54 36.51
N THR G 386 -41.74 -26.95 37.71
CA THR G 386 -42.95 -26.75 38.50
C THR G 386 -43.95 -25.80 37.82
N ASP G 387 -43.42 -24.87 37.03
CA ASP G 387 -44.25 -23.97 36.23
C ASP G 387 -44.68 -24.54 34.87
N MET G 388 -44.30 -25.77 34.55
CA MET G 388 -44.68 -26.42 33.30
C MET G 388 -45.92 -27.28 33.49
N ASP G 389 -46.48 -27.74 32.38
CA ASP G 389 -47.64 -28.61 32.35
C ASP G 389 -47.11 -30.06 32.20
N ILE G 390 -46.63 -30.62 33.32
CA ILE G 390 -46.09 -31.97 33.37
C ILE G 390 -46.89 -32.82 34.37
N PRO G 391 -47.62 -33.85 33.87
CA PRO G 391 -48.30 -34.80 34.77
C PRO G 391 -47.41 -35.88 35.40
N GLU G 392 -46.71 -36.64 34.57
CA GLU G 392 -45.83 -37.72 35.03
C GLU G 392 -44.39 -37.27 34.95
N ILE G 393 -43.57 -37.76 35.88
CA ILE G 393 -42.11 -37.74 35.71
C ILE G 393 -41.55 -39.14 35.96
N ASN G 394 -40.53 -39.51 35.19
CA ASN G 394 -39.77 -40.74 35.41
C ASN G 394 -38.35 -40.36 35.73
N ALA G 395 -37.76 -41.02 36.73
CA ALA G 395 -36.39 -40.76 37.11
C ALA G 395 -35.57 -42.02 36.84
N GLY G 396 -34.96 -42.10 35.66
CA GLY G 396 -34.26 -43.32 35.22
C GLY G 396 -32.75 -43.14 35.09
N GLY G 397 -32.12 -44.13 34.46
CA GLY G 397 -30.67 -44.18 34.26
C GLY G 397 -29.96 -44.82 35.43
N VAL G 398 -28.68 -45.15 35.25
CA VAL G 398 -27.84 -45.79 36.30
C VAL G 398 -27.97 -45.06 37.64
N ARG G 399 -27.84 -43.73 37.61
CA ARG G 399 -27.96 -42.91 38.83
C ARG G 399 -29.39 -42.40 39.05
N HIS G 400 -30.38 -43.23 38.67
CA HIS G 400 -31.79 -43.00 39.01
C HIS G 400 -32.06 -42.48 40.41
N SER G 401 -31.30 -42.92 41.39
CA SER G 401 -31.57 -42.53 42.78
C SER G 401 -31.26 -41.06 43.04
N GLU G 402 -30.15 -40.56 42.48
CA GLU G 402 -29.73 -39.16 42.70
C GLU G 402 -30.66 -38.18 41.95
N ILE G 403 -30.93 -38.47 40.67
CA ILE G 403 -31.84 -37.61 39.87
C ILE G 403 -33.28 -37.53 40.43
N ALA G 404 -33.82 -38.62 40.93
CA ALA G 404 -35.13 -38.56 41.60
C ALA G 404 -35.12 -37.59 42.80
N ARG G 405 -34.03 -37.57 43.56
CA ARG G 405 -33.89 -36.62 44.67
C ARG G 405 -33.85 -35.20 44.16
N ARG G 406 -33.08 -34.97 43.11
CA ARG G 406 -32.99 -33.66 42.49
C ARG G 406 -34.38 -33.20 42.08
N LEU G 407 -35.10 -34.08 41.38
CA LEU G 407 -36.41 -33.74 40.86
C LEU G 407 -37.39 -33.41 41.97
N ARG G 408 -37.37 -34.19 43.06
CA ARG G 408 -38.18 -33.88 44.24
C ARG G 408 -37.96 -32.47 44.77
N VAL G 409 -36.70 -32.09 44.88
CA VAL G 409 -36.32 -30.85 45.56
C VAL G 409 -36.76 -29.57 44.81
N THR G 410 -37.24 -29.75 43.58
CA THR G 410 -37.94 -28.69 42.86
C THR G 410 -39.26 -28.25 43.52
N GLY G 411 -39.86 -29.13 44.31
CA GLY G 411 -41.21 -28.93 44.82
C GLY G 411 -42.26 -29.58 43.92
N TYR G 412 -41.81 -30.36 42.95
CA TYR G 412 -42.72 -31.10 42.09
C TYR G 412 -43.32 -32.19 42.96
N PRO G 413 -44.63 -32.48 42.78
CA PRO G 413 -45.34 -33.50 43.56
C PRO G 413 -44.56 -34.82 43.67
N ALA G 414 -44.09 -35.13 44.88
CA ALA G 414 -43.19 -36.28 45.08
C ALA G 414 -43.85 -37.60 44.63
N GLU G 415 -45.15 -37.72 44.95
CA GLU G 415 -46.01 -38.84 44.54
C GLU G 415 -45.97 -39.20 43.02
N LYS G 416 -45.76 -38.19 42.16
CA LYS G 416 -45.79 -38.31 40.70
C LYS G 416 -44.43 -38.55 40.03
N ILE G 417 -43.36 -38.57 40.83
CA ILE G 417 -42.02 -38.94 40.36
C ILE G 417 -41.82 -40.43 40.60
N THR G 418 -41.48 -41.15 39.53
CA THR G 418 -41.46 -42.60 39.53
C THR G 418 -40.03 -43.05 39.29
N GLU G 419 -39.29 -43.27 40.37
CA GLU G 419 -37.91 -43.76 40.27
C GLU G 419 -37.91 -45.11 39.59
N THR G 420 -36.98 -45.33 38.67
CA THR G 420 -37.05 -46.49 37.78
C THR G 420 -35.69 -47.12 37.45
N SER G 421 -35.42 -48.21 38.16
CA SER G 421 -34.26 -49.09 38.00
C SER G 421 -33.78 -49.33 36.56
N ASN G 422 -34.70 -49.67 35.69
CA ASN G 422 -34.38 -50.27 34.40
C ASN G 422 -34.93 -49.40 33.26
N LEU G 423 -34.16 -49.22 32.18
CA LEU G 423 -34.62 -48.42 31.02
C LEU G 423 -35.83 -49.04 30.30
N GLU G 424 -35.85 -50.36 30.18
CA GLU G 424 -37.03 -51.09 29.67
C GLU G 424 -38.32 -50.69 30.40
N GLN G 425 -38.26 -50.50 31.72
CA GLN G 425 -39.44 -50.11 32.50
C GLN G 425 -39.87 -48.67 32.19
N VAL G 426 -38.90 -47.81 31.88
CA VAL G 426 -39.18 -46.40 31.49
C VAL G 426 -39.89 -46.37 30.14
N LEU G 427 -39.33 -47.08 29.16
CA LEU G 427 -39.97 -47.24 27.84
C LEU G 427 -41.40 -47.69 27.95
N LYS G 428 -41.66 -48.62 28.88
CA LYS G 428 -42.98 -49.19 29.09
C LYS G 428 -43.92 -48.20 29.78
N THR G 429 -43.49 -47.56 30.89
CA THR G 429 -44.37 -46.59 31.59
C THR G 429 -44.78 -45.40 30.68
N ILE G 430 -43.92 -45.06 29.71
CA ILE G 430 -44.23 -44.07 28.66
C ILE G 430 -45.23 -44.69 27.69
N GLU G 431 -44.92 -45.86 27.16
CA GLU G 431 -45.84 -46.62 26.29
C GLU G 431 -47.26 -46.57 26.88
N ASN G 432 -47.40 -46.94 28.15
CA ASN G 432 -48.71 -47.02 28.83
C ASN G 432 -49.13 -45.76 29.62
N GLN G 433 -48.59 -44.58 29.30
CA GLN G 433 -49.02 -43.33 29.98
C GLN G 433 -50.29 -42.86 29.29
N ASP G 434 -51.11 -42.06 29.95
CA ASP G 434 -52.34 -41.54 29.30
C ASP G 434 -52.07 -40.27 28.47
N CYS G 435 -51.10 -39.47 28.90
CA CYS G 435 -50.69 -38.26 28.19
C CYS G 435 -50.02 -38.57 26.83
N LYS G 436 -50.07 -37.63 25.90
CA LYS G 436 -49.82 -37.93 24.48
C LYS G 436 -48.40 -37.66 23.99
N HIS G 437 -47.78 -36.59 24.50
CA HIS G 437 -46.36 -36.30 24.23
C HIS G 437 -45.46 -36.64 25.43
N ALA G 438 -44.22 -37.06 25.16
CA ALA G 438 -43.22 -37.37 26.21
C ALA G 438 -41.82 -36.83 25.89
N TYR G 439 -41.29 -35.92 26.72
CA TYR G 439 -39.88 -35.48 26.57
C TYR G 439 -38.97 -36.38 27.43
N ILE G 440 -37.83 -36.75 26.86
CA ILE G 440 -36.81 -37.51 27.57
C ILE G 440 -35.49 -36.74 27.47
N LEU G 441 -35.04 -36.21 28.62
CA LEU G 441 -33.71 -35.63 28.73
C LEU G 441 -32.76 -36.69 29.25
N ALA G 442 -31.60 -36.84 28.60
CA ALA G 442 -30.69 -37.91 28.92
C ALA G 442 -29.26 -37.48 28.75
N THR G 443 -28.34 -38.04 29.53
CA THR G 443 -26.90 -37.85 29.29
C THR G 443 -26.46 -38.70 28.10
N TYR G 444 -25.27 -38.42 27.56
CA TYR G 444 -24.86 -39.01 26.26
C TYR G 444 -25.07 -40.52 26.14
N THR G 445 -24.53 -41.28 27.09
CA THR G 445 -24.64 -42.75 27.10
C THR G 445 -26.06 -43.22 27.38
N ALA G 446 -26.75 -42.55 28.31
CA ALA G 446 -28.15 -42.89 28.62
C ALA G 446 -29.02 -42.81 27.38
N MET G 447 -28.69 -41.85 26.51
CA MET G 447 -29.36 -41.67 25.23
C MET G 447 -29.03 -42.78 24.22
N LEU G 448 -27.75 -43.14 24.08
CA LEU G 448 -27.32 -44.27 23.21
C LEU G 448 -28.02 -45.60 23.60
N GLU G 449 -28.06 -45.88 24.90
CA GLU G 449 -28.74 -47.06 25.46
C GLU G 449 -30.22 -47.03 25.10
N PHE G 450 -30.86 -45.90 25.36
CA PHE G 450 -32.29 -45.73 25.06
C PHE G 450 -32.56 -45.75 23.56
N ARG G 451 -31.62 -45.22 22.76
CA ARG G 451 -31.71 -45.29 21.29
C ARG G 451 -31.74 -46.72 20.79
N GLU G 452 -31.37 -47.71 21.63
CA GLU G 452 -31.81 -49.10 21.40
C GLU G 452 -33.30 -49.28 21.80
N LEU G 453 -34.14 -48.96 20.83
CA LEU G 453 -35.60 -49.13 20.98
C LEU G 453 -35.90 -50.44 20.19
N LEU G 454 -35.62 -51.65 20.75
CA LEU G 454 -35.84 -52.92 19.97
C LEU G 454 -37.24 -53.07 19.22
N ALA G 455 -38.35 -52.54 19.78
CA ALA G 455 -39.67 -52.70 19.08
C ALA G 455 -39.65 -52.01 17.65
N SER G 456 -39.58 -50.65 17.62
CA SER G 456 -39.55 -49.88 16.31
C SER G 456 -39.07 -48.39 16.40
N ARG G 457 -38.39 -47.90 15.37
CA ARG G 457 -37.94 -46.53 15.42
C ARG G 457 -38.51 -45.70 14.27
N GLN G 458 -39.08 -44.57 14.62
CA GLN G 458 -39.70 -43.64 13.67
C GLN G 458 -38.96 -42.27 13.64
N ILE G 459 -39.47 -41.32 12.84
CA ILE G 459 -39.00 -39.91 12.78
C ILE G 459 -39.93 -39.10 11.87
N MET H 1 -25.99 -4.87 46.69
CA MET H 1 -27.26 -4.82 47.41
C MET H 1 -27.78 -6.21 47.64
N VAL H 2 -28.12 -6.51 48.87
CA VAL H 2 -28.61 -7.82 49.23
C VAL H 2 -29.92 -8.07 48.56
N TYR H 3 -30.14 -9.29 48.09
CA TYR H 3 -31.39 -9.61 47.45
C TYR H 3 -31.86 -11.00 47.77
N THR H 4 -33.12 -11.25 47.53
CA THR H 4 -33.74 -12.51 47.88
C THR H 4 -33.67 -13.45 46.68
N SER H 5 -32.77 -14.43 46.73
CA SER H 5 -32.52 -15.36 45.64
C SER H 5 -33.64 -16.39 45.52
N LEU H 6 -34.20 -16.79 46.65
CA LEU H 6 -35.21 -17.83 46.71
C LEU H 6 -36.15 -17.55 47.85
N SER H 7 -37.39 -18.02 47.70
CA SER H 7 -38.36 -18.03 48.79
C SER H 7 -39.42 -19.11 48.63
N SER H 8 -39.98 -19.52 49.75
CA SER H 8 -41.03 -20.51 49.75
C SER H 8 -42.27 -19.82 49.23
N LYS H 9 -43.12 -20.59 48.57
CA LYS H 9 -44.48 -20.20 48.23
C LYS H 9 -45.26 -19.78 49.50
N ASP H 10 -46.40 -19.16 49.31
CA ASP H 10 -47.25 -18.77 50.43
C ASP H 10 -47.97 -20.01 51.00
N GLY H 11 -48.11 -20.05 52.32
CA GLY H 11 -48.90 -21.10 52.98
C GLY H 11 -48.90 -20.98 54.50
N ASN H 12 -49.35 -22.04 55.16
CA ASN H 12 -49.33 -22.11 56.63
C ASN H 12 -48.06 -22.79 57.09
N TYR H 13 -47.08 -21.94 57.40
CA TYR H 13 -45.81 -22.36 57.97
C TYR H 13 -45.76 -21.82 59.41
N PRO H 14 -45.73 -22.71 60.41
CA PRO H 14 -45.49 -22.27 61.81
C PRO H 14 -44.27 -21.35 61.99
N TYR H 15 -43.13 -21.77 61.42
CA TYR H 15 -41.83 -21.11 61.60
C TYR H 15 -41.37 -20.28 60.39
N GLN H 16 -40.27 -19.58 60.56
CA GLN H 16 -39.70 -18.68 59.54
C GLN H 16 -38.17 -18.75 59.65
N LEU H 17 -37.51 -19.29 58.62
CA LEU H 17 -36.05 -19.26 58.56
C LEU H 17 -35.54 -18.27 57.51
N ASN H 18 -34.48 -17.55 57.85
CA ASN H 18 -33.81 -16.63 56.92
C ASN H 18 -32.42 -17.16 56.67
N ILE H 19 -32.15 -17.54 55.42
CA ILE H 19 -30.85 -18.11 55.08
C ILE H 19 -29.98 -17.08 54.34
N ALA H 20 -28.76 -16.87 54.84
CA ALA H 20 -27.78 -16.03 54.15
C ALA H 20 -26.90 -16.90 53.27
N HIS H 21 -27.09 -16.79 51.97
CA HIS H 21 -26.22 -17.44 51.00
C HIS H 21 -25.01 -16.51 50.76
N LEU H 22 -24.01 -16.60 51.64
CA LEU H 22 -22.78 -15.80 51.48
C LEU H 22 -22.11 -16.01 50.12
N TYR H 23 -21.99 -14.91 49.38
CA TYR H 23 -21.35 -14.84 48.09
C TYR H 23 -21.86 -15.88 47.10
N GLY H 24 -23.14 -16.21 47.19
CA GLY H 24 -23.78 -17.18 46.29
C GLY H 24 -23.66 -16.85 44.81
N ASN H 25 -23.67 -15.58 44.45
CA ASN H 25 -23.48 -15.23 43.04
C ASN H 25 -22.08 -15.52 42.47
N LEU H 26 -21.08 -15.67 43.32
CA LEU H 26 -19.72 -15.93 42.87
C LEU H 26 -19.11 -17.26 43.29
N MET H 27 -19.53 -17.79 44.43
CA MET H 27 -18.99 -19.07 44.90
C MET H 27 -20.00 -20.12 44.54
N ASN H 28 -20.19 -20.34 43.26
CA ASN H 28 -21.21 -21.26 42.85
C ASN H 28 -20.77 -22.42 42.00
N THR H 29 -19.65 -23.04 42.35
CA THR H 29 -19.12 -24.13 41.54
C THR H 29 -19.28 -25.53 42.14
N TYR H 30 -19.16 -26.51 41.24
CA TYR H 30 -19.05 -27.94 41.54
C TYR H 30 -20.28 -28.55 42.21
N GLY H 31 -21.42 -27.94 41.90
CA GLY H 31 -22.73 -28.37 42.40
C GLY H 31 -23.08 -27.93 43.81
N ASP H 32 -22.16 -27.24 44.48
CA ASP H 32 -22.27 -27.06 45.92
C ASP H 32 -23.37 -26.10 46.33
N ASN H 33 -23.78 -25.22 45.42
CA ASN H 33 -25.01 -24.43 45.64
C ASN H 33 -26.32 -25.25 45.66
N GLY H 34 -26.24 -26.55 45.41
CA GLY H 34 -27.36 -27.45 45.68
C GLY H 34 -27.66 -27.59 47.17
N ASN H 35 -26.67 -27.29 48.00
CA ASN H 35 -26.87 -27.26 49.44
C ASN H 35 -27.89 -26.22 49.86
N ILE H 36 -27.98 -25.11 49.14
CA ILE H 36 -29.03 -24.11 49.41
C ILE H 36 -30.39 -24.68 49.09
N LEU H 37 -30.46 -25.47 48.04
CA LEU H 37 -31.70 -26.06 47.65
C LEU H 37 -32.13 -27.10 48.65
N MET H 38 -31.19 -27.75 49.30
CA MET H 38 -31.56 -28.77 50.26
C MET H 38 -32.04 -28.16 51.57
N LEU H 39 -31.42 -27.08 52.01
CA LEU H 39 -31.84 -26.46 53.23
C LEU H 39 -33.26 -26.00 53.05
N LYS H 40 -33.49 -25.30 51.97
CA LYS H 40 -34.84 -24.81 51.67
C LYS H 40 -35.88 -25.91 51.74
N TYR H 41 -35.58 -27.05 51.11
CA TYR H 41 -36.49 -28.20 50.99
C TYR H 41 -36.77 -28.84 52.33
N VAL H 42 -35.71 -29.01 53.13
CA VAL H 42 -35.81 -29.67 54.41
C VAL H 42 -36.55 -28.73 55.37
N ALA H 43 -36.16 -27.46 55.38
CA ALA H 43 -36.85 -26.44 56.20
C ALA H 43 -38.34 -26.35 55.94
N GLU H 44 -38.75 -26.47 54.69
CA GLU H 44 -40.17 -26.47 54.34
C GLU H 44 -40.88 -27.70 54.94
N LYS H 45 -40.23 -28.85 54.92
CA LYS H 45 -40.77 -30.06 55.52
C LYS H 45 -40.87 -30.03 57.06
N LEU H 46 -40.08 -29.18 57.72
CA LEU H 46 -40.21 -28.91 59.16
C LEU H 46 -41.04 -27.65 59.47
N GLY H 47 -41.81 -27.17 58.49
CA GLY H 47 -42.75 -26.08 58.69
C GLY H 47 -42.09 -24.71 58.81
N ALA H 48 -41.04 -24.48 58.02
CA ALA H 48 -40.40 -23.17 57.96
C ALA H 48 -40.67 -22.56 56.57
N HIS H 49 -40.96 -21.26 56.57
CA HIS H 49 -41.05 -20.49 55.36
C HIS H 49 -39.64 -19.96 55.17
N VAL H 50 -38.96 -20.44 54.13
CA VAL H 50 -37.58 -20.07 53.85
C VAL H 50 -37.49 -18.83 52.95
N THR H 51 -36.48 -18.02 53.22
CA THR H 51 -36.19 -16.79 52.52
C THR H 51 -34.67 -16.74 52.42
N VAL H 52 -34.15 -17.05 51.23
CA VAL H 52 -32.71 -17.10 50.97
C VAL H 52 -32.25 -15.77 50.37
N ASP H 53 -31.29 -15.12 51.03
CA ASP H 53 -30.78 -13.82 50.61
C ASP H 53 -29.35 -13.99 50.21
N ILE H 54 -29.00 -13.39 49.09
CA ILE H 54 -27.66 -13.44 48.61
C ILE H 54 -26.88 -12.26 49.12
N VAL H 55 -26.12 -12.48 50.16
CA VAL H 55 -25.29 -11.46 50.75
C VAL H 55 -23.91 -11.55 50.14
N SER H 56 -23.69 -10.88 49.04
CA SER H 56 -22.40 -10.99 48.38
C SER H 56 -21.44 -9.81 48.51
N LEU H 57 -20.84 -9.41 47.42
CA LEU H 57 -19.87 -8.33 47.43
C LEU H 57 -20.38 -7.03 48.01
N HIS H 58 -19.50 -6.33 48.67
CA HIS H 58 -19.79 -5.05 49.25
C HIS H 58 -21.04 -4.97 50.08
N ASP H 59 -21.75 -6.08 50.24
CA ASP H 59 -22.97 -6.12 51.06
C ASP H 59 -22.61 -6.21 52.52
N ASP H 60 -23.59 -6.05 53.39
CA ASP H 60 -23.39 -6.18 54.81
C ASP H 60 -24.11 -7.40 55.29
N PHE H 61 -23.48 -8.07 56.25
CA PHE H 61 -24.09 -9.22 56.85
C PHE H 61 -24.81 -8.74 58.11
N ASP H 62 -26.13 -8.92 58.13
CA ASP H 62 -26.92 -8.62 59.33
C ASP H 62 -26.93 -9.88 60.20
N GLU H 63 -25.93 -9.98 61.07
CA GLU H 63 -25.80 -11.01 62.11
C GLU H 63 -27.09 -11.34 62.92
N ASN H 64 -28.00 -10.38 63.04
CA ASN H 64 -29.24 -10.60 63.84
C ASN H 64 -30.41 -11.07 62.99
N HIS H 65 -30.32 -10.95 61.67
CA HIS H 65 -31.44 -11.27 60.77
C HIS H 65 -31.46 -12.74 60.33
N TYR H 66 -30.28 -13.35 60.18
CA TYR H 66 -30.17 -14.68 59.55
C TYR H 66 -30.09 -15.82 60.58
N ASP H 67 -30.63 -16.98 60.21
CA ASP H 67 -30.67 -18.18 61.07
C ASP H 67 -29.69 -19.29 60.65
N ILE H 68 -29.52 -19.46 59.34
CA ILE H 68 -28.50 -20.30 58.73
C ILE H 68 -27.70 -19.44 57.77
N ALA H 69 -26.40 -19.71 57.67
CA ALA H 69 -25.53 -19.03 56.73
C ALA H 69 -24.72 -20.08 55.96
N PHE H 70 -24.85 -20.08 54.64
CA PHE H 70 -24.12 -21.04 53.79
C PHE H 70 -23.05 -20.34 52.97
N PHE H 71 -21.88 -20.95 52.87
CA PHE H 71 -20.70 -20.34 52.27
C PHE H 71 -20.06 -21.43 51.39
N GLY H 72 -20.33 -21.39 50.10
CA GLY H 72 -19.89 -22.45 49.18
C GLY H 72 -18.44 -22.36 48.73
N GLY H 73 -18.08 -23.22 47.78
CA GLY H 73 -16.75 -23.19 47.14
C GLY H 73 -16.82 -22.44 45.84
N GLY H 74 -15.69 -21.85 45.42
CA GLY H 74 -15.59 -21.19 44.09
C GLY H 74 -14.28 -21.35 43.35
N GLN H 75 -14.19 -20.68 42.21
CA GLN H 75 -12.95 -20.64 41.42
C GLN H 75 -11.86 -19.84 42.15
N ASP H 76 -10.61 -20.13 41.85
CA ASP H 76 -9.48 -19.47 42.51
C ASP H 76 -9.56 -17.94 42.43
N PHE H 77 -9.81 -17.43 41.24
CA PHE H 77 -9.81 -15.97 41.02
C PHE H 77 -10.90 -15.33 41.86
N GLU H 78 -12.14 -15.78 41.62
CA GLU H 78 -13.34 -15.33 42.37
C GLU H 78 -13.08 -15.34 43.87
N GLN H 79 -12.49 -16.41 44.37
CA GLN H 79 -12.20 -16.59 45.80
C GLN H 79 -11.22 -15.53 46.35
N SER H 80 -10.21 -15.14 45.57
CA SER H 80 -9.28 -14.07 46.00
C SER H 80 -9.91 -12.69 45.92
N ILE H 81 -10.89 -12.50 45.03
CA ILE H 81 -11.65 -11.24 45.00
C ILE H 81 -12.47 -11.12 46.28
N ILE H 82 -13.16 -12.21 46.62
CA ILE H 82 -13.96 -12.32 47.83
C ILE H 82 -13.06 -12.02 49.04
N ALA H 83 -11.86 -12.61 49.05
CA ALA H 83 -10.93 -12.45 50.17
C ALA H 83 -10.69 -11.00 50.53
N ASP H 84 -10.61 -10.12 49.52
CA ASP H 84 -10.44 -8.68 49.74
C ASP H 84 -11.66 -8.01 50.34
N ASP H 85 -12.85 -8.51 50.03
CA ASP H 85 -14.11 -7.96 50.53
C ASP H 85 -14.35 -8.26 52.00
N LEU H 86 -13.86 -9.41 52.45
CA LEU H 86 -14.22 -10.00 53.74
C LEU H 86 -13.99 -9.15 55.01
N PRO H 87 -12.91 -8.36 55.09
CA PRO H 87 -12.72 -7.63 56.35
C PRO H 87 -13.88 -6.72 56.77
N ALA H 88 -14.65 -6.23 55.79
CA ALA H 88 -15.93 -5.54 56.05
C ALA H 88 -16.96 -6.39 56.79
N LYS H 89 -16.97 -7.70 56.55
CA LYS H 89 -17.92 -8.60 57.19
C LYS H 89 -17.38 -9.33 58.45
N LYS H 90 -16.15 -9.03 58.87
CA LYS H 90 -15.48 -9.83 59.91
C LYS H 90 -16.20 -9.74 61.25
N GLU H 91 -16.38 -8.51 61.74
CA GLU H 91 -17.04 -8.27 63.02
C GLU H 91 -18.46 -8.88 63.03
N SER H 92 -19.21 -8.68 61.95
CA SER H 92 -20.58 -9.22 61.88
C SER H 92 -20.60 -10.76 61.97
N ILE H 93 -19.79 -11.41 61.14
CA ILE H 93 -19.78 -12.87 61.04
C ILE H 93 -19.27 -13.47 62.35
N ASP H 94 -18.25 -12.86 62.95
CA ASP H 94 -17.74 -13.29 64.27
C ASP H 94 -18.84 -13.29 65.33
N ASN H 95 -19.53 -12.16 65.44
CA ASN H 95 -20.66 -12.08 66.36
C ASN H 95 -21.67 -13.21 66.06
N TYR H 96 -22.05 -13.38 64.79
CA TYR H 96 -22.98 -14.45 64.39
C TYR H 96 -22.53 -15.81 64.85
N ILE H 97 -21.23 -16.11 64.63
CA ILE H 97 -20.64 -17.43 64.93
C ILE H 97 -20.62 -17.71 66.42
N GLN H 98 -20.20 -16.69 67.19
CA GLN H 98 -20.00 -16.77 68.65
C GLN H 98 -21.29 -16.81 69.44
N ASN H 99 -22.35 -16.19 68.90
CA ASN H 99 -23.71 -16.33 69.43
C ASN H 99 -24.38 -17.62 68.94
N ASP H 100 -23.58 -18.62 68.54
CA ASP H 100 -24.02 -19.97 68.20
C ASP H 100 -24.87 -20.02 66.92
N GLY H 101 -24.63 -19.08 66.01
CA GLY H 101 -25.36 -19.04 64.74
C GLY H 101 -24.95 -20.24 63.91
N VAL H 102 -25.89 -20.82 63.19
CA VAL H 102 -25.64 -21.98 62.37
C VAL H 102 -24.95 -21.59 61.06
N VAL H 103 -23.87 -22.29 60.71
CA VAL H 103 -23.13 -22.07 59.45
C VAL H 103 -22.84 -23.41 58.78
N LEU H 104 -22.98 -23.47 57.45
CA LEU H 104 -22.43 -24.57 56.67
C LEU H 104 -21.44 -23.98 55.68
N ALA H 105 -20.16 -24.25 55.86
CA ALA H 105 -19.10 -23.78 54.95
C ALA H 105 -18.48 -24.96 54.17
N ILE H 106 -18.20 -24.75 52.89
CA ILE H 106 -17.71 -25.82 52.03
C ILE H 106 -16.52 -25.37 51.21
N CYS H 107 -15.52 -26.22 51.10
CA CYS H 107 -14.38 -25.87 50.32
C CYS H 107 -13.98 -24.45 50.57
N GLY H 108 -13.79 -23.67 49.52
CA GLY H 108 -13.29 -22.29 49.68
C GLY H 108 -13.93 -21.53 50.84
N GLY H 109 -15.23 -21.73 51.03
CA GLY H 109 -15.98 -21.14 52.13
C GLY H 109 -15.32 -21.50 53.44
N PHE H 110 -15.26 -22.79 53.71
CA PHE H 110 -14.58 -23.36 54.88
C PHE H 110 -13.18 -22.75 55.09
N GLN H 111 -12.38 -22.70 54.02
CA GLN H 111 -11.00 -22.22 54.10
C GLN H 111 -10.94 -20.76 54.56
N LEU H 112 -11.89 -20.00 54.03
CA LEU H 112 -11.94 -18.56 54.19
C LEU H 112 -12.46 -18.12 55.53
N LEU H 113 -13.28 -18.92 56.21
CA LEU H 113 -13.61 -18.66 57.61
C LEU H 113 -12.32 -18.56 58.49
N GLY H 114 -11.29 -19.36 58.14
CA GLY H 114 -10.04 -19.40 58.90
C GLY H 114 -9.06 -18.24 58.75
N GLN H 115 -7.84 -18.42 59.26
CA GLN H 115 -6.81 -17.39 59.31
C GLN H 115 -6.30 -17.07 57.91
N TYR H 116 -5.96 -18.11 57.18
CA TYR H 116 -5.56 -17.98 55.78
C TYR H 116 -5.67 -19.30 55.02
N TYR H 117 -5.38 -19.19 53.73
CA TYR H 117 -5.20 -20.32 52.87
C TYR H 117 -4.15 -19.94 51.88
N VAL H 118 -3.39 -20.93 51.44
CA VAL H 118 -2.31 -20.71 50.50
C VAL H 118 -2.64 -21.36 49.16
N GLU H 119 -2.74 -20.57 48.10
CA GLU H 119 -3.01 -21.09 46.75
C GLU H 119 -1.92 -22.06 46.32
N ALA H 120 -2.26 -22.96 45.40
CA ALA H 120 -1.32 -23.96 44.86
C ALA H 120 0.04 -23.36 44.42
N SER H 121 0.01 -22.21 43.76
CA SER H 121 1.22 -21.45 43.42
C SER H 121 2.09 -21.06 44.64
N GLY H 122 1.46 -20.88 45.80
CA GLY H 122 2.14 -20.45 47.01
C GLY H 122 1.70 -19.09 47.56
N LYS H 123 0.80 -18.39 46.87
CA LYS H 123 0.32 -17.08 47.34
C LYS H 123 -0.49 -17.25 48.62
N ARG H 124 -0.11 -16.53 49.67
CA ARG H 124 -0.89 -16.46 50.88
C ARG H 124 -2.08 -15.54 50.68
N ILE H 125 -3.26 -15.98 51.07
CA ILE H 125 -4.47 -15.16 51.03
C ILE H 125 -5.13 -15.17 52.40
N GLU H 126 -5.32 -13.99 52.97
CA GLU H 126 -5.89 -13.87 54.32
C GLU H 126 -7.37 -14.12 54.26
N GLY H 127 -7.86 -14.80 55.28
CA GLY H 127 -9.28 -15.10 55.41
C GLY H 127 -9.87 -14.21 56.47
N LEU H 128 -11.16 -14.39 56.77
CA LEU H 128 -11.83 -13.64 57.83
C LEU H 128 -11.04 -13.67 59.12
N GLY H 129 -10.60 -14.86 59.52
CA GLY H 129 -9.95 -15.04 60.79
C GLY H 129 -10.94 -15.03 61.94
N VAL H 130 -12.17 -15.38 61.64
CA VAL H 130 -13.14 -15.55 62.70
C VAL H 130 -12.92 -16.91 63.33
N MET H 131 -12.16 -17.79 62.67
CA MET H 131 -11.87 -19.11 63.18
C MET H 131 -10.37 -19.29 63.30
N GLY H 132 -9.92 -20.36 63.93
CA GLY H 132 -8.51 -20.55 64.17
C GLY H 132 -7.68 -21.36 63.23
N HIS H 133 -8.33 -22.11 62.38
CA HIS H 133 -7.63 -22.94 61.39
C HIS H 133 -6.92 -22.18 60.27
N TYR H 134 -5.94 -22.86 59.67
CA TYR H 134 -5.30 -22.42 58.45
C TYR H 134 -5.29 -23.54 57.42
N THR H 135 -5.03 -23.16 56.17
CA THR H 135 -5.03 -24.10 55.08
C THR H 135 -3.74 -23.92 54.32
N LEU H 136 -3.01 -25.01 54.09
CA LEU H 136 -1.67 -24.96 53.53
C LEU H 136 -1.64 -25.42 52.08
N ASN H 137 -0.49 -25.07 51.49
CA ASN H 137 -0.14 -25.22 50.10
C ASN H 137 0.14 -26.68 49.76
N GLN H 138 -0.27 -27.12 48.59
CA GLN H 138 0.16 -28.43 48.04
C GLN H 138 0.44 -28.23 46.53
N THR H 139 1.71 -28.03 46.19
CA THR H 139 2.11 -27.81 44.80
C THR H 139 1.97 -29.09 44.01
N ASN H 140 1.28 -29.02 42.88
CA ASN H 140 1.23 -30.14 41.93
C ASN H 140 0.71 -31.49 42.51
N ASN H 141 -0.39 -31.45 43.26
CA ASN H 141 -1.00 -32.64 43.87
C ASN H 141 -2.31 -32.32 44.61
N ARG H 142 -3.27 -33.23 44.55
CA ARG H 142 -4.59 -33.05 45.15
C ARG H 142 -5.02 -34.26 45.97
N PHE H 143 -5.84 -34.03 46.98
CA PHE H 143 -6.52 -35.09 47.70
C PHE H 143 -7.82 -35.36 46.96
N ILE H 144 -7.78 -36.22 45.96
CA ILE H 144 -8.97 -36.58 45.19
C ILE H 144 -9.39 -37.97 45.65
N GLY H 145 -10.69 -38.17 45.89
CA GLY H 145 -11.23 -39.50 46.11
C GLY H 145 -12.50 -39.56 46.92
N ASP H 146 -12.99 -40.78 47.09
CA ASP H 146 -14.14 -41.08 47.93
C ASP H 146 -13.74 -40.90 49.40
N ILE H 147 -14.73 -40.63 50.25
CA ILE H 147 -14.46 -40.35 51.69
C ILE H 147 -15.68 -40.59 52.58
N LYS H 148 -15.41 -41.07 53.78
CA LYS H 148 -16.45 -41.36 54.76
C LYS H 148 -15.93 -40.97 56.12
N ILE H 149 -16.76 -40.28 56.90
CA ILE H 149 -16.37 -39.83 58.23
C ILE H 149 -17.43 -40.15 59.23
N HIS H 150 -17.04 -40.04 60.50
CA HIS H 150 -17.92 -40.32 61.62
C HIS H 150 -17.72 -39.28 62.72
N ASN H 151 -18.81 -38.60 63.09
CA ASN H 151 -18.82 -37.62 64.17
C ASN H 151 -19.25 -38.34 65.45
N GLU H 152 -18.31 -38.52 66.37
CA GLU H 152 -18.60 -39.29 67.59
C GLU H 152 -19.61 -38.64 68.53
N ASP H 153 -19.71 -37.31 68.47
CA ASP H 153 -20.66 -36.57 69.32
C ASP H 153 -22.12 -36.75 68.91
N PHE H 154 -22.40 -37.06 67.65
CA PHE H 154 -23.78 -37.29 67.20
C PHE H 154 -24.04 -38.75 66.84
N ASP H 155 -23.01 -39.58 66.96
CA ASP H 155 -22.97 -40.92 66.37
C ASP H 155 -23.65 -40.88 65.00
N GLU H 156 -23.05 -40.09 64.11
CA GLU H 156 -23.51 -39.89 62.74
C GLU H 156 -22.36 -40.07 61.75
N THR H 157 -22.69 -40.70 60.63
CA THR H 157 -21.77 -40.97 59.55
C THR H 157 -22.13 -40.09 58.33
N TYR H 158 -21.16 -39.33 57.83
CA TYR H 158 -21.33 -38.53 56.62
C TYR H 158 -20.40 -39.04 55.53
N TYR H 159 -20.94 -39.17 54.32
CA TYR H 159 -20.22 -39.59 53.11
C TYR H 159 -20.09 -38.45 52.09
N GLY H 160 -19.03 -38.50 51.29
CA GLY H 160 -18.87 -37.59 50.16
C GLY H 160 -17.74 -37.92 49.21
N PHE H 161 -17.51 -37.02 48.28
CA PHE H 161 -16.35 -37.02 47.40
C PHE H 161 -15.53 -35.75 47.64
N GLU H 162 -14.21 -35.89 47.75
CA GLU H 162 -13.32 -34.78 48.08
C GLU H 162 -12.43 -34.52 46.90
N ASN H 163 -12.03 -33.28 46.73
CA ASN H 163 -11.11 -32.94 45.65
C ASN H 163 -10.50 -31.59 45.95
N HIS H 164 -9.31 -31.58 46.55
CA HIS H 164 -8.72 -30.32 47.01
C HIS H 164 -7.21 -30.34 47.20
N GLN H 165 -6.58 -29.25 46.81
CA GLN H 165 -5.15 -29.05 47.00
C GLN H 165 -4.90 -28.72 48.46
N GLY H 166 -5.75 -27.86 49.02
CA GLY H 166 -5.50 -27.28 50.34
C GLY H 166 -5.41 -28.30 51.45
N ARG H 167 -4.50 -28.04 52.39
CA ARG H 167 -4.30 -28.90 53.56
C ARG H 167 -4.73 -28.16 54.83
N THR H 168 -5.97 -28.34 55.25
CA THR H 168 -6.46 -27.58 56.41
C THR H 168 -5.92 -28.18 57.73
N PHE H 169 -5.51 -27.30 58.65
CA PHE H 169 -5.02 -27.66 59.98
C PHE H 169 -5.85 -26.95 61.03
N LEU H 170 -6.66 -27.70 61.78
CA LEU H 170 -7.52 -27.12 62.82
C LEU H 170 -6.71 -26.61 64.01
N SER H 171 -7.33 -25.74 64.81
CA SER H 171 -6.72 -25.22 66.05
C SER H 171 -7.12 -26.07 67.25
N ASP H 172 -6.48 -25.82 68.38
CA ASP H 172 -6.71 -26.60 69.63
C ASP H 172 -8.17 -26.58 70.09
N ASP H 173 -8.83 -25.45 69.86
CA ASP H 173 -10.21 -25.24 70.27
C ASP H 173 -11.28 -25.73 69.28
N GLN H 174 -10.85 -26.40 68.20
CA GLN H 174 -11.77 -26.91 67.19
C GLN H 174 -11.78 -28.42 67.17
N LYS H 175 -12.96 -29.02 66.98
CA LYS H 175 -13.05 -30.43 66.61
C LYS H 175 -13.32 -30.52 65.12
N PRO H 176 -12.93 -31.63 64.47
CA PRO H 176 -13.30 -31.85 63.06
C PRO H 176 -14.77 -32.18 62.91
N LEU H 177 -15.27 -32.15 61.68
CA LEU H 177 -16.66 -32.51 61.42
C LEU H 177 -16.85 -34.00 61.73
N GLY H 178 -15.81 -34.78 61.48
CA GLY H 178 -15.77 -36.21 61.84
C GLY H 178 -14.36 -36.76 61.78
N GLN H 179 -14.16 -37.99 62.28
CA GLN H 179 -12.90 -38.69 62.05
C GLN H 179 -13.02 -39.42 60.73
N VAL H 180 -11.89 -39.53 60.04
CA VAL H 180 -11.85 -40.19 58.74
C VAL H 180 -12.01 -41.68 58.96
N VAL H 181 -12.77 -42.34 58.09
CA VAL H 181 -12.90 -43.80 58.08
C VAL H 181 -12.11 -44.33 56.87
N TYR H 182 -12.36 -43.77 55.70
CA TYR H 182 -11.43 -43.85 54.57
C TYR H 182 -11.40 -42.50 53.88
N GLY H 183 -10.34 -42.25 53.10
CA GLY H 183 -10.14 -40.97 52.38
C GLY H 183 -9.07 -40.15 53.08
N ASN H 184 -8.79 -38.95 52.59
CA ASN H 184 -7.77 -38.06 53.20
C ASN H 184 -8.35 -37.09 54.23
N GLY H 185 -9.41 -36.43 53.82
CA GLY H 185 -9.98 -35.35 54.60
C GLY H 185 -9.14 -34.09 54.64
N ASN H 186 -8.97 -33.50 55.83
CA ASN H 186 -8.42 -32.14 55.96
C ASN H 186 -7.01 -32.01 55.47
N ASN H 187 -6.17 -33.00 55.74
CA ASN H 187 -4.73 -32.88 55.42
C ASN H 187 -4.00 -34.21 55.25
N GLU H 188 -2.69 -34.12 55.04
CA GLU H 188 -1.87 -35.30 54.85
C GLU H 188 -1.99 -36.36 55.94
N GLU H 189 -2.31 -35.97 57.18
CA GLU H 189 -2.39 -36.93 58.30
C GLU H 189 -3.60 -37.89 58.31
N LYS H 190 -4.60 -37.66 57.47
CA LYS H 190 -5.73 -38.59 57.31
C LYS H 190 -6.44 -38.96 58.63
N VAL H 191 -6.51 -38.01 59.57
CA VAL H 191 -7.17 -38.22 60.87
C VAL H 191 -8.57 -37.64 60.85
N GLY H 192 -8.63 -36.31 60.69
CA GLY H 192 -9.87 -35.54 60.83
C GLY H 192 -10.28 -34.90 59.51
N GLU H 193 -11.59 -34.65 59.37
CA GLU H 193 -12.13 -33.93 58.22
C GLU H 193 -13.08 -32.84 58.62
N GLY H 194 -12.98 -31.72 57.92
CA GLY H 194 -13.85 -30.57 58.17
C GLY H 194 -13.63 -29.94 59.52
N VAL H 195 -14.69 -29.38 60.10
CA VAL H 195 -14.61 -28.74 61.40
C VAL H 195 -15.99 -28.60 61.99
N HIS H 196 -16.09 -28.60 63.30
CA HIS H 196 -17.35 -28.44 63.99
C HIS H 196 -17.11 -27.60 65.20
N TYR H 197 -17.18 -26.30 65.05
CA TYR H 197 -16.94 -25.39 66.14
C TYR H 197 -18.11 -25.31 67.08
N LYS H 198 -19.01 -24.40 66.80
CA LYS H 198 -20.18 -24.28 67.59
C LYS H 198 -21.26 -23.87 66.65
N ASN H 199 -21.94 -24.86 66.15
CA ASN H 199 -22.95 -24.64 65.13
C ASN H 199 -22.36 -24.13 63.84
N VAL H 200 -21.16 -24.59 63.53
CA VAL H 200 -20.47 -24.23 62.34
C VAL H 200 -20.08 -25.53 61.77
N PHE H 201 -20.39 -25.77 60.52
CA PHE H 201 -20.03 -27.02 59.95
C PHE H 201 -19.23 -26.84 58.69
N GLY H 202 -17.94 -27.12 58.80
CA GLY H 202 -17.03 -27.04 57.66
C GLY H 202 -16.78 -28.41 57.07
N SER H 203 -16.44 -28.43 55.79
CA SER H 203 -16.11 -29.68 55.13
C SER H 203 -15.59 -29.36 53.75
N TYR H 204 -14.86 -30.32 53.17
CA TYR H 204 -14.43 -30.29 51.77
C TYR H 204 -15.29 -31.21 50.86
N PHE H 205 -16.37 -31.72 51.42
CA PHE H 205 -17.22 -32.71 50.75
C PHE H 205 -18.01 -32.10 49.60
N HIS H 206 -17.82 -32.67 48.41
CA HIS H 206 -18.72 -32.41 47.29
C HIS H 206 -19.84 -33.45 47.33
N GLY H 207 -20.83 -33.29 46.45
CA GLY H 207 -21.96 -34.21 46.40
C GLY H 207 -23.21 -33.71 45.69
N PRO H 208 -23.83 -32.63 46.17
CA PRO H 208 -23.39 -31.82 47.31
C PRO H 208 -23.64 -32.50 48.66
N ILE H 209 -22.93 -32.05 49.70
CA ILE H 209 -22.91 -32.73 51.01
C ILE H 209 -24.30 -33.01 51.62
N LEU H 210 -25.26 -32.10 51.44
CA LEU H 210 -26.62 -32.26 52.00
C LEU H 210 -27.55 -33.17 51.20
N SER H 211 -27.28 -33.38 49.91
CA SER H 211 -28.03 -34.34 49.09
C SER H 211 -27.66 -35.75 49.51
N ARG H 212 -26.35 -35.97 49.59
CA ARG H 212 -25.76 -37.26 49.93
C ARG H 212 -26.02 -37.60 51.39
N ASN H 213 -26.11 -36.59 52.27
CA ASN H 213 -26.30 -36.80 53.70
C ASN H 213 -27.51 -36.02 54.26
N ALA H 214 -28.70 -36.55 54.03
CA ALA H 214 -29.93 -35.94 54.56
C ALA H 214 -29.90 -35.75 56.08
N ASN H 215 -29.22 -36.64 56.79
CA ASN H 215 -29.06 -36.50 58.24
C ASN H 215 -28.36 -35.21 58.68
N LEU H 216 -27.39 -34.73 57.91
CA LEU H 216 -26.75 -33.42 58.21
C LEU H 216 -27.68 -32.26 57.83
N ALA H 217 -28.44 -32.41 56.74
CA ALA H 217 -29.42 -31.40 56.36
C ALA H 217 -30.42 -31.17 57.47
N TYR H 218 -30.95 -32.27 57.99
CA TYR H 218 -31.87 -32.26 59.12
C TYR H 218 -31.27 -31.62 60.37
N ARG H 219 -30.02 -31.94 60.68
CA ARG H 219 -29.36 -31.40 61.86
C ARG H 219 -29.16 -29.88 61.81
N LEU H 220 -28.77 -29.38 60.64
CA LEU H 220 -28.51 -27.95 60.44
C LEU H 220 -29.79 -27.12 60.60
N VAL H 221 -30.83 -27.54 59.89
CA VAL H 221 -32.11 -26.84 59.88
C VAL H 221 -32.83 -26.90 61.23
N THR H 222 -32.74 -28.03 61.95
CA THR H 222 -33.39 -28.17 63.27
C THR H 222 -32.59 -27.43 64.33
N THR H 223 -31.27 -27.57 64.31
CA THR H 223 -30.40 -26.78 65.19
C THR H 223 -30.74 -25.29 65.05
N ALA H 224 -30.98 -24.82 63.83
CA ALA H 224 -31.35 -23.41 63.60
C ALA H 224 -32.72 -23.05 64.19
N LEU H 225 -33.73 -23.88 63.89
CA LEU H 225 -35.10 -23.71 64.40
C LEU H 225 -35.19 -23.76 65.92
N LYS H 226 -34.58 -24.77 66.53
CA LYS H 226 -34.56 -24.87 67.99
C LYS H 226 -33.84 -23.69 68.64
N LYS H 227 -32.83 -23.13 68.01
CA LYS H 227 -32.18 -21.96 68.57
C LYS H 227 -33.10 -20.75 68.57
N LYS H 228 -33.87 -20.59 67.50
CA LYS H 228 -34.74 -19.42 67.32
C LYS H 228 -36.02 -19.55 68.12
N TYR H 229 -36.64 -20.74 68.06
CA TYR H 229 -37.95 -20.99 68.66
C TYR H 229 -37.91 -21.81 69.95
N GLY H 230 -36.72 -22.00 70.53
CA GLY H 230 -36.57 -22.70 71.81
C GLY H 230 -36.47 -24.22 71.68
N GLN H 231 -35.57 -24.83 72.47
CA GLN H 231 -35.24 -26.27 72.40
C GLN H 231 -36.44 -27.22 72.61
N ASP H 232 -37.46 -26.70 73.26
CA ASP H 232 -38.65 -27.46 73.63
C ASP H 232 -39.53 -27.83 72.45
N ILE H 233 -39.50 -27.03 71.38
CA ILE H 233 -40.36 -27.26 70.19
C ILE H 233 -40.31 -28.69 69.68
N GLN H 234 -41.40 -29.09 69.05
CA GLN H 234 -41.53 -30.45 68.56
C GLN H 234 -41.63 -30.50 67.05
N LEU H 235 -40.59 -31.05 66.42
CA LEU H 235 -40.44 -31.05 64.98
C LEU H 235 -40.69 -32.46 64.46
N PRO H 236 -41.20 -32.61 63.22
CA PRO H 236 -41.41 -33.97 62.68
C PRO H 236 -40.13 -34.80 62.70
N ALA H 237 -40.27 -36.09 62.93
CA ALA H 237 -39.11 -36.96 63.12
C ALA H 237 -38.29 -37.06 61.82
N TYR H 238 -36.98 -37.22 61.98
CA TYR H 238 -36.07 -37.42 60.86
C TYR H 238 -36.59 -38.52 59.89
N GLU H 239 -36.96 -39.69 60.40
CA GLU H 239 -37.43 -40.79 59.56
C GLU H 239 -38.81 -40.54 58.92
N ASP H 240 -39.64 -39.72 59.56
CA ASP H 240 -41.00 -39.42 59.06
C ASP H 240 -41.00 -38.53 57.83
N ILE H 241 -40.24 -37.44 57.85
CA ILE H 241 -40.28 -36.44 56.75
C ILE H 241 -39.32 -36.71 55.58
N LEU H 242 -38.15 -37.29 55.88
CA LEU H 242 -37.11 -37.53 54.87
C LEU H 242 -36.94 -39.03 54.60
N SER H 243 -38.04 -39.78 54.65
CA SER H 243 -37.98 -41.25 54.49
C SER H 243 -37.44 -41.65 53.12
N GLN H 244 -37.81 -40.88 52.10
CA GLN H 244 -37.44 -41.15 50.73
C GLN H 244 -35.94 -40.92 50.45
N GLU H 245 -35.26 -40.14 51.30
CA GLU H 245 -33.88 -39.73 51.07
C GLU H 245 -32.89 -40.49 51.98
N ILE H 246 -33.28 -41.67 52.48
CA ILE H 246 -32.47 -42.44 53.45
C ILE H 246 -32.07 -43.84 52.95
N ALA H 247 -30.77 -44.06 52.76
CA ALA H 247 -30.21 -45.41 52.48
C ALA H 247 -30.27 -46.27 53.76
#